data_5UVR
# 
_entry.id   5UVR 
# 
_audit_conform.dict_name       mmcif_pdbx.dic 
_audit_conform.dict_version    5.379 
_audit_conform.dict_location   http://mmcif.pdb.org/dictionaries/ascii/mmcif_pdbx.dic 
# 
loop_
_database_2.database_id 
_database_2.database_code 
_database_2.pdbx_database_accession 
_database_2.pdbx_DOI 
PDB   5UVR         pdb_00005uvr 10.2210/pdb5uvr/pdb 
WWPDB D_1000226456 ?            ?                   
# 
_pdbx_database_status.status_code                     REL 
_pdbx_database_status.status_code_sf                  REL 
_pdbx_database_status.status_code_mr                  ? 
_pdbx_database_status.entry_id                        5UVR 
_pdbx_database_status.recvd_initial_deposition_date   2017-02-20 
_pdbx_database_status.SG_entry                        N 
_pdbx_database_status.deposit_site                    RCSB 
_pdbx_database_status.process_site                    RCSB 
_pdbx_database_status.status_code_cs                  ? 
_pdbx_database_status.methods_development_category    ? 
_pdbx_database_status.pdb_format_compatible           Y 
_pdbx_database_status.status_code_nmr_data            ? 
# 
loop_
_audit_author.name 
_audit_author.pdbx_ordinal 
_audit_author.identifier_ORCID 
'Howell, P.L.' 1 ? 
'Junop, M.S.'  2 ? 
# 
_citation.abstract                  ? 
_citation.abstract_id_CAS           ? 
_citation.book_id_ISBN              ? 
_citation.book_publisher            ? 
_citation.book_publisher_city       ? 
_citation.book_title                ? 
_citation.coordinate_linkage        ? 
_citation.country                   UK 
_citation.database_id_Medline       ? 
_citation.details                   ? 
_citation.id                        primary 
_citation.journal_abbrev            'Sci Rep' 
_citation.journal_id_ASTM           ? 
_citation.journal_id_CSD            ? 
_citation.journal_id_ISSN           2045-2322 
_citation.journal_full              ? 
_citation.journal_issue             ? 
_citation.journal_volume            8 
_citation.language                  ? 
_citation.page_first                2600 
_citation.page_last                 2600 
_citation.title                     
'Conserved, unstructured regions in Pseudomonas aeruginosa PilO are important for type IVa pilus function.' 
_citation.year                      2018 
_citation.database_id_CSD           ? 
_citation.pdbx_database_id_DOI      10.1038/s41598-018-20925-w 
_citation.pdbx_database_id_PubMed   29422606 
_citation.unpublished_flag          ? 
# 
loop_
_citation_author.citation_id 
_citation_author.name 
_citation_author.ordinal 
_citation_author.identifier_ORCID 
primary 'Leighton, T.L.' 1 ? 
primary 'Mok, M.C.'      2 ? 
primary 'Junop, M.S.'    3 ? 
primary 'Howell, P.L.'   4 ? 
primary 'Burrows, L.L.'  5 ? 
# 
_cell.angle_alpha                  90.00 
_cell.angle_alpha_esd              ? 
_cell.angle_beta                   90.00 
_cell.angle_beta_esd               ? 
_cell.angle_gamma                  120.00 
_cell.angle_gamma_esd              ? 
_cell.entry_id                     5UVR 
_cell.details                      ? 
_cell.formula_units_Z              ? 
_cell.length_a                     40.810 
_cell.length_a_esd                 ? 
_cell.length_b                     40.810 
_cell.length_b_esd                 ? 
_cell.length_c                     250.470 
_cell.length_c_esd                 ? 
_cell.volume                       ? 
_cell.volume_esd                   ? 
_cell.Z_PDB                        12 
_cell.reciprocal_angle_alpha       ? 
_cell.reciprocal_angle_beta        ? 
_cell.reciprocal_angle_gamma       ? 
_cell.reciprocal_angle_alpha_esd   ? 
_cell.reciprocal_angle_beta_esd    ? 
_cell.reciprocal_angle_gamma_esd   ? 
_cell.reciprocal_length_a          ? 
_cell.reciprocal_length_b          ? 
_cell.reciprocal_length_c          ? 
_cell.reciprocal_length_a_esd      ? 
_cell.reciprocal_length_b_esd      ? 
_cell.reciprocal_length_c_esd      ? 
_cell.pdbx_unique_axis             ? 
# 
_symmetry.entry_id                         5UVR 
_symmetry.cell_setting                     ? 
_symmetry.Int_Tables_number                178 
_symmetry.space_group_name_Hall            ? 
_symmetry.space_group_name_H-M             'P 61 2 2' 
_symmetry.pdbx_full_space_group_name_H-M   ? 
# 
loop_
_entity.id 
_entity.type 
_entity.src_method 
_entity.pdbx_description 
_entity.formula_weight 
_entity.pdbx_number_of_molecules 
_entity.pdbx_ec 
_entity.pdbx_mutation 
_entity.pdbx_fragment 
_entity.details 
1 polymer man 'PilO protein' 10813.502 1  ? ? 'core region (UNP residues 109-206)' ? 
2 water   nat water          18.015    97 ? ? ?                                    ? 
# 
_entity_name_com.entity_id   1 
_entity_name_com.name        'Pilus assembly protein,PilO' 
# 
_entity_poly.entity_id                      1 
_entity_poly.type                           'polypeptide(L)' 
_entity_poly.nstd_linkage                   no 
_entity_poly.nstd_monomer                   yes 
_entity_poly.pdbx_seq_one_letter_code       
;VPGLLEDITRTGLGSGLEFEEIKLLPEVAQQFYIELPIQISVVGGYHDLATFVSGVSSLPRIVTLHDFEIKPVAPGSTSK
LRMSILA(MLY)TYRYNDKGLK
;
_entity_poly.pdbx_seq_one_letter_code_can   
;VPGLLEDITRTGLGSGLEFEEIKLLPEVAQQFYIELPIQISVVGGYHDLATFVSGVSSLPRIVTLHDFEIKPVAPGSTSK
LRMSILAKTYRYNDKGLK
;
_entity_poly.pdbx_strand_id                 A 
_entity_poly.pdbx_target_identifier         ? 
# 
loop_
_entity_poly_seq.entity_id 
_entity_poly_seq.num 
_entity_poly_seq.mon_id 
_entity_poly_seq.hetero 
1 1  VAL n 
1 2  PRO n 
1 3  GLY n 
1 4  LEU n 
1 5  LEU n 
1 6  GLU n 
1 7  ASP n 
1 8  ILE n 
1 9  THR n 
1 10 ARG n 
1 11 THR n 
1 12 GLY n 
1 13 LEU n 
1 14 GLY n 
1 15 SER n 
1 16 GLY n 
1 17 LEU n 
1 18 GLU n 
1 19 PHE n 
1 20 GLU n 
1 21 GLU n 
1 22 ILE n 
1 23 LYS n 
1 24 LEU n 
1 25 LEU n 
1 26 PRO n 
1 27 GLU n 
1 28 VAL n 
1 29 ALA n 
1 30 GLN n 
1 31 GLN n 
1 32 PHE n 
1 33 TYR n 
1 34 ILE n 
1 35 GLU n 
1 36 LEU n 
1 37 PRO n 
1 38 ILE n 
1 39 GLN n 
1 40 ILE n 
1 41 SER n 
1 42 VAL n 
1 43 VAL n 
1 44 GLY n 
1 45 GLY n 
1 46 TYR n 
1 47 HIS n 
1 48 ASP n 
1 49 LEU n 
1 50 ALA n 
1 51 THR n 
1 52 PHE n 
1 53 VAL n 
1 54 SER n 
1 55 GLY n 
1 56 VAL n 
1 57 SER n 
1 58 SER n 
1 59 LEU n 
1 60 PRO n 
1 61 ARG n 
1 62 ILE n 
1 63 VAL n 
1 64 THR n 
1 65 LEU n 
1 66 HIS n 
1 67 ASP n 
1 68 PHE n 
1 69 GLU n 
1 70 ILE n 
1 71 LYS n 
1 72 PRO n 
1 73 VAL n 
1 74 ALA n 
1 75 PRO n 
1 76 GLY n 
1 77 SER n 
1 78 THR n 
1 79 SER n 
1 80 LYS n 
1 81 LEU n 
1 82 ARG n 
1 83 MET n 
1 84 SER n 
1 85 ILE n 
1 86 LEU n 
1 87 ALA n 
1 88 MLY n 
1 89 THR n 
1 90 TYR n 
1 91 ARG n 
1 92 TYR n 
1 93 ASN n 
1 94 ASP n 
1 95 LYS n 
1 96 GLY n 
1 97 LEU n 
1 98 LYS n 
# 
_entity_src_gen.entity_id                          1 
_entity_src_gen.pdbx_src_id                        1 
_entity_src_gen.pdbx_alt_source_flag               sample 
_entity_src_gen.pdbx_seq_type                      'Biological sequence' 
_entity_src_gen.pdbx_beg_seq_num                   1 
_entity_src_gen.pdbx_end_seq_num                   98 
_entity_src_gen.gene_src_common_name               ? 
_entity_src_gen.gene_src_genus                     ? 
_entity_src_gen.pdbx_gene_src_gene                 'pilO, PAERUG_E15_London_28_01_14_03389, PAERUG_P32_London_17_VIM_2_10_11_01500' 
_entity_src_gen.gene_src_species                   ? 
_entity_src_gen.gene_src_strain                    ? 
_entity_src_gen.gene_src_tissue                    ? 
_entity_src_gen.gene_src_tissue_fraction           ? 
_entity_src_gen.gene_src_details                   ? 
_entity_src_gen.pdbx_gene_src_fragment             ? 
_entity_src_gen.pdbx_gene_src_scientific_name      'Pseudomonas aeruginosa' 
_entity_src_gen.pdbx_gene_src_ncbi_taxonomy_id     287 
_entity_src_gen.pdbx_gene_src_variant              ? 
_entity_src_gen.pdbx_gene_src_cell_line            ? 
_entity_src_gen.pdbx_gene_src_atcc                 ? 
_entity_src_gen.pdbx_gene_src_organ                ? 
_entity_src_gen.pdbx_gene_src_organelle            ? 
_entity_src_gen.pdbx_gene_src_cell                 ? 
_entity_src_gen.pdbx_gene_src_cellular_location    ? 
_entity_src_gen.host_org_common_name               ? 
_entity_src_gen.pdbx_host_org_scientific_name      'Escherichia coli BL21' 
_entity_src_gen.pdbx_host_org_ncbi_taxonomy_id     511693 
_entity_src_gen.host_org_genus                     ? 
_entity_src_gen.pdbx_host_org_gene                 ? 
_entity_src_gen.pdbx_host_org_organ                ? 
_entity_src_gen.host_org_species                   ? 
_entity_src_gen.pdbx_host_org_tissue               ? 
_entity_src_gen.pdbx_host_org_tissue_fraction      ? 
_entity_src_gen.pdbx_host_org_strain               ? 
_entity_src_gen.pdbx_host_org_variant              ? 
_entity_src_gen.pdbx_host_org_cell_line            ? 
_entity_src_gen.pdbx_host_org_atcc                 ? 
_entity_src_gen.pdbx_host_org_culture_collection   ? 
_entity_src_gen.pdbx_host_org_cell                 ? 
_entity_src_gen.pdbx_host_org_organelle            ? 
_entity_src_gen.pdbx_host_org_cellular_location    ? 
_entity_src_gen.pdbx_host_org_vector_type          ? 
_entity_src_gen.pdbx_host_org_vector               ? 
_entity_src_gen.host_org_details                   ? 
_entity_src_gen.expression_system_id               ? 
_entity_src_gen.plasmid_name                       ? 
_entity_src_gen.plasmid_details                    ? 
_entity_src_gen.pdbx_description                   ? 
# 
_struct_ref.id                         1 
_struct_ref.db_name                    UNP 
_struct_ref.db_code                    Q51353_PSEAI 
_struct_ref.pdbx_db_accession          Q51353 
_struct_ref.pdbx_db_isoform            ? 
_struct_ref.entity_id                  1 
_struct_ref.pdbx_seq_one_letter_code   
;VPGLLEDITRTGLGSGLEFEEIKLLPEVAQQFYIELPIQISVVGGYHDLATFVSGVSSLPRIVTLHDFEIKPVAPGSTSK
LRMSILAKTYRYNDKGLK
;
_struct_ref.pdbx_align_begin           109 
# 
_struct_ref_seq.align_id                      1 
_struct_ref_seq.ref_id                        1 
_struct_ref_seq.pdbx_PDB_id_code              5UVR 
_struct_ref_seq.pdbx_strand_id                A 
_struct_ref_seq.seq_align_beg                 1 
_struct_ref_seq.pdbx_seq_align_beg_ins_code   ? 
_struct_ref_seq.seq_align_end                 98 
_struct_ref_seq.pdbx_seq_align_end_ins_code   ? 
_struct_ref_seq.pdbx_db_accession             Q51353 
_struct_ref_seq.db_align_beg                  109 
_struct_ref_seq.pdbx_db_align_beg_ins_code    ? 
_struct_ref_seq.db_align_end                  206 
_struct_ref_seq.pdbx_db_align_end_ins_code    ? 
_struct_ref_seq.pdbx_auth_seq_align_beg       109 
_struct_ref_seq.pdbx_auth_seq_align_end       206 
# 
loop_
_chem_comp.id 
_chem_comp.type 
_chem_comp.mon_nstd_flag 
_chem_comp.name 
_chem_comp.pdbx_synonyms 
_chem_comp.formula 
_chem_comp.formula_weight 
ALA 'L-peptide linking' y ALANINE           ? 'C3 H7 N O2'     89.093  
ARG 'L-peptide linking' y ARGININE          ? 'C6 H15 N4 O2 1' 175.209 
ASN 'L-peptide linking' y ASPARAGINE        ? 'C4 H8 N2 O3'    132.118 
ASP 'L-peptide linking' y 'ASPARTIC ACID'   ? 'C4 H7 N O4'     133.103 
GLN 'L-peptide linking' y GLUTAMINE         ? 'C5 H10 N2 O3'   146.144 
GLU 'L-peptide linking' y 'GLUTAMIC ACID'   ? 'C5 H9 N O4'     147.129 
GLY 'peptide linking'   y GLYCINE           ? 'C2 H5 N O2'     75.067  
HIS 'L-peptide linking' y HISTIDINE         ? 'C6 H10 N3 O2 1' 156.162 
HOH non-polymer         . WATER             ? 'H2 O'           18.015  
ILE 'L-peptide linking' y ISOLEUCINE        ? 'C6 H13 N O2'    131.173 
LEU 'L-peptide linking' y LEUCINE           ? 'C6 H13 N O2'    131.173 
LYS 'L-peptide linking' y LYSINE            ? 'C6 H15 N2 O2 1' 147.195 
MET 'L-peptide linking' y METHIONINE        ? 'C5 H11 N O2 S'  149.211 
MLY 'L-peptide linking' n N-DIMETHYL-LYSINE ? 'C8 H18 N2 O2'   174.241 
PHE 'L-peptide linking' y PHENYLALANINE     ? 'C9 H11 N O2'    165.189 
PRO 'L-peptide linking' y PROLINE           ? 'C5 H9 N O2'     115.130 
SER 'L-peptide linking' y SERINE            ? 'C3 H7 N O3'     105.093 
THR 'L-peptide linking' y THREONINE         ? 'C4 H9 N O3'     119.119 
TYR 'L-peptide linking' y TYROSINE          ? 'C9 H11 N O3'    181.189 
VAL 'L-peptide linking' y VALINE            ? 'C5 H11 N O2'    117.146 
# 
_exptl.absorpt_coefficient_mu     ? 
_exptl.absorpt_correction_T_max   ? 
_exptl.absorpt_correction_T_min   ? 
_exptl.absorpt_correction_type    ? 
_exptl.absorpt_process_details    ? 
_exptl.entry_id                   5UVR 
_exptl.crystals_number            1 
_exptl.details                    ? 
_exptl.method                     'X-RAY DIFFRACTION' 
_exptl.method_details             ? 
# 
_exptl_crystal.colour                      ? 
_exptl_crystal.density_diffrn              ? 
_exptl_crystal.density_Matthews            2.78 
_exptl_crystal.density_method              ? 
_exptl_crystal.density_percent_sol         55.82 
_exptl_crystal.description                 ? 
_exptl_crystal.F_000                       ? 
_exptl_crystal.id                          1 
_exptl_crystal.preparation                 ? 
_exptl_crystal.size_max                    ? 
_exptl_crystal.size_mid                    ? 
_exptl_crystal.size_min                    ? 
_exptl_crystal.size_rad                    ? 
_exptl_crystal.colour_lustre               ? 
_exptl_crystal.colour_modifier             ? 
_exptl_crystal.colour_primary              ? 
_exptl_crystal.density_meas                ? 
_exptl_crystal.density_meas_esd            ? 
_exptl_crystal.density_meas_gt             ? 
_exptl_crystal.density_meas_lt             ? 
_exptl_crystal.density_meas_temp           ? 
_exptl_crystal.density_meas_temp_esd       ? 
_exptl_crystal.density_meas_temp_gt        ? 
_exptl_crystal.density_meas_temp_lt        ? 
_exptl_crystal.pdbx_crystal_image_url      ? 
_exptl_crystal.pdbx_crystal_image_format   ? 
_exptl_crystal.pdbx_mosaicity              ? 
_exptl_crystal.pdbx_mosaicity_esd          ? 
# 
_exptl_crystal_grow.apparatus       ? 
_exptl_crystal_grow.atmosphere      ? 
_exptl_crystal_grow.crystal_id      1 
_exptl_crystal_grow.details         ? 
_exptl_crystal_grow.method          'VAPOR DIFFUSION, HANGING DROP' 
_exptl_crystal_grow.method_ref      ? 
_exptl_crystal_grow.pH              ? 
_exptl_crystal_grow.pressure        ? 
_exptl_crystal_grow.pressure_esd    ? 
_exptl_crystal_grow.seeding         ? 
_exptl_crystal_grow.seeding_ref     ? 
_exptl_crystal_grow.temp            277 
_exptl_crystal_grow.temp_details    ? 
_exptl_crystal_grow.temp_esd        ? 
_exptl_crystal_grow.time            ? 
_exptl_crystal_grow.pdbx_details    '0.2 M NaCl, 0.1 M CAPS pH 10.5, 20% (v/v) PEG 8000), 3% (v/v) DMSO' 
_exptl_crystal_grow.pdbx_pH_range   ? 
# 
_diffrn.ambient_environment    ? 
_diffrn.ambient_temp           100 
_diffrn.ambient_temp_details   ? 
_diffrn.ambient_temp_esd       ? 
_diffrn.crystal_id             1 
_diffrn.crystal_support        ? 
_diffrn.crystal_treatment      ? 
_diffrn.details                ? 
_diffrn.id                     1 
_diffrn.ambient_pressure       ? 
_diffrn.ambient_pressure_esd   ? 
_diffrn.ambient_pressure_gt    ? 
_diffrn.ambient_pressure_lt    ? 
_diffrn.ambient_temp_gt        ? 
_diffrn.ambient_temp_lt        ? 
# 
_diffrn_detector.details                      ? 
_diffrn_detector.detector                     CCD 
_diffrn_detector.diffrn_id                    1 
_diffrn_detector.type                         'MARMOSAIC 300 mm CCD' 
_diffrn_detector.area_resol_mean              ? 
_diffrn_detector.dtime                        ? 
_diffrn_detector.pdbx_frames_total            ? 
_diffrn_detector.pdbx_collection_time_total   ? 
_diffrn_detector.pdbx_collection_date         2014-10-25 
# 
_diffrn_radiation.collimation                      ? 
_diffrn_radiation.diffrn_id                        1 
_diffrn_radiation.filter_edge                      ? 
_diffrn_radiation.inhomogeneity                    ? 
_diffrn_radiation.monochromator                    ? 
_diffrn_radiation.polarisn_norm                    ? 
_diffrn_radiation.polarisn_ratio                   ? 
_diffrn_radiation.probe                            ? 
_diffrn_radiation.type                             ? 
_diffrn_radiation.xray_symbol                      ? 
_diffrn_radiation.wavelength_id                    1 
_diffrn_radiation.pdbx_monochromatic_or_laue_m_l   M 
_diffrn_radiation.pdbx_wavelength_list             ? 
_diffrn_radiation.pdbx_wavelength                  ? 
_diffrn_radiation.pdbx_diffrn_protocol             'SINGLE WAVELENGTH' 
_diffrn_radiation.pdbx_analyzer                    ? 
_diffrn_radiation.pdbx_scattering_type             x-ray 
# 
_diffrn_radiation_wavelength.id           1 
_diffrn_radiation_wavelength.wavelength   .979 
_diffrn_radiation_wavelength.wt           1.0 
# 
_diffrn_source.current                     ? 
_diffrn_source.details                     ? 
_diffrn_source.diffrn_id                   1 
_diffrn_source.power                       ? 
_diffrn_source.size                        ? 
_diffrn_source.source                      SYNCHROTRON 
_diffrn_source.target                      ? 
_diffrn_source.type                        'CLSI BEAMLINE 08ID-1' 
_diffrn_source.voltage                     ? 
_diffrn_source.take-off_angle              ? 
_diffrn_source.pdbx_wavelength_list        .979 
_diffrn_source.pdbx_wavelength             ? 
_diffrn_source.pdbx_synchrotron_beamline   08ID-1 
_diffrn_source.pdbx_synchrotron_site       CLSI 
# 
_reflns.B_iso_Wilson_estimate            ? 
_reflns.entry_id                         5UVR 
_reflns.data_reduction_details           ? 
_reflns.data_reduction_method            ? 
_reflns.d_resolution_high                1.7 
_reflns.d_resolution_low                 35.342 
_reflns.details                          ? 
_reflns.limit_h_max                      ? 
_reflns.limit_h_min                      ? 
_reflns.limit_k_max                      ? 
_reflns.limit_k_min                      ? 
_reflns.limit_l_max                      ? 
_reflns.limit_l_min                      ? 
_reflns.number_all                       ? 
_reflns.number_obs                       14759 
_reflns.observed_criterion               ? 
_reflns.observed_criterion_F_max         ? 
_reflns.observed_criterion_F_min         ? 
_reflns.observed_criterion_I_max         ? 
_reflns.observed_criterion_I_min         ? 
_reflns.observed_criterion_sigma_F       ? 
_reflns.observed_criterion_sigma_I       ? 
_reflns.percent_possible_obs             99.9 
_reflns.R_free_details                   ? 
_reflns.Rmerge_F_all                     ? 
_reflns.Rmerge_F_obs                     ? 
_reflns.Friedel_coverage                 ? 
_reflns.number_gt                        ? 
_reflns.threshold_expression             ? 
_reflns.pdbx_redundancy                  6.7 
_reflns.pdbx_Rmerge_I_obs                ? 
_reflns.pdbx_Rmerge_I_all                ? 
_reflns.pdbx_Rsym_value                  ? 
_reflns.pdbx_netI_over_av_sigmaI         ? 
_reflns.pdbx_netI_over_sigmaI            10.9 
_reflns.pdbx_res_netI_over_av_sigmaI_2   ? 
_reflns.pdbx_res_netI_over_sigmaI_2      ? 
_reflns.pdbx_chi_squared                 ? 
_reflns.pdbx_scaling_rejects             ? 
_reflns.pdbx_d_res_high_opt              ? 
_reflns.pdbx_d_res_low_opt               ? 
_reflns.pdbx_d_res_opt_method            ? 
_reflns.phase_calculation_details        ? 
_reflns.pdbx_Rrim_I_all                  ? 
_reflns.pdbx_Rpim_I_all                  ? 
_reflns.pdbx_d_opt                       ? 
_reflns.pdbx_number_measured_all         ? 
_reflns.pdbx_diffrn_id                   1 
_reflns.pdbx_ordinal                     1 
_reflns.pdbx_CC_half                     ? 
_reflns.pdbx_R_split                     ? 
# 
_reflns_shell.d_res_high                  . 
_reflns_shell.d_res_low                   ? 
_reflns_shell.meanI_over_sigI_all         ? 
_reflns_shell.meanI_over_sigI_obs         ? 
_reflns_shell.number_measured_all         ? 
_reflns_shell.number_measured_obs         ? 
_reflns_shell.number_possible             ? 
_reflns_shell.number_unique_all           ? 
_reflns_shell.number_unique_obs           ? 
_reflns_shell.percent_possible_all        ? 
_reflns_shell.percent_possible_obs        ? 
_reflns_shell.Rmerge_F_all                ? 
_reflns_shell.Rmerge_F_obs                ? 
_reflns_shell.Rmerge_I_all                ? 
_reflns_shell.Rmerge_I_obs                ? 
_reflns_shell.meanI_over_sigI_gt          ? 
_reflns_shell.meanI_over_uI_all           ? 
_reflns_shell.meanI_over_uI_gt            ? 
_reflns_shell.number_measured_gt          ? 
_reflns_shell.number_unique_gt            ? 
_reflns_shell.percent_possible_gt         ? 
_reflns_shell.Rmerge_F_gt                 ? 
_reflns_shell.Rmerge_I_gt                 ? 
_reflns_shell.pdbx_redundancy             ? 
_reflns_shell.pdbx_Rsym_value             ? 
_reflns_shell.pdbx_chi_squared            ? 
_reflns_shell.pdbx_netI_over_sigmaI_all   ? 
_reflns_shell.pdbx_netI_over_sigmaI_obs   ? 
_reflns_shell.pdbx_Rrim_I_all             ? 
_reflns_shell.pdbx_Rpim_I_all             ? 
_reflns_shell.pdbx_rejects                ? 
_reflns_shell.pdbx_ordinal                1 
_reflns_shell.pdbx_diffrn_id              1 
_reflns_shell.pdbx_CC_half                ? 
_reflns_shell.pdbx_R_split                ? 
# 
_refine.aniso_B[1][1]                            ? 
_refine.aniso_B[1][2]                            ? 
_refine.aniso_B[1][3]                            ? 
_refine.aniso_B[2][2]                            ? 
_refine.aniso_B[2][3]                            ? 
_refine.aniso_B[3][3]                            ? 
_refine.B_iso_max                                ? 
_refine.B_iso_mean                               ? 
_refine.B_iso_min                                ? 
_refine.correlation_coeff_Fo_to_Fc               ? 
_refine.correlation_coeff_Fo_to_Fc_free          ? 
_refine.details                                  ? 
_refine.diff_density_max                         ? 
_refine.diff_density_max_esd                     ? 
_refine.diff_density_min                         ? 
_refine.diff_density_min_esd                     ? 
_refine.diff_density_rms                         ? 
_refine.diff_density_rms_esd                     ? 
_refine.entry_id                                 5UVR 
_refine.pdbx_refine_id                           'X-RAY DIFFRACTION' 
_refine.ls_abs_structure_details                 ? 
_refine.ls_abs_structure_Flack                   ? 
_refine.ls_abs_structure_Flack_esd               ? 
_refine.ls_abs_structure_Rogers                  ? 
_refine.ls_abs_structure_Rogers_esd              ? 
_refine.ls_d_res_high                            1.700 
_refine.ls_d_res_low                             35.342 
_refine.ls_extinction_coef                       ? 
_refine.ls_extinction_coef_esd                   ? 
_refine.ls_extinction_expression                 ? 
_refine.ls_extinction_method                     ? 
_refine.ls_goodness_of_fit_all                   ? 
_refine.ls_goodness_of_fit_all_esd               ? 
_refine.ls_goodness_of_fit_obs                   ? 
_refine.ls_goodness_of_fit_obs_esd               ? 
_refine.ls_hydrogen_treatment                    ? 
_refine.ls_matrix_type                           ? 
_refine.ls_number_constraints                    ? 
_refine.ls_number_parameters                     ? 
_refine.ls_number_reflns_all                     ? 
_refine.ls_number_reflns_obs                     14688 
_refine.ls_number_reflns_R_free                  1468 
_refine.ls_number_reflns_R_work                  ? 
_refine.ls_number_restraints                     ? 
_refine.ls_percent_reflns_obs                    99.78 
_refine.ls_percent_reflns_R_free                 9.99 
_refine.ls_R_factor_all                          ? 
_refine.ls_R_factor_obs                          0.2347 
_refine.ls_R_factor_R_free                       0.2674 
_refine.ls_R_factor_R_free_error                 ? 
_refine.ls_R_factor_R_free_error_details         ? 
_refine.ls_R_factor_R_work                       0.2311 
_refine.ls_R_Fsqd_factor_obs                     ? 
_refine.ls_R_I_factor_obs                        ? 
_refine.ls_redundancy_reflns_all                 ? 
_refine.ls_redundancy_reflns_obs                 ? 
_refine.ls_restrained_S_all                      ? 
_refine.ls_restrained_S_obs                      ? 
_refine.ls_shift_over_esd_max                    ? 
_refine.ls_shift_over_esd_mean                   ? 
_refine.ls_structure_factor_coef                 ? 
_refine.ls_weighting_details                     ? 
_refine.ls_weighting_scheme                      ? 
_refine.ls_wR_factor_all                         ? 
_refine.ls_wR_factor_obs                         ? 
_refine.ls_wR_factor_R_free                      ? 
_refine.ls_wR_factor_R_work                      ? 
_refine.occupancy_max                            ? 
_refine.occupancy_min                            ? 
_refine.solvent_model_details                    ? 
_refine.solvent_model_param_bsol                 ? 
_refine.solvent_model_param_ksol                 ? 
_refine.ls_R_factor_gt                           ? 
_refine.ls_goodness_of_fit_gt                    ? 
_refine.ls_goodness_of_fit_ref                   ? 
_refine.ls_shift_over_su_max                     ? 
_refine.ls_shift_over_su_max_lt                  ? 
_refine.ls_shift_over_su_mean                    ? 
_refine.ls_shift_over_su_mean_lt                 ? 
_refine.pdbx_ls_sigma_I                          ? 
_refine.pdbx_ls_sigma_F                          1.35 
_refine.pdbx_ls_sigma_Fsqd                       ? 
_refine.pdbx_data_cutoff_high_absF               ? 
_refine.pdbx_data_cutoff_high_rms_absF           ? 
_refine.pdbx_data_cutoff_low_absF                ? 
_refine.pdbx_isotropic_thermal_model             ? 
_refine.pdbx_ls_cross_valid_method               'FREE R-VALUE' 
_refine.pdbx_method_to_determine_struct          'MOLECULAR REPLACEMENT' 
_refine.pdbx_starting_model                      2RJZ 
_refine.pdbx_stereochemistry_target_values       ? 
_refine.pdbx_R_Free_selection_details            ? 
_refine.pdbx_stereochem_target_val_spec_case     ? 
_refine.pdbx_overall_ESU_R                       ? 
_refine.pdbx_overall_ESU_R_Free                  ? 
_refine.pdbx_solvent_vdw_probe_radii             1.11 
_refine.pdbx_solvent_ion_probe_radii             ? 
_refine.pdbx_solvent_shrinkage_radii             0.90 
_refine.pdbx_real_space_R                        ? 
_refine.pdbx_density_correlation                 ? 
_refine.pdbx_pd_number_of_powder_patterns        ? 
_refine.pdbx_pd_number_of_points                 ? 
_refine.pdbx_pd_meas_number_of_points            ? 
_refine.pdbx_pd_proc_ls_prof_R_factor            ? 
_refine.pdbx_pd_proc_ls_prof_wR_factor           ? 
_refine.pdbx_pd_Marquardt_correlation_coeff      ? 
_refine.pdbx_pd_Fsqrd_R_factor                   ? 
_refine.pdbx_pd_ls_matrix_band_width             ? 
_refine.pdbx_overall_phase_error                 26.64 
_refine.pdbx_overall_SU_R_free_Cruickshank_DPI   ? 
_refine.pdbx_overall_SU_R_free_Blow_DPI          ? 
_refine.pdbx_overall_SU_R_Blow_DPI               ? 
_refine.pdbx_TLS_residual_ADP_flag               ? 
_refine.pdbx_diffrn_id                           1 
_refine.overall_SU_B                             ? 
_refine.overall_SU_ML                            0.15 
_refine.overall_SU_R_Cruickshank_DPI             ? 
_refine.overall_SU_R_free                        ? 
_refine.overall_FOM_free_R_set                   ? 
_refine.overall_FOM_work_R_set                   ? 
_refine.pdbx_average_fsc_overall                 ? 
_refine.pdbx_average_fsc_work                    ? 
_refine.pdbx_average_fsc_free                    ? 
# 
_refine_hist.pdbx_refine_id                   'X-RAY DIFFRACTION' 
_refine_hist.cycle_id                         LAST 
_refine_hist.pdbx_number_atoms_protein        752 
_refine_hist.pdbx_number_atoms_nucleic_acid   0 
_refine_hist.pdbx_number_atoms_ligand         0 
_refine_hist.number_atoms_solvent             97 
_refine_hist.number_atoms_total               849 
_refine_hist.d_res_high                       1.700 
_refine_hist.d_res_low                        35.342 
# 
loop_
_refine_ls_restr.pdbx_refine_id 
_refine_ls_restr.criterion 
_refine_ls_restr.dev_ideal 
_refine_ls_restr.dev_ideal_target 
_refine_ls_restr.number 
_refine_ls_restr.rejects 
_refine_ls_restr.type 
_refine_ls_restr.weight 
_refine_ls_restr.pdbx_restraint_function 
'X-RAY DIFFRACTION' ? 0.006 ? 767  ? f_bond_d           ? ? 
'X-RAY DIFFRACTION' ? 0.826 ? 1042 ? f_angle_d          ? ? 
'X-RAY DIFFRACTION' ? 8.826 ? 458  ? f_dihedral_angle_d ? ? 
'X-RAY DIFFRACTION' ? 0.055 ? 123  ? f_chiral_restr     ? ? 
'X-RAY DIFFRACTION' ? 0.006 ? 132  ? f_plane_restr      ? ? 
# 
loop_
_refine_ls_shell.pdbx_refine_id 
_refine_ls_shell.d_res_high 
_refine_ls_shell.d_res_low 
_refine_ls_shell.number_reflns_all 
_refine_ls_shell.number_reflns_obs 
_refine_ls_shell.number_reflns_R_free 
_refine_ls_shell.number_reflns_R_work 
_refine_ls_shell.percent_reflns_obs 
_refine_ls_shell.percent_reflns_R_free 
_refine_ls_shell.R_factor_all 
_refine_ls_shell.R_factor_obs 
_refine_ls_shell.R_factor_R_free 
_refine_ls_shell.R_factor_R_free_error 
_refine_ls_shell.R_factor_R_work 
_refine_ls_shell.redundancy_reflns_all 
_refine_ls_shell.redundancy_reflns_obs 
_refine_ls_shell.wR_factor_all 
_refine_ls_shell.wR_factor_obs 
_refine_ls_shell.wR_factor_R_free 
_refine_ls_shell.wR_factor_R_work 
_refine_ls_shell.pdbx_total_number_of_bins_used 
_refine_ls_shell.pdbx_phase_error 
_refine_ls_shell.pdbx_fsc_work 
_refine_ls_shell.pdbx_fsc_free 
'X-RAY DIFFRACTION' 1.7001 1.7608  . . 140 1259 100.00 . . . 0.3192 . 0.2891 . . . . . . . . . . 
'X-RAY DIFFRACTION' 1.7608 1.8313  . . 140 1264 100.00 . . . 0.2902 . 0.2682 . . . . . . . . . . 
'X-RAY DIFFRACTION' 1.8313 1.9147  . . 142 1277 100.00 . . . 0.3100 . 0.2569 . . . . . . . . . . 
'X-RAY DIFFRACTION' 1.9147 2.0156  . . 145 1295 100.00 . . . 0.3076 . 0.2512 . . . . . . . . . . 
'X-RAY DIFFRACTION' 2.0156 2.1419  . . 143 1307 100.00 . . . 0.3089 . 0.2467 . . . . . . . . . . 
'X-RAY DIFFRACTION' 2.1419 2.3072  . . 145 1295 100.00 . . . 0.2517 . 0.2386 . . . . . . . . . . 
'X-RAY DIFFRACTION' 2.3072 2.5393  . . 146 1327 100.00 . . . 0.2956 . 0.2502 . . . . . . . . . . 
'X-RAY DIFFRACTION' 2.5393 2.9066  . . 150 1339 100.00 . . . 0.2872 . 0.2431 . . . . . . . . . . 
'X-RAY DIFFRACTION' 2.9066 3.6615  . . 150 1362 100.00 . . . 0.2396 . 0.2131 . . . . . . . . . . 
'X-RAY DIFFRACTION' 3.6615 35.3501 . . 167 1495 99.00  . . . 0.2483 . 0.2149 . . . . . . . . . . 
# 
_struct.entry_id                     5UVR 
_struct.title                        'The core region of PilO from the type IV pilus system of Pseudomonas aeruginosa' 
_struct.pdbx_model_details           ? 
_struct.pdbx_formula_weight          ? 
_struct.pdbx_formula_weight_method   ? 
_struct.pdbx_model_type_details      ? 
_struct.pdbx_CASP_flag               N 
# 
_struct_keywords.entry_id        5UVR 
_struct_keywords.text            
'alignment subcomplex, modified ferredoxin fold, reductive methylation, type iv pili, MEMBRANE PROTEIN' 
_struct_keywords.pdbx_keywords   'MEMBRANE PROTEIN' 
# 
loop_
_struct_asym.id 
_struct_asym.pdbx_blank_PDB_chainid_flag 
_struct_asym.pdbx_modified 
_struct_asym.entity_id 
_struct_asym.details 
A N N 1 ? 
B N N 2 ? 
# 
loop_
_struct_conf.conf_type_id 
_struct_conf.id 
_struct_conf.pdbx_PDB_helix_id 
_struct_conf.beg_label_comp_id 
_struct_conf.beg_label_asym_id 
_struct_conf.beg_label_seq_id 
_struct_conf.pdbx_beg_PDB_ins_code 
_struct_conf.end_label_comp_id 
_struct_conf.end_label_asym_id 
_struct_conf.end_label_seq_id 
_struct_conf.pdbx_end_PDB_ins_code 
_struct_conf.beg_auth_comp_id 
_struct_conf.beg_auth_asym_id 
_struct_conf.beg_auth_seq_id 
_struct_conf.end_auth_comp_id 
_struct_conf.end_auth_asym_id 
_struct_conf.end_auth_seq_id 
_struct_conf.pdbx_PDB_helix_class 
_struct_conf.details 
_struct_conf.pdbx_PDB_helix_length 
HELX_P HELX_P1 AA1 GLY A 3  ? THR A 11 ? GLY A 111 THR A 119 1 ? 9  
HELX_P HELX_P2 AA2 GLY A 45 ? SER A 58 ? GLY A 153 SER A 166 1 ? 14 
# 
_struct_conf_type.id          HELX_P 
_struct_conf_type.criteria    ? 
_struct_conf_type.reference   ? 
# 
loop_
_struct_conn.id 
_struct_conn.conn_type_id 
_struct_conn.pdbx_leaving_atom_flag 
_struct_conn.pdbx_PDB_id 
_struct_conn.ptnr1_label_asym_id 
_struct_conn.ptnr1_label_comp_id 
_struct_conn.ptnr1_label_seq_id 
_struct_conn.ptnr1_label_atom_id 
_struct_conn.pdbx_ptnr1_label_alt_id 
_struct_conn.pdbx_ptnr1_PDB_ins_code 
_struct_conn.pdbx_ptnr1_standard_comp_id 
_struct_conn.ptnr1_symmetry 
_struct_conn.ptnr2_label_asym_id 
_struct_conn.ptnr2_label_comp_id 
_struct_conn.ptnr2_label_seq_id 
_struct_conn.ptnr2_label_atom_id 
_struct_conn.pdbx_ptnr2_label_alt_id 
_struct_conn.pdbx_ptnr2_PDB_ins_code 
_struct_conn.ptnr1_auth_asym_id 
_struct_conn.ptnr1_auth_comp_id 
_struct_conn.ptnr1_auth_seq_id 
_struct_conn.ptnr2_auth_asym_id 
_struct_conn.ptnr2_auth_comp_id 
_struct_conn.ptnr2_auth_seq_id 
_struct_conn.ptnr2_symmetry 
_struct_conn.pdbx_ptnr3_label_atom_id 
_struct_conn.pdbx_ptnr3_label_seq_id 
_struct_conn.pdbx_ptnr3_label_comp_id 
_struct_conn.pdbx_ptnr3_label_asym_id 
_struct_conn.pdbx_ptnr3_label_alt_id 
_struct_conn.pdbx_ptnr3_PDB_ins_code 
_struct_conn.details 
_struct_conn.pdbx_dist_value 
_struct_conn.pdbx_value_order 
_struct_conn.pdbx_role 
covale1 covale both ? A ALA 87 C ? ? ? 1_555 A MLY 88 N ? ? A ALA 195 A MLY 196 1_555 ? ? ? ? ? ? ? 1.333 ? ? 
covale2 covale both ? A MLY 88 C ? ? ? 1_555 A THR 89 N ? ? A MLY 196 A THR 197 1_555 ? ? ? ? ? ? ? 1.331 ? ? 
# 
_struct_conn_type.id          covale 
_struct_conn_type.criteria    ? 
_struct_conn_type.reference   ? 
# 
loop_
_struct_sheet.id 
_struct_sheet.type 
_struct_sheet.number_strands 
_struct_sheet.details 
AA1 ? 3 ? 
AA2 ? 4 ? 
# 
loop_
_struct_sheet_order.sheet_id 
_struct_sheet_order.range_id_1 
_struct_sheet_order.range_id_2 
_struct_sheet_order.offset 
_struct_sheet_order.sense 
AA1 1 2 ? anti-parallel 
AA1 2 3 ? anti-parallel 
AA2 1 2 ? anti-parallel 
AA2 2 3 ? anti-parallel 
AA2 3 4 ? anti-parallel 
# 
loop_
_struct_sheet_range.sheet_id 
_struct_sheet_range.id 
_struct_sheet_range.beg_label_comp_id 
_struct_sheet_range.beg_label_asym_id 
_struct_sheet_range.beg_label_seq_id 
_struct_sheet_range.pdbx_beg_PDB_ins_code 
_struct_sheet_range.end_label_comp_id 
_struct_sheet_range.end_label_asym_id 
_struct_sheet_range.end_label_seq_id 
_struct_sheet_range.pdbx_end_PDB_ins_code 
_struct_sheet_range.beg_auth_comp_id 
_struct_sheet_range.beg_auth_asym_id 
_struct_sheet_range.beg_auth_seq_id 
_struct_sheet_range.end_auth_comp_id 
_struct_sheet_range.end_auth_asym_id 
_struct_sheet_range.end_auth_seq_id 
AA1 1 GLU A 18 ? LEU A 24 ? GLU A 126 LEU A 132 
AA1 2 TYR A 33 ? GLY A 44 ? TYR A 141 GLY A 152 
AA1 3 VAL A 28 ? ALA A 29 ? VAL A 136 ALA A 137 
AA2 1 GLU A 18 ? LEU A 24 ? GLU A 126 LEU A 132 
AA2 2 TYR A 33 ? GLY A 44 ? TYR A 141 GLY A 152 
AA2 3 LEU A 81 ? TYR A 92 ? LEU A 189 TYR A 200 
AA2 4 THR A 64 ? PRO A 72 ? THR A 172 PRO A 180 
# 
loop_
_pdbx_struct_sheet_hbond.sheet_id 
_pdbx_struct_sheet_hbond.range_id_1 
_pdbx_struct_sheet_hbond.range_id_2 
_pdbx_struct_sheet_hbond.range_1_label_atom_id 
_pdbx_struct_sheet_hbond.range_1_label_comp_id 
_pdbx_struct_sheet_hbond.range_1_label_asym_id 
_pdbx_struct_sheet_hbond.range_1_label_seq_id 
_pdbx_struct_sheet_hbond.range_1_PDB_ins_code 
_pdbx_struct_sheet_hbond.range_1_auth_atom_id 
_pdbx_struct_sheet_hbond.range_1_auth_comp_id 
_pdbx_struct_sheet_hbond.range_1_auth_asym_id 
_pdbx_struct_sheet_hbond.range_1_auth_seq_id 
_pdbx_struct_sheet_hbond.range_2_label_atom_id 
_pdbx_struct_sheet_hbond.range_2_label_comp_id 
_pdbx_struct_sheet_hbond.range_2_label_asym_id 
_pdbx_struct_sheet_hbond.range_2_label_seq_id 
_pdbx_struct_sheet_hbond.range_2_PDB_ins_code 
_pdbx_struct_sheet_hbond.range_2_auth_atom_id 
_pdbx_struct_sheet_hbond.range_2_auth_comp_id 
_pdbx_struct_sheet_hbond.range_2_auth_asym_id 
_pdbx_struct_sheet_hbond.range_2_auth_seq_id 
AA1 1 2 N LYS A 23 ? N LYS A 131 O GLN A 39 ? O GLN A 147 
AA1 2 3 O GLU A 35 ? O GLU A 143 N VAL A 28 ? N VAL A 136 
AA2 1 2 N LYS A 23 ? N LYS A 131 O GLN A 39 ? O GLN A 147 
AA2 2 3 N VAL A 42 ? N VAL A 150 O MET A 83 ? O MET A 191 
AA2 3 4 O ARG A 82 ? O ARG A 190 N LYS A 71 ? N LYS A 179 
# 
_atom_sites.entry_id                    5UVR 
_atom_sites.fract_transf_matrix[1][1]   -0.02080516 
_atom_sites.fract_transf_matrix[1][2]   -0.00113990 
_atom_sites.fract_transf_matrix[1][3]   -0.01914235 
_atom_sites.fract_transf_matrix[2][1]   -0.00620339 
_atom_sites.fract_transf_matrix[2][2]   -0.02450696 
_atom_sites.fract_transf_matrix[2][3]   -0.01270960 
_atom_sites.fract_transf_matrix[3][1]   -0.00261761 
_atom_sites.fract_transf_matrix[3][2]   -0.00083876 
_atom_sites.fract_transf_matrix[3][3]   0.00289494 
_atom_sites.fract_transf_vector[1]      -0.457443 
_atom_sites.fract_transf_vector[2]      -0.090489 
_atom_sites.fract_transf_vector[3]      -0.062385 
# 
loop_
_atom_type.symbol 
C 
N 
O 
S 
# 
loop_
_atom_site.group_PDB 
_atom_site.id 
_atom_site.type_symbol 
_atom_site.label_atom_id 
_atom_site.label_alt_id 
_atom_site.label_comp_id 
_atom_site.label_asym_id 
_atom_site.label_entity_id 
_atom_site.label_seq_id 
_atom_site.pdbx_PDB_ins_code 
_atom_site.Cartn_x 
_atom_site.Cartn_y 
_atom_site.Cartn_z 
_atom_site.occupancy 
_atom_site.B_iso_or_equiv 
_atom_site.pdbx_formal_charge 
_atom_site.auth_seq_id 
_atom_site.auth_comp_id 
_atom_site.auth_asym_id 
_atom_site.auth_atom_id 
_atom_site.pdbx_PDB_model_num 
ATOM   1   N N   . VAL A 1 1  ? 4.024   -5.416  16.864  1.00 56.44  ? 109 VAL A N   1 
ATOM   2   C CA  . VAL A 1 1  ? 4.069   -5.973  15.515  1.00 57.67  ? 109 VAL A CA  1 
ATOM   3   C C   . VAL A 1 1  ? 4.500   -4.912  14.502  1.00 57.92  ? 109 VAL A C   1 
ATOM   4   O O   . VAL A 1 1  ? 3.898   -3.837  14.432  1.00 52.60  ? 109 VAL A O   1 
ATOM   5   C CB  . VAL A 1 1  ? 2.712   -6.578  15.117  1.00 54.48  ? 109 VAL A CB  1 
ATOM   6   N N   . PRO A 1 2  ? 5.531   -5.223  13.715  1.00 61.02  ? 110 PRO A N   1 
ATOM   7   C CA  . PRO A 1 2  ? 6.014   -4.261  12.718  1.00 58.73  ? 110 PRO A CA  1 
ATOM   8   C C   . PRO A 1 2  ? 4.912   -3.857  11.749  1.00 56.92  ? 110 PRO A C   1 
ATOM   9   O O   . PRO A 1 2  ? 4.034   -4.653  11.404  1.00 53.99  ? 110 PRO A O   1 
ATOM   10  C CB  . PRO A 1 2  ? 7.144   -5.015  12.006  1.00 56.95  ? 110 PRO A CB  1 
ATOM   11  C CG  . PRO A 1 2  ? 6.922   -6.453  12.324  1.00 61.33  ? 110 PRO A CG  1 
ATOM   12  C CD  . PRO A 1 2  ? 6.291   -6.484  13.681  1.00 58.64  ? 110 PRO A CD  1 
ATOM   13  N N   . GLY A 1 3  ? 4.963   -2.600  11.322  1.00 54.73  ? 111 GLY A N   1 
ATOM   14  C CA  . GLY A 1 3  ? 3.936   -2.049  10.470  1.00 50.46  ? 111 GLY A CA  1 
ATOM   15  C C   . GLY A 1 3  ? 4.053   -2.536  9.038   1.00 45.88  ? 111 GLY A C   1 
ATOM   16  O O   . GLY A 1 3  ? 4.961   -3.274  8.652   1.00 43.50  ? 111 GLY A O   1 
ATOM   17  N N   . LEU A 1 4  ? 3.085   -2.098  8.234   1.00 41.67  ? 112 LEU A N   1 
ATOM   18  C CA  . LEU A 1 4  ? 3.056   -2.477  6.826   1.00 37.57  ? 112 LEU A CA  1 
ATOM   19  C C   . LEU A 1 4  ? 4.288   -1.957  6.091   1.00 43.70  ? 112 LEU A C   1 
ATOM   20  O O   . LEU A 1 4  ? 4.833   -2.647  5.222   1.00 43.42  ? 112 LEU A O   1 
ATOM   21  C CB  . LEU A 1 4  ? 1.781   -1.945  6.175   1.00 38.34  ? 112 LEU A CB  1 
ATOM   22  C CG  . LEU A 1 4  ? 1.116   -2.704  5.024   1.00 41.32  ? 112 LEU A CG  1 
ATOM   23  C CD1 . LEU A 1 4  ? 0.542   -1.725  4.014   1.00 39.73  ? 112 LEU A CD1 1 
ATOM   24  C CD2 . LEU A 1 4  ? 2.038   -3.688  4.345   1.00 39.60  ? 112 LEU A CD2 1 
ATOM   25  N N   . LEU A 1 5  ? 4.742   -0.747  6.430   1.00 43.77  ? 113 LEU A N   1 
ATOM   26  C CA  . LEU A 1 5  ? 5.953   -0.205  5.810   1.00 48.82  ? 113 LEU A CA  1 
ATOM   27  C C   . LEU A 1 5  ? 7.137   -1.151  6.005   1.00 51.39  ? 113 LEU A C   1 
ATOM   28  O O   . LEU A 1 5  ? 7.878   -1.442  5.062   1.00 54.68  ? 113 LEU A O   1 
ATOM   29  C CB  . LEU A 1 5  ? 6.250   1.181   6.388   1.00 49.49  ? 113 LEU A CB  1 
ATOM   30  C CG  . LEU A 1 5  ? 7.477   1.962   5.911   1.00 52.30  ? 113 LEU A CG  1 
ATOM   31  C CD1 . LEU A 1 5  ? 7.359   2.307   4.445   1.00 50.83  ? 113 LEU A CD1 1 
ATOM   32  C CD2 . LEU A 1 5  ? 7.664   3.223   6.741   1.00 50.81  ? 113 LEU A CD2 1 
ATOM   33  N N   . GLU A 1 6  ? 7.302   -1.676  7.222   1.00 53.37  ? 114 GLU A N   1 
ATOM   34  C CA  . GLU A 1 6  ? 8.396   -2.603  7.508   1.00 55.15  ? 114 GLU A CA  1 
ATOM   35  C C   . GLU A 1 6  ? 8.206   -3.935  6.799   1.00 57.47  ? 114 GLU A C   1 
ATOM   36  O O   . GLU A 1 6  ? 9.182   -4.538  6.344   1.00 61.07  ? 114 GLU A O   1 
ATOM   37  C CB  . GLU A 1 6  ? 8.517   -2.842  9.014   1.00 61.49  ? 114 GLU A CB  1 
ATOM   38  C CG  . GLU A 1 6  ? 9.181   -1.720  9.780   1.00 65.88  ? 114 GLU A CG  1 
ATOM   39  C CD  . GLU A 1 6  ? 8.383   -0.440  9.733   1.00 73.33  ? 114 GLU A CD  1 
ATOM   40  O OE1 . GLU A 1 6  ? 7.133   -0.520  9.752   1.00 71.38  ? 114 GLU A OE1 1 
ATOM   41  O OE2 . GLU A 1 6  ? 9.005   0.645   9.659   1.00 84.60  ? 114 GLU A OE2 1 
ATOM   42  N N   . ASP A 1 7  ? 6.968   -4.435  6.732   1.00 54.78  ? 115 ASP A N   1 
ATOM   43  C CA  . ASP A 1 7  ? 6.729   -5.713  6.061   1.00 56.04  ? 115 ASP A CA  1 
ATOM   44  C C   . ASP A 1 7  ? 7.200   -5.658  4.617   1.00 55.01  ? 115 ASP A C   1 
ATOM   45  O O   . ASP A 1 7  ? 7.841   -6.596  4.130   1.00 58.51  ? 115 ASP A O   1 
ATOM   46  C CB  . ASP A 1 7  ? 5.245   -6.085  6.107   1.00 46.02  ? 115 ASP A CB  1 
ATOM   47  C CG  . ASP A 1 7  ? 4.831   -6.701  7.423   1.00 52.53  ? 115 ASP A CG  1 
ATOM   48  O OD1 . ASP A 1 7  ? 5.711   -7.123  8.207   1.00 56.61  ? 115 ASP A OD1 1 
ATOM   49  O OD2 . ASP A 1 7  ? 3.611   -6.774  7.673   1.00 49.37  ? 115 ASP A OD2 1 
ATOM   50  N N   . ILE A 1 8  ? 6.885   -4.561  3.925   1.00 54.64  ? 116 ILE A N   1 
ATOM   51  C CA  . ILE A 1 8  ? 7.332   -4.365  2.548   1.00 54.37  ? 116 ILE A CA  1 
ATOM   52  C C   . ILE A 1 8  ? 8.856   -4.395  2.471   1.00 63.48  ? 116 ILE A C   1 
ATOM   53  O O   . ILE A 1 8  ? 9.444   -5.032  1.587   1.00 61.60  ? 116 ILE A O   1 
ATOM   54  C CB  . ILE A 1 8  ? 6.767   -3.042  1.999   1.00 55.72  ? 116 ILE A CB  1 
ATOM   55  C CG1 . ILE A 1 8  ? 5.241   -3.076  1.971   1.00 46.37  ? 116 ILE A CG1 1 
ATOM   56  C CG2 . ILE A 1 8  ? 7.343   -2.716  0.614   1.00 50.68  ? 116 ILE A CG2 1 
ATOM   57  C CD1 . ILE A 1 8  ? 4.610   -1.716  1.740   1.00 44.24  ? 116 ILE A CD1 1 
ATOM   58  N N   . THR A 1 9  ? 9.521   -3.710  3.406   1.00 63.83  ? 117 THR A N   1 
ATOM   59  C CA  . THR A 1 9  ? 10.971  -3.581  3.317   1.00 67.70  ? 117 THR A CA  1 
ATOM   60  C C   . THR A 1 9  ? 11.688  -4.810  3.870   1.00 71.15  ? 117 THR A C   1 
ATOM   61  O O   . THR A 1 9  ? 12.726  -5.213  3.334   1.00 90.35  ? 117 THR A O   1 
ATOM   62  C CB  . THR A 1 9  ? 11.437  -2.315  4.040   1.00 64.94  ? 117 THR A CB  1 
ATOM   63  O OG1 . THR A 1 9  ? 11.145  -2.419  5.437   1.00 63.55  ? 117 THR A OG1 1 
ATOM   64  C CG2 . THR A 1 9  ? 10.741  -1.081  3.463   1.00 59.93  ? 117 THR A CG2 1 
ATOM   65  N N   . ARG A 1 10 ? 11.161  -5.421  4.933   1.00 65.58  ? 118 ARG A N   1 
ATOM   66  C CA  . ARG A 1 10 ? 11.801  -6.614  5.482   1.00 67.48  ? 118 ARG A CA  1 
ATOM   67  C C   . ARG A 1 10 ? 11.741  -7.775  4.498   1.00 69.21  ? 118 ARG A C   1 
ATOM   68  O O   . ARG A 1 10 ? 12.743  -8.470  4.288   1.00 71.24  ? 118 ARG A O   1 
ATOM   69  C CB  . ARG A 1 10 ? 11.150  -7.016  6.808   1.00 67.21  ? 118 ARG A CB  1 
ATOM   70  C CG  . ARG A 1 10 ? 11.570  -8.401  7.299   1.00 66.22  ? 118 ARG A CG  1 
ATOM   71  C CD  . ARG A 1 10 ? 10.914  -8.757  8.626   1.00 68.81  ? 118 ARG A CD  1 
ATOM   72  N NE  . ARG A 1 10 ? 9.464   -8.571  8.594   1.00 66.20  ? 118 ARG A NE  1 
ATOM   73  C CZ  . ARG A 1 10 ? 8.589   -9.508  8.239   1.00 65.48  ? 118 ARG A CZ  1 
ATOM   74  N NH1 . ARG A 1 10 ? 9.009   -10.716 7.879   1.00 63.56  ? 118 ARG A NH1 1 
ATOM   75  N NH2 . ARG A 1 10 ? 7.291   -9.234  8.242   1.00 59.83  ? 118 ARG A NH2 1 
ATOM   76  N N   . THR A 1 11 ? 10.582  -7.999  3.884   1.00 66.07  ? 119 THR A N   1 
ATOM   77  C CA  . THR A 1 11 ? 10.400  -9.113  2.963   1.00 65.44  ? 119 THR A CA  1 
ATOM   78  C C   . THR A 1 11 ? 10.832  -8.785  1.539   1.00 65.66  ? 119 THR A C   1 
ATOM   79  O O   . THR A 1 11 ? 10.789  -9.670  0.676   1.00 62.39  ? 119 THR A O   1 
ATOM   80  C CB  . THR A 1 11 ? 8.937   -9.575  2.977   1.00 63.76  ? 119 THR A CB  1 
ATOM   81  O OG1 . THR A 1 11 ? 8.103   -8.548  2.434   1.00 59.90  ? 119 THR A OG1 1 
ATOM   82  C CG2 . THR A 1 11 ? 8.488   -9.868  4.404   1.00 60.53  ? 119 THR A CG2 1 
ATOM   83  N N   . GLY A 1 12 ? 11.243  -7.547  1.274   1.00 65.04  ? 120 GLY A N   1 
ATOM   84  C CA  . GLY A 1 12 ? 11.810  -7.193  -0.014  1.00 67.57  ? 120 GLY A CA  1 
ATOM   85  C C   . GLY A 1 12 ? 10.807  -6.917  -1.111  1.00 65.29  ? 120 GLY A C   1 
ATOM   86  O O   . GLY A 1 12 ? 11.066  -7.246  -2.274  1.00 68.70  ? 120 GLY A O   1 
ATOM   87  N N   . LEU A 1 13 ? 9.671   -6.310  -0.779  1.00 62.37  ? 121 LEU A N   1 
ATOM   88  C CA  . LEU A 1 13 ? 8.612   -6.099  -1.754  1.00 55.32  ? 121 LEU A CA  1 
ATOM   89  C C   . LEU A 1 13 ? 8.911   -4.894  -2.629  1.00 53.41  ? 121 LEU A C   1 
ATOM   90  O O   . LEU A 1 13 ? 9.582   -3.944  -2.216  1.00 63.32  ? 121 LEU A O   1 
ATOM   91  C CB  . LEU A 1 13 ? 7.269   -5.904  -1.053  1.00 50.79  ? 121 LEU A CB  1 
ATOM   92  C CG  . LEU A 1 13 ? 6.686   -7.192  -0.489  1.00 50.65  ? 121 LEU A CG  1 
ATOM   93  C CD1 . LEU A 1 13 ? 5.490   -6.904  0.379   1.00 42.84  ? 121 LEU A CD1 1 
ATOM   94  C CD2 . LEU A 1 13 ? 6.318   -8.117  -1.634  1.00 45.04  ? 121 LEU A CD2 1 
ATOM   95  N N   . GLY A 1 14 ? 8.409   -4.945  -3.857  1.00 46.84  ? 122 GLY A N   1 
ATOM   96  C CA  . GLY A 1 14 ? 8.535   -3.821  -4.759  1.00 46.33  ? 122 GLY A CA  1 
ATOM   97  C C   . GLY A 1 14 ? 9.722   -3.853  -5.693  1.00 45.94  ? 122 GLY A C   1 
ATOM   98  O O   . GLY A 1 14 ? 10.156  -2.790  -6.148  1.00 44.80  ? 122 GLY A O   1 
ATOM   99  N N   . SER A 1 15 ? 10.253  -5.035  -6.010  1.00 44.28  ? 123 SER A N   1 
ATOM   100 C CA  . SER A 1 15 ? 11.387  -5.125  -6.922  1.00 46.05  ? 123 SER A CA  1 
ATOM   101 C C   . SER A 1 15 ? 11.010  -4.593  -8.299  1.00 39.36  ? 123 SER A C   1 
ATOM   102 O O   . SER A 1 15 ? 9.900   -4.817  -8.789  1.00 36.90  ? 123 SER A O   1 
ATOM   103 C CB  . SER A 1 15 ? 11.868  -6.574  -7.029  1.00 50.10  ? 123 SER A CB  1 
ATOM   104 O OG  . SER A 1 15 ? 11.969  -7.162  -5.742  1.00 59.21  ? 123 SER A OG  1 
ATOM   105 N N   . GLY A 1 16 ? 11.946  -3.878  -8.920  1.00 38.63  ? 124 GLY A N   1 
ATOM   106 C CA  . GLY A 1 16 ? 11.712  -3.237  -10.195 1.00 42.32  ? 124 GLY A CA  1 
ATOM   107 C C   . GLY A 1 16 ? 10.941  -1.940  -10.131 1.00 36.95  ? 124 GLY A C   1 
ATOM   108 O O   . GLY A 1 16 ? 10.824  -1.257  -11.158 1.00 36.77  ? 124 GLY A O   1 
ATOM   109 N N   . LEU A 1 17 ? 10.426  -1.567  -8.966  1.00 34.32  ? 125 LEU A N   1 
ATOM   110 C CA  . LEU A 1 17 ? 9.570   -0.403  -8.835  1.00 33.25  ? 125 LEU A CA  1 
ATOM   111 C C   . LEU A 1 17 ? 10.340  0.799   -8.317  1.00 38.21  ? 125 LEU A C   1 
ATOM   112 O O   . LEU A 1 17 ? 11.273  0.673   -7.524  1.00 42.11  ? 125 LEU A O   1 
ATOM   113 C CB  . LEU A 1 17 ? 8.403   -0.687  -7.889  1.00 29.79  ? 125 LEU A CB  1 
ATOM   114 C CG  . LEU A 1 17 ? 7.485   -1.803  -8.351  1.00 28.87  ? 125 LEU A CG  1 
ATOM   115 C CD1 . LEU A 1 17 ? 6.365   -1.977  -7.333  1.00 30.23  ? 125 LEU A CD1 1 
ATOM   116 C CD2 . LEU A 1 17 ? 6.933   -1.474  -9.715  1.00 29.67  ? 125 LEU A CD2 1 
ATOM   117 N N   . GLU A 1 18 ? 9.905   1.973   -8.762  1.00 37.53  ? 126 GLU A N   1 
ATOM   118 C CA  . GLU A 1 18 ? 10.438  3.255   -8.316  1.00 44.22  ? 126 GLU A CA  1 
ATOM   119 C C   . GLU A 1 18 ? 9.382   3.892   -7.424  1.00 40.11  ? 126 GLU A C   1 
ATOM   120 O O   . GLU A 1 18 ? 8.381   4.422   -7.916  1.00 37.24  ? 126 GLU A O   1 
ATOM   121 C CB  . GLU A 1 18 ? 10.771  4.149   -9.506  1.00 48.79  ? 126 GLU A CB  1 
ATOM   122 C CG  . GLU A 1 18 ? 11.713  3.518   -10.529 1.00 64.30  ? 126 GLU A CG  1 
ATOM   123 C CD  . GLU A 1 18 ? 13.164  3.521   -10.075 1.00 81.89  ? 126 GLU A CD  1 
ATOM   124 O OE1 . GLU A 1 18 ? 13.469  4.157   -9.043  1.00 92.44  ? 126 GLU A OE1 1 
ATOM   125 O OE2 . GLU A 1 18 ? 14.001  2.890   -10.754 1.00 85.85  ? 126 GLU A OE2 1 
ATOM   126 N N   . PHE A 1 19 ? 9.595   3.840   -6.114  1.00 36.04  ? 127 PHE A N   1 
ATOM   127 C CA  . PHE A 1 19 ? 8.697   4.547   -5.212  1.00 34.03  ? 127 PHE A CA  1 
ATOM   128 C C   . PHE A 1 19 ? 8.833   6.043   -5.422  1.00 35.24  ? 127 PHE A C   1 
ATOM   129 O O   . PHE A 1 19 ? 9.945   6.567   -5.565  1.00 37.57  ? 127 PHE A O   1 
ATOM   130 C CB  . PHE A 1 19 ? 8.985   4.172   -3.765  1.00 37.48  ? 127 PHE A CB  1 
ATOM   131 C CG  . PHE A 1 19 ? 8.487   2.811   -3.405  1.00 37.62  ? 127 PHE A CG  1 
ATOM   132 C CD1 . PHE A 1 19 ? 7.172   2.631   -2.996  1.00 39.13  ? 127 PHE A CD1 1 
ATOM   133 C CD2 . PHE A 1 19 ? 9.309   1.706   -3.515  1.00 43.24  ? 127 PHE A CD2 1 
ATOM   134 C CE1 . PHE A 1 19 ? 6.701   1.375   -2.678  1.00 38.94  ? 127 PHE A CE1 1 
ATOM   135 C CE2 . PHE A 1 19 ? 8.842   0.439   -3.194  1.00 47.80  ? 127 PHE A CE2 1 
ATOM   136 C CZ  . PHE A 1 19 ? 7.531   0.278   -2.774  1.00 42.21  ? 127 PHE A CZ  1 
ATOM   137 N N   . GLU A 1 20 ? 7.693   6.718   -5.513  1.00 30.13  ? 128 GLU A N   1 
ATOM   138 C CA  . GLU A 1 20 ? 7.657   8.169   -5.574  1.00 31.43  ? 128 GLU A CA  1 
ATOM   139 C C   . GLU A 1 20 ? 7.240   8.772   -4.247  1.00 30.78  ? 128 GLU A C   1 
ATOM   140 O O   . GLU A 1 20 ? 7.848   9.739   -3.796  1.00 29.65  ? 128 GLU A O   1 
ATOM   141 C CB  . GLU A 1 20 ? 6.700   8.653   -6.668  1.00 32.46  ? 128 GLU A CB  1 
ATOM   142 C CG  . GLU A 1 20 ? 7.161   8.419   -8.083  1.00 38.60  ? 128 GLU A CG  1 
ATOM   143 C CD  . GLU A 1 20 ? 6.268   9.116   -9.093  1.00 41.01  ? 128 GLU A CD  1 
ATOM   144 O OE1 . GLU A 1 20 ? 5.075   9.335   -8.771  1.00 42.86  ? 128 GLU A OE1 1 
ATOM   145 O OE2 . GLU A 1 20 ? 6.758   9.449   -10.193 1.00 42.10  ? 128 GLU A OE2 1 
ATOM   146 N N   . GLU A 1 21 ? 6.232   8.201   -3.588  1.00 29.43  ? 129 GLU A N   1 
ATOM   147 C CA  . GLU A 1 21 ? 5.767   8.783   -2.341  1.00 30.35  ? 129 GLU A CA  1 
ATOM   148 C C   . GLU A 1 21 ? 5.226   7.696   -1.432  1.00 31.90  ? 129 GLU A C   1 
ATOM   149 O O   . GLU A 1 21 ? 4.477   6.824   -1.879  1.00 28.50  ? 129 GLU A O   1 
ATOM   150 C CB  . GLU A 1 21 ? 4.696   9.840   -2.606  1.00 38.54  ? 129 GLU A CB  1 
ATOM   151 C CG  . GLU A 1 21 ? 4.188   10.529  -1.357  1.00 44.73  ? 129 GLU A CG  1 
ATOM   152 C CD  . GLU A 1 21 ? 3.825   11.975  -1.621  1.00 62.12  ? 129 GLU A CD  1 
ATOM   153 O OE1 . GLU A 1 21 ? 4.385   12.559  -2.577  1.00 72.04  ? 129 GLU A OE1 1 
ATOM   154 O OE2 . GLU A 1 21 ? 2.980   12.523  -0.880  1.00 67.45  ? 129 GLU A OE2 1 
ATOM   155 N N   . ILE A 1 22 ? 5.614   7.751   -0.162  1.00 26.98  ? 130 ILE A N   1 
ATOM   156 C CA  . ILE A 1 22 ? 5.042   6.912   0.881   1.00 27.92  ? 130 ILE A CA  1 
ATOM   157 C C   . ILE A 1 22 ? 4.589   7.852   1.986   1.00 28.99  ? 130 ILE A C   1 
ATOM   158 O O   . ILE A 1 22 ? 5.399   8.604   2.531   1.00 25.20  ? 130 ILE A O   1 
ATOM   159 C CB  . ILE A 1 22 ? 6.045   5.885   1.432   1.00 29.37  ? 130 ILE A CB  1 
ATOM   160 C CG1 . ILE A 1 22 ? 6.610   5.020   0.303   1.00 32.11  ? 130 ILE A CG1 1 
ATOM   161 C CG2 . ILE A 1 22 ? 5.373   5.019   2.494   1.00 31.87  ? 130 ILE A CG2 1 
ATOM   162 C CD1 . ILE A 1 22 ? 7.677   4.047   0.753   1.00 34.98  ? 130 ILE A CD1 1 
ATOM   163 N N   . LYS A 1 23 ? 3.303   7.827   2.303   1.00 25.52  ? 131 LYS A N   1 
ATOM   164 C CA  . LYS A 1 23 ? 2.753   8.745   3.295   1.00 26.31  ? 131 LYS A CA  1 
ATOM   165 C C   . LYS A 1 23 ? 1.960   7.938   4.302   1.00 29.99  ? 131 LYS A C   1 
ATOM   166 O O   . LYS A 1 23 ? 0.942   7.334   3.949   1.00 28.60  ? 131 LYS A O   1 
ATOM   167 C CB  . LYS A 1 23 ? 1.884   9.810   2.625   1.00 33.54  ? 131 LYS A CB  1 
ATOM   168 C CG  . LYS A 1 23 ? 1.507   10.961  3.527   1.00 40.16  ? 131 LYS A CG  1 
ATOM   169 C CD  . LYS A 1 23 ? 0.631   11.959  2.790   1.00 51.74  ? 131 LYS A CD  1 
ATOM   170 C CE  . LYS A 1 23 ? 0.172   13.077  3.713   1.00 60.71  ? 131 LYS A CE  1 
ATOM   171 N NZ  . LYS A 1 23 ? -0.916  13.880  3.093   1.00 69.62  ? 131 LYS A NZ  1 
ATOM   172 N N   . LEU A 1 24 ? 2.434   7.914   5.547   1.00 27.18  ? 132 LEU A N   1 
ATOM   173 C CA  . LEU A 1 24 ? 1.738   7.242   6.631   1.00 31.93  ? 132 LEU A CA  1 
ATOM   174 C C   . LEU A 1 24 ? 0.758   8.235   7.232   1.00 33.21  ? 132 LEU A C   1 
ATOM   175 O O   . LEU A 1 24 ? 1.169   9.280   7.748   1.00 30.04  ? 132 LEU A O   1 
ATOM   176 C CB  . LEU A 1 24 ? 2.722   6.735   7.687   1.00 32.48  ? 132 LEU A CB  1 
ATOM   177 C CG  . LEU A 1 24 ? 3.671   5.584   7.318   1.00 35.20  ? 132 LEU A CG  1 
ATOM   178 C CD1 . LEU A 1 24 ? 4.842   6.038   6.458   1.00 36.54  ? 132 LEU A CD1 1 
ATOM   179 C CD2 . LEU A 1 24 ? 4.163   4.896   8.584   1.00 41.98  ? 132 LEU A CD2 1 
ATOM   180 N N   . LEU A 1 25 ? -0.533  7.915   7.155   1.00 27.39  ? 133 LEU A N   1 
ATOM   181 C CA  . LEU A 1 25 ? -1.571  8.831   7.585   1.00 27.23  ? 133 LEU A CA  1 
ATOM   182 C C   . LEU A 1 25 ? -1.911  8.598   9.053   1.00 27.54  ? 133 LEU A C   1 
ATOM   183 O O   . LEU A 1 25 ? -1.591  7.551   9.621   1.00 26.27  ? 133 LEU A O   1 
ATOM   184 C CB  . LEU A 1 25 ? -2.808  8.657   6.707   1.00 28.75  ? 133 LEU A CB  1 
ATOM   185 C CG  . LEU A 1 25 ? -2.538  8.824   5.210   1.00 35.30  ? 133 LEU A CG  1 
ATOM   186 C CD1 . LEU A 1 25 ? -3.841  8.763   4.440   1.00 42.95  ? 133 LEU A CD1 1 
ATOM   187 C CD2 . LEU A 1 25 ? -1.813  10.132  4.942   1.00 36.35  ? 133 LEU A CD2 1 
ATOM   188 N N   . PRO A 1 26 ? -2.487  9.590   9.718   1.00 29.20  ? 134 PRO A N   1 
ATOM   189 C CA  . PRO A 1 26 ? -2.911  9.389   11.108  1.00 31.91  ? 134 PRO A CA  1 
ATOM   190 C C   . PRO A 1 26 ? -3.913  8.248   11.219  1.00 29.73  ? 134 PRO A C   1 
ATOM   191 O O   . PRO A 1 26 ? -4.755  8.055   10.342  1.00 29.72  ? 134 PRO A O   1 
ATOM   192 C CB  . PRO A 1 26 ? -3.546  10.731  11.492  1.00 34.22  ? 134 PRO A CB  1 
ATOM   193 C CG  . PRO A 1 26 ? -3.588  11.556  10.220  1.00 36.72  ? 134 PRO A CG  1 
ATOM   194 C CD  . PRO A 1 26 ? -2.555  11.001  9.309   1.00 32.32  ? 134 PRO A CD  1 
ATOM   195 N N   . GLU A 1 27 ? -3.803  7.493   12.309  1.00 31.81  ? 135 GLU A N   1 
ATOM   196 C CA  . GLU A 1 27 ? -4.765  6.433   12.592  1.00 30.25  ? 135 GLU A CA  1 
ATOM   197 C C   . GLU A 1 27 ? -6.176  7.000   12.656  1.00 33.16  ? 135 GLU A C   1 
ATOM   198 O O   . GLU A 1 27 ? -6.389  8.147   13.061  1.00 32.81  ? 135 GLU A O   1 
ATOM   199 C CB  . GLU A 1 27 ? -4.427  5.742   13.908  1.00 31.31  ? 135 GLU A CB  1 
ATOM   200 C CG  . GLU A 1 27 ? -3.167  4.908   13.899  1.00 39.83  ? 135 GLU A CG  1 
ATOM   201 C CD  . GLU A 1 27 ? -2.928  4.237   15.236  1.00 41.77  ? 135 GLU A CD  1 
ATOM   202 O OE1 . GLU A 1 27 ? -3.334  4.816   16.263  1.00 45.95  ? 135 GLU A OE1 1 
ATOM   203 O OE2 . GLU A 1 27 ? -2.352  3.131   15.264  1.00 55.27  ? 135 GLU A OE2 1 
ATOM   204 N N   . VAL A 1 28 ? -7.152  6.183   12.262  1.00 29.98  ? 136 VAL A N   1 
ATOM   205 C CA  . VAL A 1 28 ? -8.559  6.566   12.284  1.00 30.64  ? 136 VAL A CA  1 
ATOM   206 C C   . VAL A 1 28 ? -9.281  5.590   13.200  1.00 32.79  ? 136 VAL A C   1 
ATOM   207 O O   . VAL A 1 28 ? -9.306  4.385   12.927  1.00 30.52  ? 136 VAL A O   1 
ATOM   208 C CB  . VAL A 1 28 ? -9.179  6.555   10.878  1.00 35.42  ? 136 VAL A CB  1 
ATOM   209 C CG1 . VAL A 1 28 ? -10.622 7.012   10.931  1.00 36.35  ? 136 VAL A CG1 1 
ATOM   210 C CG2 . VAL A 1 28 ? -8.366  7.425   9.913   1.00 35.66  ? 136 VAL A CG2 1 
ATOM   211 N N   . ALA A 1 29 ? -9.848  6.101   14.293  1.00 31.09  ? 137 ALA A N   1 
ATOM   212 C CA  . ALA A 1 29 ? -10.566 5.251   15.236  1.00 32.71  ? 137 ALA A CA  1 
ATOM   213 C C   . ALA A 1 29 ? -11.956 4.953   14.702  1.00 32.95  ? 137 ALA A C   1 
ATOM   214 O O   . ALA A 1 29 ? -12.689 5.865   14.303  1.00 34.54  ? 137 ALA A O   1 
ATOM   215 C CB  . ALA A 1 29 ? -10.669 5.919   16.610  1.00 32.99  ? 137 ALA A CB  1 
ATOM   216 N N   . GLN A 1 30 ? -12.311 3.674   14.673  1.00 29.03  ? 138 GLN A N   1 
ATOM   217 C CA  . GLN A 1 30 ? -13.690 3.269   14.453  1.00 31.50  ? 138 GLN A CA  1 
ATOM   218 C C   . GLN A 1 30 ? -14.149 2.485   15.680  1.00 27.77  ? 138 GLN A C   1 
ATOM   219 O O   . GLN A 1 30 ? -13.349 2.146   16.558  1.00 27.93  ? 138 GLN A O   1 
ATOM   220 C CB  . GLN A 1 30 ? -13.833 2.434   13.175  1.00 32.51  ? 138 GLN A CB  1 
ATOM   221 C CG  . GLN A 1 30 ? -13.243 3.066   11.916  1.00 37.61  ? 138 GLN A CG  1 
ATOM   222 C CD  . GLN A 1 30 ? -14.153 4.107   11.294  1.00 42.84  ? 138 GLN A CD  1 
ATOM   223 O OE1 . GLN A 1 30 ? -15.248 4.368   11.788  1.00 49.17  ? 138 GLN A OE1 1 
ATOM   224 N NE2 . GLN A 1 30 ? -13.702 4.705   10.194  1.00 44.66  ? 138 GLN A NE2 1 
ATOM   225 N N   . GLN A 1 31 ? -15.450 2.197   15.752  1.00 29.37  ? 139 GLN A N   1 
ATOM   226 C CA  . GLN A 1 31 ? -15.952 1.611   16.993  1.00 26.86  ? 139 GLN A CA  1 
ATOM   227 C C   . GLN A 1 31 ? -15.399 0.211   17.236  1.00 28.74  ? 139 GLN A C   1 
ATOM   228 O O   . GLN A 1 31 ? -15.225 -0.181  18.393  1.00 26.22  ? 139 GLN A O   1 
ATOM   229 C CB  . GLN A 1 31 ? -17.484 1.614   17.020  1.00 29.83  ? 139 GLN A CB  1 
ATOM   230 C CG  . GLN A 1 31 ? -18.176 0.594   16.154  1.00 27.60  ? 139 GLN A CG  1 
ATOM   231 C CD  . GLN A 1 31 ? -19.671 0.548   16.432  1.00 27.69  ? 139 GLN A CD  1 
ATOM   232 O OE1 . GLN A 1 31 ? -20.080 0.371   17.573  1.00 25.71  ? 139 GLN A OE1 1 
ATOM   233 N NE2 . GLN A 1 31 ? -20.483 0.699   15.394  1.00 29.90  ? 139 GLN A NE2 1 
ATOM   234 N N   . PHE A 1 32 ? -15.068 -0.544  16.185  1.00 26.21  ? 140 PHE A N   1 
ATOM   235 C CA  . PHE A 1 32 ? -14.552 -1.895  16.387  1.00 24.98  ? 140 PHE A CA  1 
ATOM   236 C C   . PHE A 1 32 ? -13.058 -2.031  16.140  1.00 28.26  ? 140 PHE A C   1 
ATOM   237 O O   . PHE A 1 32 ? -12.474 -3.040  16.544  1.00 26.14  ? 140 PHE A O   1 
ATOM   238 C CB  . PHE A 1 32 ? -15.277 -2.893  15.471  1.00 24.20  ? 140 PHE A CB  1 
ATOM   239 C CG  . PHE A 1 32 ? -16.769 -2.855  15.584  1.00 24.05  ? 140 PHE A CG  1 
ATOM   240 C CD1 . PHE A 1 32 ? -17.397 -3.120  16.788  1.00 25.07  ? 140 PHE A CD1 1 
ATOM   241 C CD2 . PHE A 1 32 ? -17.545 -2.579  14.480  1.00 27.99  ? 140 PHE A CD2 1 
ATOM   242 C CE1 . PHE A 1 32 ? -18.774 -3.105  16.887  1.00 23.97  ? 140 PHE A CE1 1 
ATOM   243 C CE2 . PHE A 1 32 ? -18.929 -2.558  14.571  1.00 27.83  ? 140 PHE A CE2 1 
ATOM   244 C CZ  . PHE A 1 32 ? -19.543 -2.819  15.786  1.00 26.23  ? 140 PHE A CZ  1 
ATOM   245 N N   . TYR A 1 33 ? -12.423 -1.055  15.499  1.00 25.03  ? 141 TYR A N   1 
ATOM   246 C CA  . TYR A 1 33 ? -11.003 -1.194  15.208  1.00 24.83  ? 141 TYR A CA  1 
ATOM   247 C C   . TYR A 1 33 ? -10.426 0.180   14.917  1.00 22.51  ? 141 TYR A C   1 
ATOM   248 O O   . TYR A 1 33 ? -11.157 1.132   14.639  1.00 25.72  ? 141 TYR A O   1 
ATOM   249 C CB  . TYR A 1 33 ? -10.753 -2.141  14.021  1.00 24.01  ? 141 TYR A CB  1 
ATOM   250 C CG  . TYR A 1 33 ? -11.712 -1.937  12.872  1.00 25.51  ? 141 TYR A CG  1 
ATOM   251 C CD1 . TYR A 1 33 ? -11.537 -0.891  11.983  1.00 26.28  ? 141 TYR A CD1 1 
ATOM   252 C CD2 . TYR A 1 33 ? -12.815 -2.771  12.698  1.00 25.92  ? 141 TYR A CD2 1 
ATOM   253 C CE1 . TYR A 1 33 ? -12.417 -0.681  10.951  1.00 28.65  ? 141 TYR A CE1 1 
ATOM   254 C CE2 . TYR A 1 33 ? -13.699 -2.568  11.660  1.00 28.74  ? 141 TYR A CE2 1 
ATOM   255 C CZ  . TYR A 1 33 ? -13.486 -1.519  10.785  1.00 31.74  ? 141 TYR A CZ  1 
ATOM   256 O OH  . TYR A 1 33 ? -14.347 -1.295  9.739   1.00 38.77  ? 141 TYR A OH  1 
ATOM   257 N N   . ILE A 1 34 ? -9.100  0.246   14.953  1.00 27.60  ? 142 ILE A N   1 
ATOM   258 C CA  . ILE A 1 34 ? -8.328  1.419   14.559  1.00 25.38  ? 142 ILE A CA  1 
ATOM   259 C C   . ILE A 1 34 ? -7.665  1.110   13.219  1.00 26.30  ? 142 ILE A C   1 
ATOM   260 O O   . ILE A 1 34 ? -6.991  0.083   13.086  1.00 28.00  ? 142 ILE A O   1 
ATOM   261 C CB  . ILE A 1 34 ? -7.269  1.765   15.618  1.00 28.90  ? 142 ILE A CB  1 
ATOM   262 C CG1 . ILE A 1 34 ? -7.879  1.738   17.026  1.00 30.61  ? 142 ILE A CG1 1 
ATOM   263 C CG2 . ILE A 1 34 ? -6.603  3.108   15.294  1.00 29.75  ? 142 ILE A CG2 1 
ATOM   264 C CD1 . ILE A 1 34 ? -8.995  2.706   17.210  1.00 33.16  ? 142 ILE A CD1 1 
ATOM   265 N N   . GLU A 1 35 ? -7.845  1.998   12.244  1.00 26.44  ? 143 GLU A N   1 
ATOM   266 C CA  . GLU A 1 35 ? -7.224  1.850   10.926  1.00 25.98  ? 143 GLU A CA  1 
ATOM   267 C C   . GLU A 1 35 ? -5.883  2.577   10.897  1.00 29.36  ? 143 GLU A C   1 
ATOM   268 O O   . GLU A 1 35 ? -5.765  3.691   11.405  1.00 28.08  ? 143 GLU A O   1 
ATOM   269 C CB  . GLU A 1 35 ? -8.107  2.437   9.820   1.00 29.81  ? 143 GLU A CB  1 
ATOM   270 C CG  . GLU A 1 35 ? -9.562  2.018   9.855   1.00 34.19  ? 143 GLU A CG  1 
ATOM   271 C CD  . GLU A 1 35 ? -10.377 2.710   8.777   1.00 38.29  ? 143 GLU A CD  1 
ATOM   272 O OE1 . GLU A 1 35 ? -9.806  3.548   8.039   1.00 40.50  ? 143 GLU A OE1 1 
ATOM   273 O OE2 . GLU A 1 35 ? -11.590 2.419   8.660   1.00 40.53  ? 143 GLU A OE2 1 
ATOM   274 N N   . LEU A 1 36 ? -4.887  1.958   10.263  1.00 25.68  ? 144 LEU A N   1 
ATOM   275 C CA  . LEU A 1 36 ? -3.559  2.549   10.068  1.00 27.90  ? 144 LEU A CA  1 
ATOM   276 C C   . LEU A 1 36 ? -3.326  2.650   8.565   1.00 26.20  ? 144 LEU A C   1 
ATOM   277 O O   . LEU A 1 36 ? -2.883  1.677   7.938   1.00 27.90  ? 144 LEU A O   1 
ATOM   278 C CB  . LEU A 1 36 ? -2.482  1.703   10.746  1.00 30.42  ? 144 LEU A CB  1 
ATOM   279 C CG  . LEU A 1 36 ? -2.500  1.408   12.270  1.00 34.97  ? 144 LEU A CG  1 
ATOM   280 C CD1 . LEU A 1 36 ? -3.780  0.710   12.856  1.00 33.06  ? 144 LEU A CD1 1 
ATOM   281 C CD2 . LEU A 1 36 ? -1.265  0.586   12.625  1.00 54.11  ? 144 LEU A CD2 1 
ATOM   282 N N   . PRO A 1 37 ? -3.628  3.788   7.945   1.00 26.91  ? 145 PRO A N   1 
ATOM   283 C CA  . PRO A 1 37 ? -3.537  3.890   6.483   1.00 24.11  ? 145 PRO A CA  1 
ATOM   284 C C   . PRO A 1 37 ? -2.176  4.359   5.999   1.00 28.84  ? 145 PRO A C   1 
ATOM   285 O O   . PRO A 1 37 ? -1.514  5.183   6.624   1.00 27.70  ? 145 PRO A O   1 
ATOM   286 C CB  . PRO A 1 37 ? -4.599  4.947   6.143   1.00 25.46  ? 145 PRO A CB  1 
ATOM   287 C CG  . PRO A 1 37 ? -5.131  5.463   7.481   1.00 29.51  ? 145 PRO A CG  1 
ATOM   288 C CD  . PRO A 1 37 ? -4.185  5.011   8.535   1.00 28.03  ? 145 PRO A CD  1 
ATOM   289 N N   . ILE A 1 38 ? -1.771  3.827   4.846   1.00 26.36  ? 146 ILE A N   1 
ATOM   290 C CA  . ILE A 1 38 ? -0.545  4.259   4.176   1.00 23.86  ? 146 ILE A CA  1 
ATOM   291 C C   . ILE A 1 38 ? -0.863  4.505   2.708   1.00 27.31  ? 146 ILE A C   1 
ATOM   292 O O   . ILE A 1 38 ? -1.357  3.606   2.018   1.00 24.72  ? 146 ILE A O   1 
ATOM   293 C CB  . ILE A 1 38 ? 0.592   3.229   4.302   1.00 25.47  ? 146 ILE A CB  1 
ATOM   294 C CG1 . ILE A 1 38 ? 0.879   2.890   5.767   1.00 30.27  ? 146 ILE A CG1 1 
ATOM   295 C CG2 . ILE A 1 38 ? 1.868   3.772   3.624   1.00 25.84  ? 146 ILE A CG2 1 
ATOM   296 C CD1 . ILE A 1 38 ? 2.020   1.884   5.949   1.00 34.97  ? 146 ILE A CD1 1 
ATOM   297 N N   . GLN A 1 39 ? -0.552  5.708   2.228   1.00 25.18  ? 147 GLN A N   1 
ATOM   298 C CA  . GLN A 1 39 ? -0.787  6.094   0.844   1.00 28.12  ? 147 GLN A CA  1 
ATOM   299 C C   . GLN A 1 39 ? 0.515   5.936   0.073   1.00 31.83  ? 147 GLN A C   1 
ATOM   300 O O   . GLN A 1 39 ? 1.564   6.412   0.520   1.00 27.66  ? 147 GLN A O   1 
ATOM   301 C CB  . GLN A 1 39 ? -1.291  7.537   0.777   1.00 32.59  ? 147 GLN A CB  1 
ATOM   302 C CG  . GLN A 1 39 ? -1.476  8.089   -0.612  1.00 34.33  ? 147 GLN A CG  1 
ATOM   303 C CD  . GLN A 1 39 ? -2.645  7.458   -1.336  1.00 35.18  ? 147 GLN A CD  1 
ATOM   304 O OE1 . GLN A 1 39 ? -3.757  7.402   -0.809  1.00 45.93  ? 147 GLN A OE1 1 
ATOM   305 N NE2 . GLN A 1 39 ? -2.403  6.983   -2.556  1.00 36.60  ? 147 GLN A NE2 1 
ATOM   306 N N   . ILE A 1 40 ? 0.479   5.236   -1.058  1.00 26.29  ? 148 ILE A N   1 
ATOM   307 C CA  . ILE A 1 40 ? 1.715   5.010   -1.795  1.00 29.69  ? 148 ILE A CA  1 
ATOM   308 C C   . ILE A 1 40 ? 1.522   5.301   -3.277  1.00 30.43  ? 148 ILE A C   1 
ATOM   309 O O   . ILE A 1 40 ? 0.473   5.004   -3.863  1.00 30.16  ? 148 ILE A O   1 
ATOM   310 C CB  . ILE A 1 40 ? 2.282   3.587   -1.586  1.00 34.34  ? 148 ILE A CB  1 
ATOM   311 C CG1 . ILE A 1 40 ? 1.636   2.579   -2.519  1.00 41.26  ? 148 ILE A CG1 1 
ATOM   312 C CG2 . ILE A 1 40 ? 2.162   3.140   -0.142  1.00 34.87  ? 148 ILE A CG2 1 
ATOM   313 C CD1 . ILE A 1 40 ? 2.293   1.227   -2.463  1.00 56.72  ? 148 ILE A CD1 1 
ATOM   314 N N   . SER A 1 41 ? 2.545   5.913   -3.874  1.00 26.29  ? 149 SER A N   1 
ATOM   315 C CA  . SER A 1 41 ? 2.628   6.131   -5.309  1.00 29.66  ? 149 SER A CA  1 
ATOM   316 C C   . SER A 1 41 ? 3.896   5.460   -5.798  1.00 29.72  ? 149 SER A C   1 
ATOM   317 O O   . SER A 1 41 ? 4.970   5.667   -5.226  1.00 28.29  ? 149 SER A O   1 
ATOM   318 C CB  . SER A 1 41 ? 2.661   7.620   -5.657  1.00 30.48  ? 149 SER A CB  1 
ATOM   319 O OG  . SER A 1 41 ? 1.391   8.217   -5.475  1.00 37.24  ? 149 SER A OG  1 
ATOM   320 N N   . VAL A 1 42 ? 3.785   4.648   -6.838  1.00 28.16  ? 150 VAL A N   1 
ATOM   321 C CA  . VAL A 1 42 ? 4.933   3.871   -7.279  1.00 29.67  ? 150 VAL A CA  1 
ATOM   322 C C   . VAL A 1 42 ? 4.868   3.724   -8.793  1.00 29.88  ? 150 VAL A C   1 
ATOM   323 O O   . VAL A 1 42 ? 3.783   3.719   -9.383  1.00 27.88  ? 150 VAL A O   1 
ATOM   324 C CB  . VAL A 1 42 ? 4.971   2.526   -6.526  1.00 29.79  ? 150 VAL A CB  1 
ATOM   325 C CG1 . VAL A 1 42 ? 3.685   1.743   -6.763  1.00 29.39  ? 150 VAL A CG1 1 
ATOM   326 C CG2 . VAL A 1 42 ? 6.183   1.725   -6.896  1.00 33.85  ? 150 VAL A CG2 1 
ATOM   327 N N   . VAL A 1 43 ? 6.039   3.657   -9.426  1.00 30.06  ? 151 VAL A N   1 
ATOM   328 C CA  . VAL A 1 43 ? 6.168   3.636   -10.882 1.00 29.19  ? 151 VAL A CA  1 
ATOM   329 C C   . VAL A 1 43 ? 6.855   2.349   -11.315 1.00 28.59  ? 151 VAL A C   1 
ATOM   330 O O   . VAL A 1 43 ? 7.867   1.948   -10.728 1.00 29.64  ? 151 VAL A O   1 
ATOM   331 C CB  . VAL A 1 43 ? 6.944   4.866   -11.391 1.00 30.12  ? 151 VAL A CB  1 
ATOM   332 C CG1 . VAL A 1 43 ? 7.300   4.701   -12.866 1.00 33.19  ? 151 VAL A CG1 1 
ATOM   333 C CG2 . VAL A 1 43 ? 6.135   6.125   -11.189 1.00 30.63  ? 151 VAL A CG2 1 
ATOM   334 N N   . GLY A 1 44 ? 6.321   1.714   -12.358 1.00 27.95  ? 152 GLY A N   1 
ATOM   335 C CA  . GLY A 1 44 ? 6.917   0.495   -12.875 1.00 30.43  ? 152 GLY A CA  1 
ATOM   336 C C   . GLY A 1 44 ? 6.098   -0.036  -14.036 1.00 28.90  ? 152 GLY A C   1 
ATOM   337 O O   . GLY A 1 44 ? 5.100   0.562   -14.445 1.00 27.63  ? 152 GLY A O   1 
ATOM   338 N N   . GLY A 1 45 ? 6.542   -1.174  -14.565 1.00 27.02  ? 153 GLY A N   1 
ATOM   339 C CA  . GLY A 1 45 ? 5.765   -1.881  -15.563 1.00 25.03  ? 153 GLY A CA  1 
ATOM   340 C C   . GLY A 1 45 ? 4.615   -2.658  -14.943 1.00 26.26  ? 153 GLY A C   1 
ATOM   341 O O   . GLY A 1 45 ? 4.562   -2.900  -13.729 1.00 25.51  ? 153 GLY A O   1 
ATOM   342 N N   . TYR A 1 46 ? 3.672   -3.066  -15.792 1.00 23.88  ? 154 TYR A N   1 
ATOM   343 C CA  . TYR A 1 46 ? 2.522   -3.834  -15.299 1.00 25.06  ? 154 TYR A CA  1 
ATOM   344 C C   . TYR A 1 46 ? 2.944   -5.055  -14.497 1.00 23.33  ? 154 TYR A C   1 
ATOM   345 O O   . TYR A 1 46 ? 2.361   -5.349  -13.444 1.00 24.39  ? 154 TYR A O   1 
ATOM   346 C CB  . TYR A 1 46 ? 1.643   -4.290  -16.463 1.00 27.93  ? 154 TYR A CB  1 
ATOM   347 C CG  . TYR A 1 46 ? 0.847   -3.201  -17.125 1.00 29.33  ? 154 TYR A CG  1 
ATOM   348 C CD1 . TYR A 1 46 ? -0.279  -2.664  -16.512 1.00 33.86  ? 154 TYR A CD1 1 
ATOM   349 C CD2 . TYR A 1 46 ? 1.200   -2.733  -18.383 1.00 29.38  ? 154 TYR A CD2 1 
ATOM   350 C CE1 . TYR A 1 46 ? -1.011  -1.662  -17.136 1.00 35.72  ? 154 TYR A CE1 1 
ATOM   351 C CE2 . TYR A 1 46 ? 0.478   -1.745  -19.004 1.00 32.45  ? 154 TYR A CE2 1 
ATOM   352 C CZ  . TYR A 1 46 ? -0.623  -1.218  -18.384 1.00 34.26  ? 154 TYR A CZ  1 
ATOM   353 O OH  . TYR A 1 46 ? -1.333  -0.227  -19.018 1.00 42.83  ? 154 TYR A OH  1 
ATOM   354 N N   . HIS A 1 47 ? 3.931   -5.797  -15.000 1.00 24.29  ? 155 HIS A N   1 
ATOM   355 C CA  . HIS A 1 47 ? 4.352   -7.035  -14.361 1.00 24.84  ? 155 HIS A CA  1 
ATOM   356 C C   . HIS A 1 47 ? 4.881   -6.775  -12.956 1.00 26.18  ? 155 HIS A C   1 
ATOM   357 O O   . HIS A 1 47 ? 4.464   -7.417  -11.990 1.00 24.48  ? 155 HIS A O   1 
ATOM   358 C CB  . HIS A 1 47 ? 5.421   -7.709  -15.215 1.00 24.31  ? 155 HIS A CB  1 
ATOM   359 C CG  . HIS A 1 47 ? 5.690   -9.132  -14.842 1.00 25.16  ? 155 HIS A CG  1 
ATOM   360 N ND1 . HIS A 1 47 ? 6.533   -9.937  -15.574 1.00 28.49  ? 155 HIS A ND1 1 
ATOM   361 C CD2 . HIS A 1 47 ? 5.208   -9.905  -13.839 1.00 26.48  ? 155 HIS A CD2 1 
ATOM   362 C CE1 . HIS A 1 47 ? 6.573   -11.140 -15.029 1.00 28.96  ? 155 HIS A CE1 1 
ATOM   363 N NE2 . HIS A 1 47 ? 5.776   -11.146 -13.974 1.00 26.83  ? 155 HIS A NE2 1 
ATOM   364 N N   . ASP A 1 48 ? 5.825   -5.843  -12.826 1.00 22.96  ? 156 ASP A N   1 
ATOM   365 C CA  . ASP A 1 48 ? 6.378   -5.566  -11.503 1.00 27.14  ? 156 ASP A CA  1 
ATOM   366 C C   . ASP A 1 48 ? 5.337   -4.970  -10.561 1.00 26.82  ? 156 ASP A C   1 
ATOM   367 O O   . ASP A 1 48 ? 5.357   -5.242  -9.352  1.00 26.42  ? 156 ASP A O   1 
ATOM   368 C CB  . ASP A 1 48 ? 7.584   -4.641  -11.653 1.00 25.76  ? 156 ASP A CB  1 
ATOM   369 C CG  . ASP A 1 48 ? 8.747   -5.316  -12.342 1.00 30.93  ? 156 ASP A CG  1 
ATOM   370 O OD1 . ASP A 1 48 ? 9.053   -6.490  -12.027 1.00 28.74  ? 156 ASP A OD1 1 
ATOM   371 O OD2 . ASP A 1 48 ? 9.359   -4.676  -13.213 1.00 27.24  ? 156 ASP A OD2 1 
ATOM   372 N N   . LEU A 1 49 ? 4.432   -4.146  -11.076 1.00 23.40  ? 157 LEU A N   1 
ATOM   373 C CA  . LEU A 1 49 ? 3.373   -3.620  -10.226 1.00 24.43  ? 157 LEU A CA  1 
ATOM   374 C C   . LEU A 1 49 ? 2.454   -4.736  -9.757  1.00 27.23  ? 157 LEU A C   1 
ATOM   375 O O   . LEU A 1 49 ? 2.049   -4.773  -8.581  1.00 25.89  ? 157 LEU A O   1 
ATOM   376 C CB  . LEU A 1 49 ? 2.592   -2.556  -10.981 1.00 25.18  ? 157 LEU A CB  1 
ATOM   377 C CG  . LEU A 1 49 ? 3.356   -1.248  -11.221 1.00 26.78  ? 157 LEU A CG  1 
ATOM   378 C CD1 . LEU A 1 49 ? 2.655   -0.403  -12.273 1.00 27.43  ? 157 LEU A CD1 1 
ATOM   379 C CD2 . LEU A 1 49 ? 3.437   -0.469  -9.900  1.00 29.85  ? 157 LEU A CD2 1 
ATOM   380 N N   . ALA A 1 50 ? 2.110   -5.657  -10.659 1.00 24.49  ? 158 ALA A N   1 
ATOM   381 C CA  . ALA A 1 50 ? 1.257   -6.782  -10.274 1.00 24.48  ? 158 ALA A CA  1 
ATOM   382 C C   . ALA A 1 50 ? 1.932   -7.650  -9.227  1.00 25.38  ? 158 ALA A C   1 
ATOM   383 O O   . ALA A 1 50 ? 1.291   -8.054  -8.250  1.00 26.37  ? 158 ALA A O   1 
ATOM   384 C CB  . ALA A 1 50 ? 0.906   -7.623  -11.495 1.00 27.16  ? 158 ALA A CB  1 
ATOM   385 N N   . THR A 1 51 ? 3.223   -7.942  -9.411  1.00 24.10  ? 159 THR A N   1 
ATOM   386 C CA  . THR A 1 51 ? 3.951   -8.748  -8.438  1.00 26.31  ? 159 THR A CA  1 
ATOM   387 C C   . THR A 1 51 ? 3.926   -8.085  -7.069  1.00 24.69  ? 159 THR A C   1 
ATOM   388 O O   . THR A 1 51 ? 3.757   -8.758  -6.042  1.00 26.96  ? 159 THR A O   1 
ATOM   389 C CB  . THR A 1 51 ? 5.387   -8.967  -8.914  1.00 30.76  ? 159 THR A CB  1 
ATOM   390 O OG1 . THR A 1 51 ? 5.365   -9.716  -10.133 1.00 27.66  ? 159 THR A OG1 1 
ATOM   391 C CG2 . THR A 1 51 ? 6.184   -9.742  -7.894  1.00 29.62  ? 159 THR A CG2 1 
ATOM   392 N N   . PHE A 1 52 ? 4.075   -6.763  -7.043  1.00 23.78  ? 160 PHE A N   1 
ATOM   393 C CA  . PHE A 1 52 ? 3.980   -6.015  -5.787  1.00 25.57  ? 160 PHE A CA  1 
ATOM   394 C C   . PHE A 1 52 ? 2.603   -6.173  -5.135  1.00 25.20  ? 160 PHE A C   1 
ATOM   395 O O   . PHE A 1 52 ? 2.504   -6.446  -3.932  1.00 24.38  ? 160 PHE A O   1 
ATOM   396 C CB  . PHE A 1 52 ? 4.291   -4.545  -6.049  1.00 24.78  ? 160 PHE A CB  1 
ATOM   397 C CG  . PHE A 1 52 ? 4.134   -3.663  -4.834  1.00 26.50  ? 160 PHE A CG  1 
ATOM   398 C CD1 . PHE A 1 52 ? 5.020   -3.763  -3.779  1.00 29.73  ? 160 PHE A CD1 1 
ATOM   399 C CD2 . PHE A 1 52 ? 3.126   -2.716  -4.770  1.00 27.63  ? 160 PHE A CD2 1 
ATOM   400 C CE1 . PHE A 1 52 ? 4.889   -2.942  -2.657  1.00 31.17  ? 160 PHE A CE1 1 
ATOM   401 C CE2 . PHE A 1 52 ? 2.988   -1.896  -3.651  1.00 32.16  ? 160 PHE A CE2 1 
ATOM   402 C CZ  . PHE A 1 52 ? 3.877   -2.016  -2.596  1.00 30.65  ? 160 PHE A CZ  1 
ATOM   403 N N   . VAL A 1 53 ? 1.525   -5.965  -5.899  1.00 22.91  ? 161 VAL A N   1 
ATOM   404 C CA  . VAL A 1 53 ? 0.180   -6.087  -5.329  1.00 23.99  ? 161 VAL A CA  1 
ATOM   405 C C   . VAL A 1 53 ? -0.044  -7.494  -4.774  1.00 24.44  ? 161 VAL A C   1 
ATOM   406 O O   . VAL A 1 53 ? -0.593  -7.672  -3.675  1.00 22.17  ? 161 VAL A O   1 
ATOM   407 C CB  . VAL A 1 53 ? -0.878  -5.708  -6.384  1.00 24.83  ? 161 VAL A CB  1 
ATOM   408 C CG1 . VAL A 1 53 ? -2.292  -6.050  -5.875  1.00 25.53  ? 161 VAL A CG1 1 
ATOM   409 C CG2 . VAL A 1 53 ? -0.797  -4.235  -6.722  1.00 26.95  ? 161 VAL A CG2 1 
ATOM   410 N N   . SER A 1 54 ? 0.403   -8.516  -5.505  1.00 23.93  ? 162 SER A N   1 
ATOM   411 C CA  . SER A 1 54 ? 0.291   -9.883  -5.004  1.00 27.28  ? 162 SER A CA  1 
ATOM   412 C C   . SER A 1 54 ? 1.130   -10.082 -3.752  1.00 24.36  ? 162 SER A C   1 
ATOM   413 O O   . SER A 1 54 ? 0.725   -10.797 -2.833  1.00 25.94  ? 162 SER A O   1 
ATOM   414 C CB  . SER A 1 54 ? 0.714   -10.878 -6.081  1.00 29.66  ? 162 SER A CB  1 
ATOM   415 O OG  . SER A 1 54 ? -0.274  -10.922 -7.084  1.00 31.26  ? 162 SER A OG  1 
ATOM   416 N N   . GLY A 1 55 ? 2.309   -9.472  -3.707  1.00 25.36  ? 163 GLY A N   1 
ATOM   417 C CA  . GLY A 1 55 ? 3.138   -9.593  -2.521  1.00 26.97  ? 163 GLY A CA  1 
ATOM   418 C C   . GLY A 1 55 ? 2.458   -9.023  -1.295  1.00 24.76  ? 163 GLY A C   1 
ATOM   419 O O   . GLY A 1 55 ? 2.440   -9.647  -0.233  1.00 26.36  ? 163 GLY A O   1 
ATOM   420 N N   . VAL A 1 56 ? 1.885   -7.827  -1.425  1.00 23.20  ? 164 VAL A N   1 
ATOM   421 C CA  . VAL A 1 56 ? 1.195   -7.231  -0.286  1.00 21.23  ? 164 VAL A CA  1 
ATOM   422 C C   . VAL A 1 56 ? 0.001   -8.089  0.097   1.00 24.74  ? 164 VAL A C   1 
ATOM   423 O O   . VAL A 1 56 ? -0.253  -8.337  1.281   1.00 25.91  ? 164 VAL A O   1 
ATOM   424 C CB  . VAL A 1 56 ? 0.776   -5.786  -0.608  1.00 23.25  ? 164 VAL A CB  1 
ATOM   425 C CG1 . VAL A 1 56 ? -0.101  -5.213  0.503   1.00 23.31  ? 164 VAL A CG1 1 
ATOM   426 C CG2 . VAL A 1 56 ? 2.016   -4.918  -0.818  1.00 24.82  ? 164 VAL A CG2 1 
ATOM   427 N N   . SER A 1 57 ? -0.712  -8.602  -0.904  1.00 23.28  ? 165 SER A N   1 
ATOM   428 C CA  . SER A 1 57 ? -1.901  -9.409  -0.668  1.00 25.25  ? 165 SER A CA  1 
ATOM   429 C C   . SER A 1 57 ? -1.583  -10.715 0.046   1.00 26.08  ? 165 SER A C   1 
ATOM   430 O O   . SER A 1 57 ? -2.471  -11.295 0.675   1.00 24.79  ? 165 SER A O   1 
ATOM   431 C CB  . SER A 1 57 ? -2.599  -9.702  -2.005  1.00 24.97  ? 165 SER A CB  1 
ATOM   432 O OG  . SER A 1 57 ? -2.991  -8.509  -2.678  1.00 24.78  ? 165 SER A OG  1 
ATOM   433 N N   . SER A 1 58 ? -0.348  -11.202 -0.061  1.00 26.33  ? 166 SER A N   1 
ATOM   434 C CA  . SER A 1 58 ? 0.055   -12.477 0.507   1.00 27.23  ? 166 SER A CA  1 
ATOM   435 C C   . SER A 1 58 ? 0.680   -12.348 1.892   1.00 29.09  ? 166 SER A C   1 
ATOM   436 O O   . SER A 1 58 ? 1.069   -13.364 2.474   1.00 31.26  ? 166 SER A O   1 
ATOM   437 C CB  . SER A 1 58 ? 1.036   -13.171 -0.442  1.00 31.77  ? 166 SER A CB  1 
ATOM   438 O OG  . SER A 1 58 ? 0.441   -13.304 -1.719  1.00 30.67  ? 166 SER A OG  1 
ATOM   439 N N   . LEU A 1 59 ? 0.789   -11.139 2.425   1.00 28.25  ? 167 LEU A N   1 
ATOM   440 C CA  . LEU A 1 59 ? 1.338   -10.974 3.765   1.00 30.12  ? 167 LEU A CA  1 
ATOM   441 C C   . LEU A 1 59 ? 0.426   -11.646 4.789   1.00 30.26  ? 167 LEU A C   1 
ATOM   442 O O   . LEU A 1 59 ? -0.804  -11.620 4.644   1.00 29.84  ? 167 LEU A O   1 
ATOM   443 C CB  . LEU A 1 59 ? 1.500   -9.487  4.097   1.00 28.62  ? 167 LEU A CB  1 
ATOM   444 C CG  . LEU A 1 59 ? 2.522   -8.714  3.258   1.00 30.15  ? 167 LEU A CG  1 
ATOM   445 C CD1 . LEU A 1 59 ? 2.376   -7.224  3.507   1.00 28.98  ? 167 LEU A CD1 1 
ATOM   446 C CD2 . LEU A 1 59 ? 3.932   -9.191  3.560   1.00 31.76  ? 167 LEU A CD2 1 
ATOM   447 N N   . PRO A 1 60 ? 0.958   -12.240 5.795   1.00 29.78  ? 168 PRO A N   1 
ATOM   448 C CA  . PRO A 1 60 ? 0.131   -12.931 6.801   1.00 32.63  ? 168 PRO A CA  1 
ATOM   449 C C   . PRO A 1 60 ? -0.502  -11.962 7.798   1.00 31.68  ? 168 PRO A C   1 
ATOM   450 O O   . PRO A 1 60 ? -0.303  -12.054 9.009   1.00 31.43  ? 168 PRO A O   1 
ATOM   451 C CB  . PRO A 1 60 ? 1.139   -13.880 7.459   1.00 32.21  ? 168 PRO A CB  1 
ATOM   452 C CG  . PRO A 1 60 ? 2.428   -13.158 7.382   1.00 33.92  ? 168 PRO A CG  1 
ATOM   453 C CD  . PRO A 1 60 ? 2.401   -12.372 6.075   1.00 33.15  ? 168 PRO A CD  1 
ATOM   454 N N   . ARG A 1 61 ? -1.286  -11.025 7.278   1.00 28.14  ? 169 ARG A N   1 
ATOM   455 C CA  . ARG A 1 61 ? -1.972  -10.050 8.115   1.00 30.29  ? 169 ARG A CA  1 
ATOM   456 C C   . ARG A 1 61 ? -3.088  -9.432  7.290   1.00 29.75  ? 169 ARG A C   1 
ATOM   457 O O   . ARG A 1 61 ? -3.079  -9.493  6.062   1.00 25.31  ? 169 ARG A O   1 
ATOM   458 C CB  . ARG A 1 61 ? -1.011  -8.970  8.617   1.00 33.37  ? 169 ARG A CB  1 
ATOM   459 C CG  . ARG A 1 61 ? -0.559  -8.033  7.516   1.00 32.33  ? 169 ARG A CG  1 
ATOM   460 C CD  . ARG A 1 61 ? 0.563   -7.096  7.980   1.00 35.38  ? 169 ARG A CD  1 
ATOM   461 N NE  . ARG A 1 61 ? 0.173   -6.255  9.111   1.00 39.60  ? 169 ARG A NE  1 
ATOM   462 C CZ  . ARG A 1 61 ? 1.030   -5.521  9.813   1.00 42.08  ? 169 ARG A CZ  1 
ATOM   463 N NH1 . ARG A 1 61 ? 2.315   -5.541  9.503   1.00 40.38  ? 169 ARG A NH1 1 
ATOM   464 N NH2 . ARG A 1 61 ? 0.604   -4.779  10.831  1.00 43.84  ? 169 ARG A NH2 1 
ATOM   465 N N   . ILE A 1 62 ? -4.061  -8.839  7.971   1.00 25.04  ? 170 ILE A N   1 
ATOM   466 C CA  . ILE A 1 62 ? -5.164  -8.209  7.257   1.00 24.10  ? 170 ILE A CA  1 
ATOM   467 C C   . ILE A 1 62 ? -4.689  -6.864  6.722   1.00 26.78  ? 170 ILE A C   1 
ATOM   468 O O   . ILE A 1 62 ? -4.421  -5.935  7.491   1.00 24.98  ? 170 ILE A O   1 
ATOM   469 C CB  . ILE A 1 62 ? -6.401  -8.040  8.143   1.00 24.45  ? 170 ILE A CB  1 
ATOM   470 C CG1 . ILE A 1 62 ? -6.929  -9.408  8.580   1.00 25.55  ? 170 ILE A CG1 1 
ATOM   471 C CG2 . ILE A 1 62 ? -7.467  -7.296  7.361   1.00 25.77  ? 170 ILE A CG2 1 
ATOM   472 C CD1 . ILE A 1 62 ? -8.109  -9.306  9.589   1.00 25.49  ? 170 ILE A CD1 1 
ATOM   473 N N   . VAL A 1 63 ? -4.605  -6.756  5.399   1.00 23.73  ? 171 VAL A N   1 
ATOM   474 C CA  . VAL A 1 63 ? -4.350  -5.504  4.704   1.00 22.72  ? 171 VAL A CA  1 
ATOM   475 C C   . VAL A 1 63 ? -5.505  -5.288  3.752   1.00 22.71  ? 171 VAL A C   1 
ATOM   476 O O   . VAL A 1 63 ? -5.832  -6.188  2.967   1.00 25.38  ? 171 VAL A O   1 
ATOM   477 C CB  . VAL A 1 63 ? -3.028  -5.536  3.919   1.00 23.44  ? 171 VAL A CB  1 
ATOM   478 C CG1 . VAL A 1 63 ? -2.770  -4.165  3.290   1.00 23.40  ? 171 VAL A CG1 1 
ATOM   479 C CG2 . VAL A 1 63 ? -1.876  -5.981  4.796   1.00 27.26  ? 171 VAL A CG2 1 
ATOM   480 N N   . THR A 1 64 ? -6.136  -4.129  3.816   1.00 22.32  ? 172 THR A N   1 
ATOM   481 C CA  . THR A 1 64 ? -7.122  -3.781  2.806   1.00 24.71  ? 172 THR A CA  1 
ATOM   482 C C   . THR A 1 64 ? -6.526  -2.738  1.867   1.00 25.19  ? 172 THR A C   1 
ATOM   483 O O   . THR A 1 64 ? -5.634  -1.969  2.249   1.00 23.89  ? 172 THR A O   1 
ATOM   484 C CB  . THR A 1 64 ? -8.433  -3.273  3.420   1.00 24.99  ? 172 THR A CB  1 
ATOM   485 O OG1 . THR A 1 64 ? -8.193  -2.073  4.160   1.00 25.45  ? 172 THR A OG1 1 
ATOM   486 C CG2 . THR A 1 64 ? -9.041  -4.323  4.341   1.00 25.50  ? 172 THR A CG2 1 
ATOM   487 N N   . LEU A 1 65 ? -6.981  -2.756  0.616   1.00 24.20  ? 173 LEU A N   1 
ATOM   488 C CA  . LEU A 1 65 ? -6.459  -1.872  -0.420  1.00 25.05  ? 173 LEU A CA  1 
ATOM   489 C C   . LEU A 1 65 ? -7.592  -1.033  -0.993  1.00 27.63  ? 173 LEU A C   1 
ATOM   490 O O   . LEU A 1 65 ? -8.712  -1.523  -1.166  1.00 28.79  ? 173 LEU A O   1 
ATOM   491 C CB  . LEU A 1 65 ? -5.769  -2.670  -1.542  1.00 25.32  ? 173 LEU A CB  1 
ATOM   492 C CG  . LEU A 1 65 ? -4.720  -3.710  -1.129  1.00 24.56  ? 173 LEU A CG  1 
ATOM   493 C CD1 . LEU A 1 65 ? -4.198  -4.460  -2.358  1.00 24.62  ? 173 LEU A CD1 1 
ATOM   494 C CD2 . LEU A 1 65 ? -3.543  -3.061  -0.393  1.00 25.15  ? 173 LEU A CD2 1 
ATOM   495 N N   . HIS A 1 66 ? -7.303  0.235   -1.292  1.00 27.21  ? 174 HIS A N   1 
ATOM   496 C CA  . HIS A 1 66 ? -8.335  1.198   -1.652  1.00 28.68  ? 174 HIS A CA  1 
ATOM   497 C C   . HIS A 1 66 ? -7.796  2.174   -2.683  1.00 29.36  ? 174 HIS A C   1 
ATOM   498 O O   . HIS A 1 66 ? -6.587  2.328   -2.844  1.00 28.55  ? 174 HIS A O   1 
ATOM   499 C CB  . HIS A 1 66 ? -8.813  1.980   -0.433  1.00 25.67  ? 174 HIS A CB  1 
ATOM   500 C CG  . HIS A 1 66 ? -9.056  1.114   0.759   1.00 28.27  ? 174 HIS A CG  1 
ATOM   501 N ND1 . HIS A 1 66 ? -10.311 0.648   1.089   1.00 31.20  ? 174 HIS A ND1 1 
ATOM   502 C CD2 . HIS A 1 66 ? -8.203  0.579   1.663   1.00 26.06  ? 174 HIS A CD2 1 
ATOM   503 C CE1 . HIS A 1 66 ? -10.222 -0.115  2.163   1.00 28.56  ? 174 HIS A CE1 1 
ATOM   504 N NE2 . HIS A 1 66 ? -8.955  -0.180  2.527   1.00 27.08  ? 174 HIS A NE2 1 
ATOM   505 N N   . ASP A 1 67 ? -8.722  2.847   -3.369  1.00 30.63  ? 175 ASP A N   1 
ATOM   506 C CA  . ASP A 1 67 ? -8.400  4.007   -4.208  1.00 31.32  ? 175 ASP A CA  1 
ATOM   507 C C   . ASP A 1 67 ? -7.332  3.685   -5.247  1.00 33.02  ? 175 ASP A C   1 
ATOM   508 O O   . ASP A 1 67 ? -6.397  4.461   -5.467  1.00 33.00  ? 175 ASP A O   1 
ATOM   509 C CB  . ASP A 1 67 ? -7.967  5.190   -3.344  1.00 32.65  ? 175 ASP A CB  1 
ATOM   510 C CG  . ASP A 1 67 ? -9.042  5.634   -2.400  1.00 36.28  ? 175 ASP A CG  1 
ATOM   511 O OD1 . ASP A 1 67 ? -10.236 5.483   -2.736  1.00 41.19  ? 175 ASP A OD1 1 
ATOM   512 O OD2 . ASP A 1 67 ? -8.697  6.120   -1.307  1.00 41.40  ? 175 ASP A OD2 1 
ATOM   513 N N   . PHE A 1 68 ? -7.472  2.532   -5.890  1.00 33.92  ? 176 PHE A N   1 
ATOM   514 C CA  . PHE A 1 68 ? -6.491  2.085   -6.869  1.00 34.50  ? 176 PHE A CA  1 
ATOM   515 C C   . PHE A 1 68 ? -6.543  2.978   -8.104  1.00 39.16  ? 176 PHE A C   1 
ATOM   516 O O   . PHE A 1 68 ? -7.610  3.200   -8.683  1.00 42.20  ? 176 PHE A O   1 
ATOM   517 C CB  . PHE A 1 68 ? -6.764  0.626   -7.237  1.00 36.49  ? 176 PHE A CB  1 
ATOM   518 C CG  . PHE A 1 68 ? -5.687  -0.030  -8.053  1.00 41.70  ? 176 PHE A CG  1 
ATOM   519 C CD1 . PHE A 1 68 ? -5.514  0.285   -9.391  1.00 44.98  ? 176 PHE A CD1 1 
ATOM   520 C CD2 . PHE A 1 68 ? -4.878  -1.000  -7.490  1.00 45.10  ? 176 PHE A CD2 1 
ATOM   521 C CE1 . PHE A 1 68 ? -4.533  -0.335  -10.155 1.00 44.48  ? 176 PHE A CE1 1 
ATOM   522 C CE2 . PHE A 1 68 ? -3.901  -1.624  -8.242  1.00 44.16  ? 176 PHE A CE2 1 
ATOM   523 C CZ  . PHE A 1 68 ? -3.728  -1.289  -9.578  1.00 49.32  ? 176 PHE A CZ  1 
ATOM   524 N N   . GLU A 1 69 ? -5.388  3.496   -8.500  1.00 35.82  ? 177 GLU A N   1 
ATOM   525 C CA  . GLU A 1 69 ? -5.257  4.345   -9.673  1.00 42.97  ? 177 GLU A CA  1 
ATOM   526 C C   . GLU A 1 69 ? -4.038  3.887   -10.459 1.00 41.23  ? 177 GLU A C   1 
ATOM   527 O O   . GLU A 1 69 ? -3.009  3.545   -9.871  1.00 35.40  ? 177 GLU A O   1 
ATOM   528 C CB  . GLU A 1 69 ? -5.114  5.820   -9.268  1.00 48.80  ? 177 GLU A CB  1 
ATOM   529 C CG  . GLU A 1 69 ? -4.880  6.783   -10.417 1.00 63.68  ? 177 GLU A CG  1 
ATOM   530 C CD  . GLU A 1 69 ? -6.169  7.338   -10.986 1.00 89.24  ? 177 GLU A CD  1 
ATOM   531 O OE1 . GLU A 1 69 ? -7.179  7.370   -10.248 1.00 91.91  ? 177 GLU A OE1 1 
ATOM   532 O OE2 . GLU A 1 69 ? -6.173  7.742   -12.170 1.00 101.45 ? 177 GLU A OE2 1 
ATOM   533 N N   . ILE A 1 70 ? -4.157  3.846   -11.783 1.00 42.72  ? 178 ILE A N   1 
ATOM   534 C CA  . ILE A 1 70 ? -2.995  3.546   -12.614 1.00 39.63  ? 178 ILE A CA  1 
ATOM   535 C C   . ILE A 1 70 ? -3.113  4.331   -13.911 1.00 42.71  ? 178 ILE A C   1 
ATOM   536 O O   . ILE A 1 70 ? -4.174  4.369   -14.543 1.00 42.75  ? 178 ILE A O   1 
ATOM   537 C CB  . ILE A 1 70 ? -2.826  2.037   -12.875 1.00 39.45  ? 178 ILE A CB  1 
ATOM   538 C CG1 . ILE A 1 70 ? -1.524  1.771   -13.622 1.00 39.78  ? 178 ILE A CG1 1 
ATOM   539 C CG2 . ILE A 1 70 ? -3.994  1.497   -13.656 1.00 46.76  ? 178 ILE A CG2 1 
ATOM   540 C CD1 . ILE A 1 70 ? -1.135  0.315   -13.640 1.00 42.23  ? 178 ILE A CD1 1 
ATOM   541 N N   . LYS A 1 71 ? -2.025  4.989   -14.280 1.00 38.35  ? 179 LYS A N   1 
ATOM   542 C CA  . LYS A 1 71 ? -1.985  5.780   -15.497 1.00 41.89  ? 179 LYS A CA  1 
ATOM   543 C C   . LYS A 1 71 ? -0.569  5.719   -16.025 1.00 37.82  ? 179 LYS A C   1 
ATOM   544 O O   . LYS A 1 71 ? 0.376   5.654   -15.238 1.00 37.46  ? 179 LYS A O   1 
ATOM   545 C CB  . LYS A 1 71 ? -2.397  7.237   -15.241 1.00 43.37  ? 179 LYS A CB  1 
ATOM   546 N N   . PRO A 1 72 ? -0.391  5.716   -17.347 1.00 40.33  ? 180 PRO A N   1 
ATOM   547 C CA  . PRO A 1 72 ? 0.965   5.814   -17.899 1.00 41.19  ? 180 PRO A CA  1 
ATOM   548 C C   . PRO A 1 72 ? 1.617   7.129   -17.505 1.00 45.64  ? 180 PRO A C   1 
ATOM   549 O O   . PRO A 1 72 ? 0.956   8.165   -17.397 1.00 46.20  ? 180 PRO A O   1 
ATOM   550 C CB  . PRO A 1 72 ? 0.738   5.727   -19.415 1.00 43.65  ? 180 PRO A CB  1 
ATOM   551 C CG  . PRO A 1 72 ? -0.577  5.005   -19.559 1.00 42.09  ? 180 PRO A CG  1 
ATOM   552 C CD  . PRO A 1 72 ? -1.404  5.435   -18.376 1.00 40.32  ? 180 PRO A CD  1 
ATOM   553 N N   . VAL A 1 73 ? 2.929   7.081   -17.278 1.00 43.66  ? 181 VAL A N   1 
ATOM   554 C CA  . VAL A 1 73 ? 3.636   8.290   -16.872 1.00 49.02  ? 181 VAL A CA  1 
ATOM   555 C C   . VAL A 1 73 ? 3.819   9.229   -18.057 1.00 56.26  ? 181 VAL A C   1 
ATOM   556 O O   . VAL A 1 73 ? 3.911   10.451  -17.884 1.00 61.70  ? 181 VAL A O   1 
ATOM   557 C CB  . VAL A 1 73 ? 4.984   7.931   -16.221 1.00 48.88  ? 181 VAL A CB  1 
ATOM   558 C CG1 . VAL A 1 73 ? 4.767   6.959   -15.078 1.00 43.84  ? 181 VAL A CG1 1 
ATOM   559 C CG2 . VAL A 1 73 ? 5.943   7.346   -17.248 1.00 54.88  ? 181 VAL A CG2 1 
ATOM   560 N N   . ALA A 1 74 ? 3.863   8.685   -19.269 1.00 58.35  ? 182 ALA A N   1 
ATOM   561 C CA  . ALA A 1 74 ? 4.089   9.452   -20.482 1.00 68.56  ? 182 ALA A CA  1 
ATOM   562 C C   . ALA A 1 74 ? 3.371   8.743   -21.630 1.00 73.78  ? 182 ALA A C   1 
ATOM   563 O O   . ALA A 1 74 ? 3.163   7.529   -21.566 1.00 72.39  ? 182 ALA A O   1 
ATOM   564 C CB  . ALA A 1 74 ? 5.587   9.596   -20.785 1.00 69.26  ? 182 ALA A CB  1 
ATOM   565 N N   . PRO A 1 75 ? 2.991   9.479   -22.674 1.00 82.72  ? 183 PRO A N   1 
ATOM   566 C CA  . PRO A 1 75 ? 2.232   8.852   -23.775 1.00 86.23  ? 183 PRO A CA  1 
ATOM   567 C C   . PRO A 1 75 ? 3.042   7.890   -24.630 1.00 89.37  ? 183 PRO A C   1 
ATOM   568 O O   . PRO A 1 75 ? 2.492   7.344   -25.594 1.00 90.77  ? 183 PRO A O   1 
ATOM   569 C CB  . PRO A 1 75 ? 1.772   10.057  -24.614 1.00 88.43  ? 183 PRO A CB  1 
ATOM   570 C CG  . PRO A 1 75 ? 1.979   11.262  -23.745 1.00 86.78  ? 183 PRO A CG  1 
ATOM   571 C CD  . PRO A 1 75 ? 3.140   10.928  -22.873 1.00 85.19  ? 183 PRO A CD  1 
ATOM   572 N N   . GLY A 1 76 ? 4.311   7.649   -24.309 1.00 90.91  ? 184 GLY A N   1 
ATOM   573 C CA  . GLY A 1 76 ? 5.185   6.897   -25.188 1.00 97.26  ? 184 GLY A CA  1 
ATOM   574 C C   . GLY A 1 76 ? 4.810   5.432   -25.321 1.00 96.73  ? 184 GLY A C   1 
ATOM   575 O O   . GLY A 1 76 ? 3.895   4.910   -24.678 1.00 93.58  ? 184 GLY A O   1 
ATOM   576 N N   . SER A 1 77 ? 5.555   4.756   -26.197 1.00 102.40 ? 185 SER A N   1 
ATOM   577 C CA  . SER A 1 77 ? 5.344   3.337   -26.456 1.00 98.43  ? 185 SER A CA  1 
ATOM   578 C C   . SER A 1 77 ? 5.677   2.512   -25.221 1.00 88.58  ? 185 SER A C   1 
ATOM   579 O O   . SER A 1 77 ? 6.811   2.547   -24.730 1.00 90.19  ? 185 SER A O   1 
ATOM   580 C CB  . SER A 1 77 ? 6.200   2.877   -27.640 1.00 95.28  ? 185 SER A CB  1 
ATOM   581 O OG  . SER A 1 77 ? 5.550   3.087   -28.883 1.00 94.51  ? 185 SER A OG  1 
ATOM   582 N N   . THR A 1 78 ? 4.682   1.778   -24.721 1.00 81.89  ? 186 THR A N   1 
ATOM   583 C CA  . THR A 1 78 ? 4.878   0.760   -23.687 1.00 72.24  ? 186 THR A CA  1 
ATOM   584 C C   . THR A 1 78 ? 5.527   1.327   -22.423 1.00 64.50  ? 186 THR A C   1 
ATOM   585 O O   . THR A 1 78 ? 6.189   0.601   -21.676 1.00 53.39  ? 186 THR A O   1 
ATOM   586 C CB  . THR A 1 78 ? 5.713   -0.413  -24.223 1.00 67.65  ? 186 THR A CB  1 
ATOM   587 O OG1 . THR A 1 78 ? 7.105   -0.064  -24.230 1.00 70.08  ? 186 THR A OG1 1 
ATOM   588 C CG2 . THR A 1 78 ? 5.274   -0.797  -25.643 1.00 74.88  ? 186 THR A CG2 1 
ATOM   589 N N   . SER A 1 79 ? 5.356   2.619   -22.160 1.00 68.22  ? 187 SER A N   1 
ATOM   590 C CA  . SER A 1 79 ? 6.109   3.217   -21.070 1.00 63.63  ? 187 SER A CA  1 
ATOM   591 C C   . SER A 1 79 ? 5.522   2.799   -19.722 1.00 50.80  ? 187 SER A C   1 
ATOM   592 O O   . SER A 1 79 ? 4.422   2.241   -19.632 1.00 50.38  ? 187 SER A O   1 
ATOM   593 C CB  . SER A 1 79 ? 6.149   4.742   -21.203 1.00 69.24  ? 187 SER A CB  1 
ATOM   594 O OG  . SER A 1 79 ? 5.004   5.354   -20.634 1.00 73.14  ? 187 SER A OG  1 
ATOM   595 N N   . LYS A 1 80 ? 6.282   3.074   -18.665 1.00 48.49  ? 188 LYS A N   1 
ATOM   596 C CA  . LYS A 1 80 ? 5.911   2.635   -17.328 1.00 40.76  ? 188 LYS A CA  1 
ATOM   597 C C   . LYS A 1 80 ? 4.670   3.371   -16.829 1.00 39.68  ? 188 LYS A C   1 
ATOM   598 O O   . LYS A 1 80 ? 4.255   4.405   -17.367 1.00 38.37  ? 188 LYS A O   1 
ATOM   599 C CB  . LYS A 1 80 ? 7.078   2.831   -16.360 1.00 37.65  ? 188 LYS A CB  1 
ATOM   600 C CG  . LYS A 1 80 ? 8.253   1.904   -16.649 1.00 43.40  ? 188 LYS A CG  1 
ATOM   601 C CD  . LYS A 1 80 ? 9.323   1.980   -15.574 1.00 47.53  ? 188 LYS A CD  1 
ATOM   602 C CE  . LYS A 1 80 ? 10.008  3.341   -15.554 1.00 59.01  ? 188 LYS A CE  1 
ATOM   603 N NZ  . LYS A 1 80 ? 11.078  3.404   -14.514 1.00 67.99  ? 188 LYS A NZ  1 
ATOM   604 N N   . LEU A 1 81 ? 4.078   2.814   -15.772 1.00 35.76  ? 189 LEU A N   1 
ATOM   605 C CA  . LEU A 1 81 ? 2.823   3.281   -15.211 1.00 33.83  ? 189 LEU A CA  1 
ATOM   606 C C   . LEU A 1 81 ? 3.067   3.858   -13.828 1.00 31.36  ? 189 LEU A C   1 
ATOM   607 O O   . LEU A 1 81 ? 3.974   3.423   -13.113 1.00 29.20  ? 189 LEU A O   1 
ATOM   608 C CB  . LEU A 1 81 ? 1.801   2.140   -15.100 1.00 32.76  ? 189 LEU A CB  1 
ATOM   609 C CG  . LEU A 1 81 ? 1.308   1.361   -16.327 1.00 35.90  ? 189 LEU A CG  1 
ATOM   610 C CD1 . LEU A 1 81 ? 0.702   2.294   -17.357 1.00 40.30  ? 189 LEU A CD1 1 
ATOM   611 C CD2 . LEU A 1 81 ? 2.400   0.488   -16.955 1.00 34.86  ? 189 LEU A CD2 1 
ATOM   612 N N   . ARG A 1 82 ? 2.248   4.833   -13.453 1.00 29.59  ? 190 ARG A N   1 
ATOM   613 C CA  . ARG A 1 82 ? 2.213   5.333   -12.086 1.00 28.84  ? 190 ARG A CA  1 
ATOM   614 C C   . ARG A 1 82 ? 0.986   4.755   -11.395 1.00 31.69  ? 190 ARG A C   1 
ATOM   615 O O   . ARG A 1 82 ? -0.148  5.020   -11.812 1.00 30.98  ? 190 ARG A O   1 
ATOM   616 C CB  . ARG A 1 82 ? 2.194   6.860   -12.047 1.00 34.21  ? 190 ARG A CB  1 
ATOM   617 C CG  . ARG A 1 82 ? 1.989   7.431   -10.640 1.00 34.97  ? 190 ARG A CG  1 
ATOM   618 C CD  . ARG A 1 82 ? 2.177   8.935   -10.633 1.00 40.68  ? 190 ARG A CD  1 
ATOM   619 N NE  . ARG A 1 82 ? 3.534   9.291   -11.029 1.00 40.13  ? 190 ARG A NE  1 
ATOM   620 C CZ  . ARG A 1 82 ? 3.868   9.853   -12.192 1.00 43.35  ? 190 ARG A CZ  1 
ATOM   621 N NH1 . ARG A 1 82 ? 2.932   10.143  -13.086 1.00 45.72  ? 190 ARG A NH1 1 
ATOM   622 N NH2 . ARG A 1 82 ? 5.138   10.134  -12.453 1.00 42.35  ? 190 ARG A NH2 1 
ATOM   623 N N   . MET A 1 83 ? 1.217   3.965   -10.357 1.00 29.29  ? 191 MET A N   1 
ATOM   624 C CA  . MET A 1 83 ? 0.154   3.352   -9.566  1.00 28.42  ? 191 MET A CA  1 
ATOM   625 C C   . MET A 1 83 ? 0.050   4.037   -8.209  1.00 30.86  ? 191 MET A C   1 
ATOM   626 O O   . MET A 1 83 ? 1.053   4.168   -7.503  1.00 30.84  ? 191 MET A O   1 
ATOM   627 C CB  . MET A 1 83 ? 0.411   1.858   -9.370  1.00 27.58  ? 191 MET A CB  1 
ATOM   628 C CG  . MET A 1 83 ? -0.730  1.151   -8.645  1.00 33.79  ? 191 MET A CG  1 
ATOM   629 S SD  . MET A 1 83 ? -0.428  -0.607  -8.417  1.00 34.08  ? 191 MET A SD  1 
ATOM   630 C CE  . MET A 1 83 ? 0.659   -0.549  -6.998  1.00 30.90  ? 191 MET A CE  1 
ATOM   631 N N   . SER A 1 84 ? -1.158  4.470   -7.850  1.00 27.60  ? 192 SER A N   1 
ATOM   632 C CA  . SER A 1 84 ? -1.452  5.014   -6.528  1.00 25.06  ? 192 SER A CA  1 
ATOM   633 C C   . SER A 1 84 ? -2.421  4.081   -5.820  1.00 30.18  ? 192 SER A C   1 
ATOM   634 O O   . SER A 1 84 ? -3.385  3.610   -6.426  1.00 28.92  ? 192 SER A O   1 
ATOM   635 C CB  . SER A 1 84 ? -2.075  6.412   -6.608  1.00 32.82  ? 192 SER A CB  1 
ATOM   636 O OG  . SER A 1 84 ? -1.110  7.390   -6.940  1.00 48.60  ? 192 SER A OG  1 
ATOM   637 N N   . ILE A 1 85 ? -2.172  3.824   -4.539  1.00 28.74  ? 193 ILE A N   1 
ATOM   638 C CA  . ILE A 1 85 ? -3.028  2.918   -3.784  1.00 27.36  ? 193 ILE A CA  1 
ATOM   639 C C   . ILE A 1 85 ? -2.969  3.307   -2.313  1.00 30.56  ? 193 ILE A C   1 
ATOM   640 O O   . ILE A 1 85 ? -1.946  3.785   -1.817  1.00 29.30  ? 193 ILE A O   1 
ATOM   641 C CB  . ILE A 1 85 ? -2.608  1.449   -4.036  1.00 30.42  ? 193 ILE A CB  1 
ATOM   642 C CG1 . ILE A 1 85 ? -3.698  0.472   -3.605  1.00 33.41  ? 193 ILE A CG1 1 
ATOM   643 C CG2 . ILE A 1 85 ? -1.327  1.109   -3.325  1.00 34.37  ? 193 ILE A CG2 1 
ATOM   644 C CD1 . ILE A 1 85 ? -3.506  -0.889  -4.217  1.00 34.66  ? 193 ILE A CD1 1 
ATOM   645 N N   . LEU A 1 86 ? -4.089  3.137   -1.619  1.00 24.23  ? 194 LEU A N   1 
ATOM   646 C CA  . LEU A 1 86 ? -4.158  3.383   -0.188  1.00 25.23  ? 194 LEU A CA  1 
ATOM   647 C C   . LEU A 1 86 ? -4.305  2.032   0.496   1.00 27.29  ? 194 LEU A C   1 
ATOM   648 O O   . LEU A 1 86 ? -5.266  1.305   0.224   1.00 28.42  ? 194 LEU A O   1 
ATOM   649 C CB  . LEU A 1 86 ? -5.322  4.307   0.171   1.00 26.38  ? 194 LEU A CB  1 
ATOM   650 C CG  . LEU A 1 86 ? -5.569  4.537   1.663   1.00 28.67  ? 194 LEU A CG  1 
ATOM   651 C CD1 . LEU A 1 86 ? -4.539  5.509   2.221   1.00 30.35  ? 194 LEU A CD1 1 
ATOM   652 C CD2 . LEU A 1 86 ? -6.981  5.039   1.909   1.00 31.96  ? 194 LEU A CD2 1 
ATOM   653 N N   . ALA A 1 87 ? -3.327  1.669   1.320   1.00 22.98  ? 195 ALA A N   1 
ATOM   654 C CA  . ALA A 1 87 ? -3.383  0.397   2.040   1.00 23.45  ? 195 ALA A CA  1 
ATOM   655 C C   . ALA A 1 87 ? -3.664  0.641   3.517   1.00 27.93  ? 195 ALA A C   1 
ATOM   656 O O   . ALA A 1 87 ? -3.222  1.646   4.077   1.00 24.61  ? 195 ALA A O   1 
ATOM   657 C CB  . ALA A 1 87 ? -2.087  -0.380  1.862   1.00 23.60  ? 195 ALA A CB  1 
HETATM 658 N N   . MLY A 1 88 ? -4.409  -0.265  4.150   1.00 22.71  ? 196 MLY A N   1 
HETATM 659 C CA  . MLY A 1 88 ? -4.695  -0.139  5.588   1.00 23.94  ? 196 MLY A CA  1 
HETATM 660 C CB  . MLY A 1 88 ? -6.169  0.238   5.839   1.00 22.90  ? 196 MLY A CB  1 
HETATM 661 C CG  . MLY A 1 88 ? -6.620  1.522   5.183   1.00 25.85  ? 196 MLY A CG  1 
HETATM 662 C CD  . MLY A 1 88 ? -8.102  1.769   5.439   1.00 28.49  ? 196 MLY A CD  1 
HETATM 663 C CE  . MLY A 1 88 ? -8.605  2.963   4.655   1.00 30.67  ? 196 MLY A CE  1 
HETATM 664 N NZ  . MLY A 1 88 ? -9.952  3.387   5.132   1.00 34.72  ? 196 MLY A NZ  1 
HETATM 665 C CH1 . MLY A 1 88 ? -10.331 4.596   4.385   1.00 40.12  ? 196 MLY A CH1 1 
HETATM 666 C CH2 . MLY A 1 88 ? -10.913 2.333   4.781   1.00 36.76  ? 196 MLY A CH2 1 
HETATM 667 C C   . MLY A 1 88 ? -4.407  -1.430  6.345   1.00 24.25  ? 196 MLY A C   1 
HETATM 668 O O   . MLY A 1 88 ? -4.687  -2.532  5.852   1.00 24.48  ? 196 MLY A O   1 
ATOM   669 N N   . THR A 1 89 ? -3.838  -1.298  7.542   1.00 24.13  ? 197 THR A N   1 
ATOM   670 C CA  . THR A 1 89 ? -3.861  -2.378  8.520   1.00 24.29  ? 197 THR A CA  1 
ATOM   671 C C   . THR A 1 89 ? -4.742  -1.927  9.691   1.00 25.56  ? 197 THR A C   1 
ATOM   672 O O   . THR A 1 89 ? -5.217  -0.779  9.723   1.00 23.06  ? 197 THR A O   1 
ATOM   673 C CB  . THR A 1 89 ? -2.475  -2.770  9.021   1.00 25.15  ? 197 THR A CB  1 
ATOM   674 O OG1 . THR A 1 89 ? -1.779  -1.605  9.495   1.00 29.48  ? 197 THR A OG1 1 
ATOM   675 C CG2 . THR A 1 89 ? -1.666  -3.416  7.885   1.00 29.49  ? 197 THR A CG2 1 
ATOM   676 N N   . TYR A 1 90 ? -4.962  -2.846  10.625  1.00 24.89  ? 198 TYR A N   1 
ATOM   677 C CA  . TYR A 1 90 ? -6.011  -2.705  11.626  1.00 25.14  ? 198 TYR A CA  1 
ATOM   678 C C   . TYR A 1 90 ? -5.547  -3.257  12.964  1.00 26.98  ? 198 TYR A C   1 
ATOM   679 O O   . TYR A 1 90 ? -4.754  -4.197  13.029  1.00 28.65  ? 198 TYR A O   1 
ATOM   680 C CB  . TYR A 1 90 ? -7.296  -3.429  11.174  1.00 24.73  ? 198 TYR A CB  1 
ATOM   681 C CG  . TYR A 1 90 ? -7.860  -2.920  9.866   1.00 23.10  ? 198 TYR A CG  1 
ATOM   682 C CD1 . TYR A 1 90 ? -7.345  -3.343  8.631   1.00 22.62  ? 198 TYR A CD1 1 
ATOM   683 C CD2 . TYR A 1 90 ? -8.900  -2.012  9.854   1.00 23.56  ? 198 TYR A CD2 1 
ATOM   684 C CE1 . TYR A 1 90 ? -7.862  -2.862  7.438   1.00 20.99  ? 198 TYR A CE1 1 
ATOM   685 C CE2 . TYR A 1 90 ? -9.422  -1.537  8.677   1.00 24.96  ? 198 TYR A CE2 1 
ATOM   686 C CZ  . TYR A 1 90 ? -8.908  -1.960  7.470   1.00 23.26  ? 198 TYR A CZ  1 
ATOM   687 O OH  . TYR A 1 90 ? -9.461  -1.448  6.322   1.00 25.63  ? 198 TYR A OH  1 
ATOM   688 N N   . ARG A 1 91 ? -6.036  -2.648  14.042  1.00 25.95  ? 199 ARG A N   1 
ATOM   689 C CA  . ARG A 1 91 ? -5.884  -3.231  15.372  1.00 29.36  ? 199 ARG A CA  1 
ATOM   690 C C   . ARG A 1 91 ? -7.178  -3.024  16.140  1.00 27.68  ? 199 ARG A C   1 
ATOM   691 O O   . ARG A 1 91 ? -7.996  -2.168  15.800  1.00 26.10  ? 199 ARG A O   1 
ATOM   692 C CB  . ARG A 1 91 ? -4.698  -2.632  16.140  1.00 29.78  ? 199 ARG A CB  1 
ATOM   693 C CG  . ARG A 1 91 ? -4.823  -1.149  16.381  1.00 31.14  ? 199 ARG A CG  1 
ATOM   694 C CD  . ARG A 1 91 ? -3.515  -0.584  16.924  1.00 37.14  ? 199 ARG A CD  1 
ATOM   695 N NE  . ARG A 1 91 ? -3.573  0.865   17.096  1.00 39.54  ? 199 ARG A NE  1 
ATOM   696 C CZ  . ARG A 1 91 ? -4.161  1.477   18.122  1.00 39.16  ? 199 ARG A CZ  1 
ATOM   697 N NH1 . ARG A 1 91 ? -4.766  0.772   19.084  1.00 38.53  ? 199 ARG A NH1 1 
ATOM   698 N NH2 . ARG A 1 91 ? -4.155  2.801   18.184  1.00 37.69  ? 199 ARG A NH2 1 
ATOM   699 N N   . TYR A 1 92 ? -7.359  -3.818  17.189  1.00 27.94  ? 200 TYR A N   1 
ATOM   700 C CA  . TYR A 1 92 ? -8.634  -3.782  17.891  1.00 28.11  ? 200 TYR A CA  1 
ATOM   701 C C   . TYR A 1 92 ? -8.796  -2.468  18.645  1.00 28.75  ? 200 TYR A C   1 
ATOM   702 O O   . TYR A 1 92 ? -7.820  -1.820  19.036  1.00 28.75  ? 200 TYR A O   1 
ATOM   703 C CB  . TYR A 1 92 ? -8.762  -4.967  18.848  1.00 29.50  ? 200 TYR A CB  1 
ATOM   704 C CG  . TYR A 1 92 ? -7.772  -4.984  19.982  1.00 30.92  ? 200 TYR A CG  1 
ATOM   705 C CD1 . TYR A 1 92 ? -7.997  -4.251  21.140  1.00 32.83  ? 200 TYR A CD1 1 
ATOM   706 C CD2 . TYR A 1 92 ? -6.615  -5.747  19.905  1.00 33.49  ? 200 TYR A CD2 1 
ATOM   707 C CE1 . TYR A 1 92 ? -7.097  -4.267  22.181  1.00 36.54  ? 200 TYR A CE1 1 
ATOM   708 C CE2 . TYR A 1 92 ? -5.708  -5.770  20.944  1.00 33.34  ? 200 TYR A CE2 1 
ATOM   709 C CZ  . TYR A 1 92 ? -5.954  -5.029  22.079  1.00 36.09  ? 200 TYR A CZ  1 
ATOM   710 O OH  . TYR A 1 92 ? -5.053  -5.044  23.118  1.00 42.08  ? 200 TYR A OH  1 
ATOM   711 N N   . ASN A 1 93 ? -10.047 -2.073  18.826  1.00 29.79  ? 201 ASN A N   1 
ATOM   712 C CA  . ASN A 1 93 ? -10.405 -0.938  19.664  1.00 25.83  ? 201 ASN A CA  1 
ATOM   713 C C   . ASN A 1 93 ? -11.170 -1.482  20.866  1.00 30.98  ? 201 ASN A C   1 
ATOM   714 O O   . ASN A 1 93 ? -12.307 -1.948  20.726  1.00 28.52  ? 201 ASN A O   1 
ATOM   715 C CB  . ASN A 1 93 ? -11.243 0.071   18.882  1.00 29.38  ? 201 ASN A CB  1 
ATOM   716 C CG  . ASN A 1 93 ? -11.579 1.314   19.704  1.00 32.65  ? 201 ASN A CG  1 
ATOM   717 O OD1 . ASN A 1 93 ? -11.038 1.509   20.790  1.00 35.29  ? 201 ASN A OD1 1 
ATOM   718 N ND2 . ASN A 1 93 ? -12.448 2.164   19.173  1.00 29.44  ? 201 ASN A ND2 1 
ATOM   719 N N   . ASP A 1 94 ? -10.551 -1.432  22.044  1.00 29.86  ? 202 ASP A N   1 
ATOM   720 C CA  . ASP A 1 94 ? -11.236 -1.818  23.277  1.00 33.80  ? 202 ASP A CA  1 
ATOM   721 C C   . ASP A 1 94 ? -11.605 -0.616  24.139  1.00 37.51  ? 202 ASP A C   1 
ATOM   722 O O   . ASP A 1 94 ? -12.020 -0.797  25.294  1.00 37.69  ? 202 ASP A O   1 
ATOM   723 C CB  . ASP A 1 94 ? -10.373 -2.799  24.075  1.00 33.65  ? 202 ASP A CB  1 
ATOM   724 C CG  . ASP A 1 94 ? -9.004  -2.235  24.402  1.00 41.34  ? 202 ASP A CG  1 
ATOM   725 O OD1 . ASP A 1 94 ? -8.612  -1.229  23.772  1.00 42.25  ? 202 ASP A OD1 1 
ATOM   726 O OD2 . ASP A 1 94 ? -8.309  -2.806  25.273  1.00 41.78  ? 202 ASP A OD2 1 
ATOM   727 N N   . LYS A 1 95 ? -11.488 0.602   23.602  1.00 37.06  ? 203 LYS A N   1 
ATOM   728 C CA  . LYS A 1 95 ? -11.635 1.824   24.389  1.00 40.01  ? 203 LYS A CA  1 
ATOM   729 C C   . LYS A 1 95 ? -12.791 2.701   23.921  1.00 40.29  ? 203 LYS A C   1 
ATOM   730 O O   . LYS A 1 95 ? -12.894 3.854   24.362  1.00 40.99  ? 203 LYS A O   1 
ATOM   731 C CB  . LYS A 1 95 ? -10.340 2.650   24.356  1.00 42.64  ? 203 LYS A CB  1 
ATOM   732 C CG  . LYS A 1 95 ? -9.067  1.902   24.723  1.00 47.11  ? 203 LYS A CG  1 
ATOM   733 C CD  . LYS A 1 95 ? -9.068  1.432   26.169  1.00 51.09  ? 203 LYS A CD  1 
ATOM   734 C CE  . LYS A 1 95 ? -7.742  0.761   26.513  1.00 58.87  ? 203 LYS A CE  1 
ATOM   735 N NZ  . LYS A 1 95 ? -7.701  0.245   27.908  1.00 67.03  ? 203 LYS A NZ  1 
ATOM   736 N N   . GLY A 1 96 ? -13.649 2.209   23.031  1.00 34.50  ? 204 GLY A N   1 
ATOM   737 C CA  . GLY A 1 96 ? -14.717 3.073   22.565  1.00 35.07  ? 204 GLY A CA  1 
ATOM   738 C C   . GLY A 1 96 ? -14.202 4.257   21.746  1.00 38.04  ? 204 GLY A C   1 
ATOM   739 O O   . GLY A 1 96 ? -13.103 4.238   21.172  1.00 37.49  ? 204 GLY A O   1 
ATOM   740 N N   . LEU A 1 97 ? -15.022 5.310   21.705  1.00 36.15  ? 205 LEU A N   1 
ATOM   741 C CA  . LEU A 1 97 ? -14.772 6.455   20.837  1.00 38.48  ? 205 LEU A CA  1 
ATOM   742 C C   . LEU A 1 97 ? -14.639 7.772   21.595  1.00 45.65  ? 205 LEU A C   1 
ATOM   743 O O   . LEU A 1 97 ? -14.626 8.833   20.960  1.00 47.47  ? 205 LEU A O   1 
ATOM   744 C CB  . LEU A 1 97 ? -15.882 6.571   19.791  1.00 37.00  ? 205 LEU A CB  1 
ATOM   745 C CG  . LEU A 1 97 ? -15.980 5.393   18.823  1.00 35.34  ? 205 LEU A CG  1 
ATOM   746 C CD1 . LEU A 1 97 ? -17.259 5.500   18.001  1.00 37.59  ? 205 LEU A CD1 1 
ATOM   747 C CD2 . LEU A 1 97 ? -14.750 5.346   17.922  1.00 35.75  ? 205 LEU A CD2 1 
ATOM   748 N N   . LYS A 1 98 ? -14.536 7.734   22.923  1.00 41.26  ? 206 LYS A N   1 
ATOM   749 C CA  . LYS A 1 98 ? -14.329 8.944   23.722  1.00 48.41  ? 206 LYS A CA  1 
ATOM   750 C C   . LYS A 1 98 ? -13.140 9.762   23.215  1.00 52.84  ? 206 LYS A C   1 
ATOM   751 O O   . LYS A 1 98 ? -12.145 9.204   22.758  1.00 49.34  ? 206 LYS A O   1 
ATOM   752 C CB  . LYS A 1 98 ? -14.116 8.583   25.193  1.00 51.10  ? 206 LYS A CB  1 
HETATM 753 O O   . HOH B 2 .  ? -0.998  0.953   -20.768 1.00 43.75  ? 301 HOH A O   1 
HETATM 754 O O   . HOH B 2 .  ? 8.735   2.686   -23.685 1.00 72.29  ? 302 HOH A O   1 
HETATM 755 O O   . HOH B 2 .  ? 0.654   8.610   -3.245  1.00 42.49  ? 303 HOH A O   1 
HETATM 756 O O   . HOH B 2 .  ? 3.506   10.650  -7.543  1.00 48.04  ? 304 HOH A O   1 
HETATM 757 O O   . HOH B 2 .  ? -4.312  -10.407 1.998   1.00 20.72  ? 305 HOH A O   1 
HETATM 758 O O   . HOH B 2 .  ? -11.765 -1.153  27.694  1.00 43.15  ? 306 HOH A O   1 
HETATM 759 O O   . HOH B 2 .  ? -8.638  -5.272  25.656  1.00 56.10  ? 307 HOH A O   1 
HETATM 760 O O   . HOH B 2 .  ? -16.350 0.908   20.383  1.00 28.73  ? 308 HOH A O   1 
HETATM 761 O O   . HOH B 2 .  ? 5.153   -12.239 -9.930  1.00 38.49  ? 309 HOH A O   1 
HETATM 762 O O   . HOH B 2 .  ? -4.175  -5.668  10.015  1.00 35.29  ? 310 HOH A O   1 
HETATM 763 O O   . HOH B 2 .  ? -13.256 0.665   7.799   1.00 46.74  ? 311 HOH A O   1 
HETATM 764 O O   . HOH B 2 .  ? 3.315   -9.341  7.680   1.00 42.00  ? 312 HOH A O   1 
HETATM 765 O O   . HOH B 2 .  ? -7.764  -0.237  21.525  1.00 40.24  ? 313 HOH A O   1 
HETATM 766 O O   . HOH B 2 .  ? -6.246  7.672   -1.509  1.00 42.95  ? 314 HOH A O   1 
HETATM 767 O O   . HOH B 2 .  ? -1.784  -6.115  10.816  1.00 41.13  ? 315 HOH A O   1 
HETATM 768 O O   . HOH B 2 .  ? -4.622  -6.621  14.061  1.00 40.82  ? 316 HOH A O   1 
HETATM 769 O O   . HOH B 2 .  ? 7.399   -5.880  -7.797  1.00 33.81  ? 317 HOH A O   1 
HETATM 770 O O   . HOH B 2 .  ? 7.342   -6.858  -5.345  1.00 34.79  ? 318 HOH A O   1 
HETATM 771 O O   . HOH B 2 .  ? 8.926   -2.055  -13.345 1.00 29.83  ? 319 HOH A O   1 
HETATM 772 O O   . HOH B 2 .  ? -10.819 5.486   20.581  1.00 44.35  ? 320 HOH A O   1 
HETATM 773 O O   . HOH B 2 .  ? -5.238  -2.034  19.692  1.00 36.73  ? 321 HOH A O   1 
HETATM 774 O O   . HOH B 2 .  ? 4.331   -11.340 -5.614  1.00 32.02  ? 322 HOH A O   1 
HETATM 775 O O   . HOH B 2 .  ? 4.095   -11.599 0.562   1.00 33.33  ? 323 HOH A O   1 
HETATM 776 O O   . HOH B 2 .  ? -11.349 -2.007  -1.197  1.00 36.83  ? 324 HOH A O   1 
HETATM 777 O O   . HOH B 2 .  ? -5.388  -7.861  -1.646  1.00 26.83  ? 325 HOH A O   1 
HETATM 778 O O   . HOH B 2 .  ? -4.808  6.365   -4.427  1.00 34.93  ? 326 HOH A O   1 
HETATM 779 O O   . HOH B 2 .  ? 5.267   -10.832 7.411   1.00 46.87  ? 327 HOH A O   1 
HETATM 780 O O   . HOH B 2 .  ? -2.042  -3.977  12.788  1.00 40.70  ? 328 HOH A O   1 
HETATM 781 O O   . HOH B 2 .  ? -12.159 -1.243  5.875   1.00 45.54  ? 329 HOH A O   1 
HETATM 782 O O   . HOH B 2 .  ? 11.570  1.513   9.214   1.00 57.71  ? 330 HOH A O   1 
HETATM 783 O O   . HOH B 2 .  ? -12.273 4.858   7.599   1.00 51.85  ? 331 HOH A O   1 
HETATM 784 O O   . HOH B 2 .  ? -6.136  6.206   -15.155 1.00 63.31  ? 332 HOH A O   1 
HETATM 785 O O   . HOH B 2 .  ? 7.385   -4.752  -15.161 1.00 26.87  ? 333 HOH A O   1 
HETATM 786 O O   . HOH B 2 .  ? -5.994  9.463   8.285   1.00 35.38  ? 334 HOH A O   1 
HETATM 787 O O   . HOH B 2 .  ? -4.329  -6.737  0.684   1.00 31.72  ? 335 HOH A O   1 
HETATM 788 O O   . HOH B 2 .  ? -2.544  -8.780  2.813   1.00 32.77  ? 336 HOH A O   1 
HETATM 789 O O   . HOH B 2 .  ? 7.934   -8.965  -17.787 1.00 28.00  ? 337 HOH A O   1 
HETATM 790 O O   . HOH B 2 .  ? -3.445  -11.482 3.742   1.00 33.18  ? 338 HOH A O   1 
HETATM 791 O O   . HOH B 2 .  ? -1.501  -11.805 11.532  1.00 43.98  ? 339 HOH A O   1 
HETATM 792 O O   . HOH B 2 .  ? -4.552  9.253   1.147   1.00 50.73  ? 340 HOH A O   1 
HETATM 793 O O   . HOH B 2 .  ? -12.482 1.383   -0.533  1.00 40.53  ? 341 HOH A O   1 
HETATM 794 O O   . HOH B 2 .  ? -13.446 -4.931  18.379  1.00 30.07  ? 342 HOH A O   1 
HETATM 795 O O   . HOH B 2 .  ? -2.173  8.439   14.397  1.00 43.56  ? 343 HOH A O   1 
HETATM 796 O O   . HOH B 2 .  ? -9.830  8.797   15.152  1.00 42.72  ? 344 HOH A O   1 
HETATM 797 O O   . HOH B 2 .  ? -1.735  7.366   -11.596 1.00 45.32  ? 345 HOH A O   1 
HETATM 798 O O   . HOH B 2 .  ? 7.855   -2.801  -24.040 1.00 34.77  ? 346 HOH A O   1 
HETATM 799 O O   . HOH B 2 .  ? -18.665 -0.568  19.903  1.00 23.41  ? 347 HOH A O   1 
HETATM 800 O O   . HOH B 2 .  ? -10.330 2.248   -8.865  1.00 49.31  ? 348 HOH A O   1 
HETATM 801 O O   . HOH B 2 .  ? 4.350   -7.648  10.706  1.00 51.34  ? 349 HOH A O   1 
HETATM 802 O O   . HOH B 2 .  ? -10.301 6.062   1.106   1.00 44.41  ? 350 HOH A O   1 
HETATM 803 O O   . HOH B 2 .  ? 8.043   12.035  -9.918  1.00 52.05  ? 351 HOH A O   1 
HETATM 804 O O   . HOH B 2 .  ? -8.732  3.631   -11.329 1.00 49.23  ? 352 HOH A O   1 
HETATM 805 O O   . HOH B 2 .  ? 1.617   -11.693 -9.158  0.50 32.62  ? 353 HOH A O   1 
HETATM 806 O O   . HOH B 2 .  ? -4.088  -9.400  10.829  1.00 32.76  ? 354 HOH A O   1 
HETATM 807 O O   . HOH B 2 .  ? 5.446   -13.532 -12.326 1.00 32.36  ? 355 HOH A O   1 
HETATM 808 O O   . HOH B 2 .  ? -17.355 3.669   14.101  1.00 42.91  ? 356 HOH A O   1 
HETATM 809 O O   . HOH B 2 .  ? -15.279 -2.591  20.066  1.00 28.62  ? 357 HOH A O   1 
HETATM 810 O O   . HOH B 2 .  ? 12.168  3.010   -4.969  1.00 43.56  ? 358 HOH A O   1 
HETATM 811 O O   . HOH B 2 .  ? 8.707   -8.201  -9.661  1.00 38.82  ? 359 HOH A O   1 
HETATM 812 O O   . HOH B 2 .  ? -7.472  10.771  12.281  1.00 57.12  ? 360 HOH A O   1 
HETATM 813 O O   . HOH B 2 .  ? 0.983   -16.093 -2.572  1.00 44.70  ? 361 HOH A O   1 
HETATM 814 O O   . HOH B 2 .  ? -11.575 6.522   24.080  1.00 51.85  ? 362 HOH A O   1 
HETATM 815 O O   . HOH B 2 .  ? 1.469   -2.679  13.070  1.00 50.68  ? 363 HOH A O   1 
HETATM 816 O O   . HOH B 2 .  ? -11.569 1.826   -3.458  1.00 38.94  ? 364 HOH A O   1 
HETATM 817 O O   . HOH B 2 .  ? -12.521 8.494   18.789  1.00 49.54  ? 365 HOH A O   1 
HETATM 818 O O   . HOH B 2 .  ? -10.300 1.451   -6.307  1.00 40.30  ? 366 HOH A O   1 
HETATM 819 O O   . HOH B 2 .  ? 8.166   -9.420  -11.489 1.00 42.38  ? 367 HOH A O   1 
HETATM 820 O O   . HOH B 2 .  ? -5.822  -6.554  16.764  1.00 30.01  ? 368 HOH A O   1 
HETATM 821 O O   . HOH B 2 .  ? -0.091  4.340   9.341   1.00 73.66  ? 369 HOH A O   1 
HETATM 822 O O   . HOH B 2 .  ? 4.244   -13.347 2.688   1.00 42.26  ? 370 HOH A O   1 
HETATM 823 O O   . HOH B 2 .  ? 1.464   1.407   -20.879 1.00 46.68  ? 371 HOH A O   1 
HETATM 824 O O   . HOH B 2 .  ? -0.452  9.722   -12.875 1.00 47.88  ? 372 HOH A O   1 
HETATM 825 O O   . HOH B 2 .  ? 2.991   -13.197 -4.066  1.00 37.10  ? 373 HOH A O   1 
HETATM 826 O O   . HOH B 2 .  ? 9.516   4.672   -24.269 1.00 69.27  ? 374 HOH A O   1 
HETATM 827 O O   . HOH B 2 .  ? -16.916 6.584   14.011  1.00 50.47  ? 375 HOH A O   1 
HETATM 828 O O   . HOH B 2 .  ? 12.871  -2.737  -3.002  1.00 54.97  ? 376 HOH A O   1 
HETATM 829 O O   . HOH B 2 .  ? -5.958  -7.391  11.891  1.00 35.99  ? 377 HOH A O   1 
HETATM 830 O O   . HOH B 2 .  ? -0.828  -3.700  -13.159 1.00 44.62  ? 378 HOH A O   1 
HETATM 831 O O   . HOH B 2 .  ? -13.686 -4.335  7.919   0.50 43.49  ? 379 HOH A O   1 
HETATM 832 O O   . HOH B 2 .  ? -14.479 2.196   27.394  1.00 45.18  ? 380 HOH A O   1 
HETATM 833 O O   . HOH B 2 .  ? -1.141  -8.163  12.377  1.00 45.80  ? 381 HOH A O   1 
HETATM 834 O O   . HOH B 2 .  ? -1.757  -5.564  -11.836 1.00 48.74  ? 382 HOH A O   1 
HETATM 835 O O   . HOH B 2 .  ? -2.840  10.807  1.303   1.00 49.12  ? 383 HOH A O   1 
HETATM 836 O O   . HOH B 2 .  ? 4.519   -13.457 -1.540  1.00 40.14  ? 384 HOH A O   1 
HETATM 837 O O   . HOH B 2 .  ? 14.778  -4.973  -3.608  1.00 52.46  ? 385 HOH A O   1 
HETATM 838 O O   . HOH B 2 .  ? 3.646   -12.917 -8.082  1.00 52.06  ? 386 HOH A O   1 
HETATM 839 O O   . HOH B 2 .  ? -1.666  -3.709  -10.780 1.00 50.15  ? 387 HOH A O   1 
HETATM 840 O O   . HOH B 2 .  ? -13.553 -0.373  3.718   1.00 49.68  ? 388 HOH A O   1 
HETATM 841 O O   . HOH B 2 .  ? -11.238 -4.841  8.381   1.00 31.58  ? 389 HOH A O   1 
HETATM 842 O O   . HOH B 2 .  ? -3.631  -6.072  17.911  1.00 47.61  ? 390 HOH A O   1 
HETATM 843 O O   . HOH B 2 .  ? -3.228  -3.946  19.202  1.00 40.95  ? 391 HOH A O   1 
HETATM 844 O O   . HOH B 2 .  ? 2.948   -16.264 5.396   1.00 49.89  ? 392 HOH A O   1 
HETATM 845 O O   . HOH B 2 .  ? -7.508  8.244   6.746   1.00 47.11  ? 393 HOH A O   1 
HETATM 846 O O   . HOH B 2 .  ? 5.669   -12.773 5.043   1.00 48.97  ? 394 HOH A O   1 
HETATM 847 O O   . HOH B 2 .  ? -7.461  7.846   3.859   1.00 51.17  ? 395 HOH A O   1 
HETATM 848 O O   . HOH B 2 .  ? 7.217   -12.925 -2.210  1.00 54.25  ? 396 HOH A O   1 
HETATM 849 O O   . HOH B 2 .  ? -10.786 -6.156  10.014  0.50 39.24  ? 397 HOH A O   1 
# 
loop_
_pdbx_poly_seq_scheme.asym_id 
_pdbx_poly_seq_scheme.entity_id 
_pdbx_poly_seq_scheme.seq_id 
_pdbx_poly_seq_scheme.mon_id 
_pdbx_poly_seq_scheme.ndb_seq_num 
_pdbx_poly_seq_scheme.pdb_seq_num 
_pdbx_poly_seq_scheme.auth_seq_num 
_pdbx_poly_seq_scheme.pdb_mon_id 
_pdbx_poly_seq_scheme.auth_mon_id 
_pdbx_poly_seq_scheme.pdb_strand_id 
_pdbx_poly_seq_scheme.pdb_ins_code 
_pdbx_poly_seq_scheme.hetero 
A 1 1  VAL 1  109 109 VAL VAL A . n 
A 1 2  PRO 2  110 110 PRO PRO A . n 
A 1 3  GLY 3  111 111 GLY GLY A . n 
A 1 4  LEU 4  112 112 LEU LEU A . n 
A 1 5  LEU 5  113 113 LEU LEU A . n 
A 1 6  GLU 6  114 114 GLU GLU A . n 
A 1 7  ASP 7  115 115 ASP ASP A . n 
A 1 8  ILE 8  116 116 ILE ILE A . n 
A 1 9  THR 9  117 117 THR THR A . n 
A 1 10 ARG 10 118 118 ARG ARG A . n 
A 1 11 THR 11 119 119 THR THR A . n 
A 1 12 GLY 12 120 120 GLY GLY A . n 
A 1 13 LEU 13 121 121 LEU LEU A . n 
A 1 14 GLY 14 122 122 GLY GLY A . n 
A 1 15 SER 15 123 123 SER SER A . n 
A 1 16 GLY 16 124 124 GLY GLY A . n 
A 1 17 LEU 17 125 125 LEU LEU A . n 
A 1 18 GLU 18 126 126 GLU GLU A . n 
A 1 19 PHE 19 127 127 PHE PHE A . n 
A 1 20 GLU 20 128 128 GLU GLU A . n 
A 1 21 GLU 21 129 129 GLU GLU A . n 
A 1 22 ILE 22 130 130 ILE ILE A . n 
A 1 23 LYS 23 131 131 LYS LYS A . n 
A 1 24 LEU 24 132 132 LEU LEU A . n 
A 1 25 LEU 25 133 133 LEU LEU A . n 
A 1 26 PRO 26 134 134 PRO PRO A . n 
A 1 27 GLU 27 135 135 GLU GLU A . n 
A 1 28 VAL 28 136 136 VAL VAL A . n 
A 1 29 ALA 29 137 137 ALA ALA A . n 
A 1 30 GLN 30 138 138 GLN GLN A . n 
A 1 31 GLN 31 139 139 GLN GLN A . n 
A 1 32 PHE 32 140 140 PHE PHE A . n 
A 1 33 TYR 33 141 141 TYR TYR A . n 
A 1 34 ILE 34 142 142 ILE ILE A . n 
A 1 35 GLU 35 143 143 GLU GLU A . n 
A 1 36 LEU 36 144 144 LEU LEU A . n 
A 1 37 PRO 37 145 145 PRO PRO A . n 
A 1 38 ILE 38 146 146 ILE ILE A . n 
A 1 39 GLN 39 147 147 GLN GLN A . n 
A 1 40 ILE 40 148 148 ILE ILE A . n 
A 1 41 SER 41 149 149 SER SER A . n 
A 1 42 VAL 42 150 150 VAL VAL A . n 
A 1 43 VAL 43 151 151 VAL VAL A . n 
A 1 44 GLY 44 152 152 GLY GLY A . n 
A 1 45 GLY 45 153 153 GLY GLY A . n 
A 1 46 TYR 46 154 154 TYR TYR A . n 
A 1 47 HIS 47 155 155 HIS HIS A . n 
A 1 48 ASP 48 156 156 ASP ASP A . n 
A 1 49 LEU 49 157 157 LEU LEU A . n 
A 1 50 ALA 50 158 158 ALA ALA A . n 
A 1 51 THR 51 159 159 THR THR A . n 
A 1 52 PHE 52 160 160 PHE PHE A . n 
A 1 53 VAL 53 161 161 VAL VAL A . n 
A 1 54 SER 54 162 162 SER SER A . n 
A 1 55 GLY 55 163 163 GLY GLY A . n 
A 1 56 VAL 56 164 164 VAL VAL A . n 
A 1 57 SER 57 165 165 SER SER A . n 
A 1 58 SER 58 166 166 SER SER A . n 
A 1 59 LEU 59 167 167 LEU LEU A . n 
A 1 60 PRO 60 168 168 PRO PRO A . n 
A 1 61 ARG 61 169 169 ARG ARG A . n 
A 1 62 ILE 62 170 170 ILE ILE A . n 
A 1 63 VAL 63 171 171 VAL VAL A . n 
A 1 64 THR 64 172 172 THR THR A . n 
A 1 65 LEU 65 173 173 LEU LEU A . n 
A 1 66 HIS 66 174 174 HIS HIS A . n 
A 1 67 ASP 67 175 175 ASP ASP A . n 
A 1 68 PHE 68 176 176 PHE PHE A . n 
A 1 69 GLU 69 177 177 GLU GLU A . n 
A 1 70 ILE 70 178 178 ILE ILE A . n 
A 1 71 LYS 71 179 179 LYS LYS A . n 
A 1 72 PRO 72 180 180 PRO PRO A . n 
A 1 73 VAL 73 181 181 VAL VAL A . n 
A 1 74 ALA 74 182 182 ALA ALA A . n 
A 1 75 PRO 75 183 183 PRO PRO A . n 
A 1 76 GLY 76 184 184 GLY GLY A . n 
A 1 77 SER 77 185 185 SER SER A . n 
A 1 78 THR 78 186 186 THR THR A . n 
A 1 79 SER 79 187 187 SER SER A . n 
A 1 80 LYS 80 188 188 LYS LYS A . n 
A 1 81 LEU 81 189 189 LEU LEU A . n 
A 1 82 ARG 82 190 190 ARG ARG A . n 
A 1 83 MET 83 191 191 MET MET A . n 
A 1 84 SER 84 192 192 SER SER A . n 
A 1 85 ILE 85 193 193 ILE ILE A . n 
A 1 86 LEU 86 194 194 LEU LEU A . n 
A 1 87 ALA 87 195 195 ALA ALA A . n 
A 1 88 MLY 88 196 196 MLY MLY A . n 
A 1 89 THR 89 197 197 THR THR A . n 
A 1 90 TYR 90 198 198 TYR TYR A . n 
A 1 91 ARG 91 199 199 ARG ARG A . n 
A 1 92 TYR 92 200 200 TYR TYR A . n 
A 1 93 ASN 93 201 201 ASN ASN A . n 
A 1 94 ASP 94 202 202 ASP ASP A . n 
A 1 95 LYS 95 203 203 LYS LYS A . n 
A 1 96 GLY 96 204 204 GLY GLY A . n 
A 1 97 LEU 97 205 205 LEU LEU A . n 
A 1 98 LYS 98 206 206 LYS LYS A . n 
# 
loop_
_pdbx_nonpoly_scheme.asym_id 
_pdbx_nonpoly_scheme.entity_id 
_pdbx_nonpoly_scheme.mon_id 
_pdbx_nonpoly_scheme.ndb_seq_num 
_pdbx_nonpoly_scheme.pdb_seq_num 
_pdbx_nonpoly_scheme.auth_seq_num 
_pdbx_nonpoly_scheme.pdb_mon_id 
_pdbx_nonpoly_scheme.auth_mon_id 
_pdbx_nonpoly_scheme.pdb_strand_id 
_pdbx_nonpoly_scheme.pdb_ins_code 
B 2 HOH 1  301 67 HOH HOH A . 
B 2 HOH 2  302 90 HOH HOH A . 
B 2 HOH 3  303 95 HOH HOH A . 
B 2 HOH 4  304 29 HOH HOH A . 
B 2 HOH 5  305 9  HOH HOH A . 
B 2 HOH 6  306 73 HOH HOH A . 
B 2 HOH 7  307 78 HOH HOH A . 
B 2 HOH 8  308 5  HOH HOH A . 
B 2 HOH 9  309 23 HOH HOH A . 
B 2 HOH 10 310 24 HOH HOH A . 
B 2 HOH 11 311 86 HOH HOH A . 
B 2 HOH 12 312 79 HOH HOH A . 
B 2 HOH 13 313 30 HOH HOH A . 
B 2 HOH 14 314 69 HOH HOH A . 
B 2 HOH 15 315 43 HOH HOH A . 
B 2 HOH 16 316 50 HOH HOH A . 
B 2 HOH 17 317 27 HOH HOH A . 
B 2 HOH 18 318 16 HOH HOH A . 
B 2 HOH 19 319 6  HOH HOH A . 
B 2 HOH 20 320 75 HOH HOH A . 
B 2 HOH 21 321 19 HOH HOH A . 
B 2 HOH 22 322 18 HOH HOH A . 
B 2 HOH 23 323 8  HOH HOH A . 
B 2 HOH 24 324 68 HOH HOH A . 
B 2 HOH 25 325 3  HOH HOH A . 
B 2 HOH 26 326 15 HOH HOH A . 
B 2 HOH 27 327 62 HOH HOH A . 
B 2 HOH 28 328 31 HOH HOH A . 
B 2 HOH 29 329 88 HOH HOH A . 
B 2 HOH 30 330 80 HOH HOH A . 
B 2 HOH 31 331 64 HOH HOH A . 
B 2 HOH 32 332 97 HOH HOH A . 
B 2 HOH 33 333 2  HOH HOH A . 
B 2 HOH 34 334 17 HOH HOH A . 
B 2 HOH 35 335 13 HOH HOH A . 
B 2 HOH 36 336 48 HOH HOH A . 
B 2 HOH 37 337 4  HOH HOH A . 
B 2 HOH 38 338 22 HOH HOH A . 
B 2 HOH 39 339 74 HOH HOH A . 
B 2 HOH 40 340 85 HOH HOH A . 
B 2 HOH 41 341 33 HOH HOH A . 
B 2 HOH 42 342 55 HOH HOH A . 
B 2 HOH 43 343 53 HOH HOH A . 
B 2 HOH 44 344 38 HOH HOH A . 
B 2 HOH 45 345 47 HOH HOH A . 
B 2 HOH 46 346 42 HOH HOH A . 
B 2 HOH 47 347 14 HOH HOH A . 
B 2 HOH 48 348 28 HOH HOH A . 
B 2 HOH 49 349 63 HOH HOH A . 
B 2 HOH 50 350 41 HOH HOH A . 
B 2 HOH 51 351 82 HOH HOH A . 
B 2 HOH 52 352 56 HOH HOH A . 
B 2 HOH 53 353 7  HOH HOH A . 
B 2 HOH 54 354 12 HOH HOH A . 
B 2 HOH 55 355 11 HOH HOH A . 
B 2 HOH 56 356 26 HOH HOH A . 
B 2 HOH 57 357 1  HOH HOH A . 
B 2 HOH 58 358 20 HOH HOH A . 
B 2 HOH 59 359 34 HOH HOH A . 
B 2 HOH 60 360 77 HOH HOH A . 
B 2 HOH 61 361 57 HOH HOH A . 
B 2 HOH 62 362 65 HOH HOH A . 
B 2 HOH 63 363 54 HOH HOH A . 
B 2 HOH 64 364 35 HOH HOH A . 
B 2 HOH 65 365 89 HOH HOH A . 
B 2 HOH 66 366 21 HOH HOH A . 
B 2 HOH 67 367 52 HOH HOH A . 
B 2 HOH 68 368 10 HOH HOH A . 
B 2 HOH 69 369 93 HOH HOH A . 
B 2 HOH 70 370 46 HOH HOH A . 
B 2 HOH 71 371 71 HOH HOH A . 
B 2 HOH 72 372 45 HOH HOH A . 
B 2 HOH 73 373 25 HOH HOH A . 
B 2 HOH 74 374 94 HOH HOH A . 
B 2 HOH 75 375 58 HOH HOH A . 
B 2 HOH 76 376 81 HOH HOH A . 
B 2 HOH 77 377 32 HOH HOH A . 
B 2 HOH 78 378 91 HOH HOH A . 
B 2 HOH 79 379 49 HOH HOH A . 
B 2 HOH 80 380 51 HOH HOH A . 
B 2 HOH 81 381 72 HOH HOH A . 
B 2 HOH 82 382 61 HOH HOH A . 
B 2 HOH 83 383 84 HOH HOH A . 
B 2 HOH 84 384 40 HOH HOH A . 
B 2 HOH 85 385 83 HOH HOH A . 
B 2 HOH 86 386 92 HOH HOH A . 
B 2 HOH 87 387 59 HOH HOH A . 
B 2 HOH 88 388 60 HOH HOH A . 
B 2 HOH 89 389 39 HOH HOH A . 
B 2 HOH 90 390 66 HOH HOH A . 
B 2 HOH 91 391 44 HOH HOH A . 
B 2 HOH 92 392 70 HOH HOH A . 
B 2 HOH 93 393 76 HOH HOH A . 
B 2 HOH 94 394 37 HOH HOH A . 
B 2 HOH 95 395 87 HOH HOH A . 
B 2 HOH 96 396 96 HOH HOH A . 
B 2 HOH 97 397 36 HOH HOH A . 
# 
_pdbx_struct_mod_residue.id               1 
_pdbx_struct_mod_residue.label_asym_id    A 
_pdbx_struct_mod_residue.label_comp_id    MLY 
_pdbx_struct_mod_residue.label_seq_id     88 
_pdbx_struct_mod_residue.auth_asym_id     A 
_pdbx_struct_mod_residue.auth_comp_id     MLY 
_pdbx_struct_mod_residue.auth_seq_id      196 
_pdbx_struct_mod_residue.PDB_ins_code     ? 
_pdbx_struct_mod_residue.parent_comp_id   LYS 
_pdbx_struct_mod_residue.details          'modified residue' 
# 
loop_
_pdbx_struct_assembly.id 
_pdbx_struct_assembly.details 
_pdbx_struct_assembly.method_details 
_pdbx_struct_assembly.oligomeric_details 
_pdbx_struct_assembly.oligomeric_count 
1 author_defined_assembly   ?    monomeric 1 
2 software_defined_assembly PISA dimeric   2 
# 
loop_
_pdbx_struct_assembly_gen.assembly_id 
_pdbx_struct_assembly_gen.oper_expression 
_pdbx_struct_assembly_gen.asym_id_list 
1 1   A,B 
2 1,2 A,B 
# 
loop_
_pdbx_struct_assembly_prop.biol_id 
_pdbx_struct_assembly_prop.type 
_pdbx_struct_assembly_prop.value 
_pdbx_struct_assembly_prop.details 
2 'ABSA (A^2)' 1170  ? 
2 MORE         -12   ? 
2 'SSA (A^2)'  11570 ? 
# 
loop_
_pdbx_struct_oper_list.id 
_pdbx_struct_oper_list.type 
_pdbx_struct_oper_list.name 
_pdbx_struct_oper_list.symmetry_operation 
_pdbx_struct_oper_list.matrix[1][1] 
_pdbx_struct_oper_list.matrix[1][2] 
_pdbx_struct_oper_list.matrix[1][3] 
_pdbx_struct_oper_list.vector[1] 
_pdbx_struct_oper_list.matrix[2][1] 
_pdbx_struct_oper_list.matrix[2][2] 
_pdbx_struct_oper_list.matrix[2][3] 
_pdbx_struct_oper_list.vector[2] 
_pdbx_struct_oper_list.matrix[3][1] 
_pdbx_struct_oper_list.matrix[3][2] 
_pdbx_struct_oper_list.matrix[3][3] 
_pdbx_struct_oper_list.vector[3] 
1 'identity operation'         1_555  x,y,z        1.0000000000  0.0000000000  0.0000000000 0.0000000000  0.0000000000  1.0000000000 0.0000000000  0.0000000000  0.0000000000 0.0000000000  1.0000000000  0.0000000000   
2 'crystal symmetry operation' 10_554 -y,-x,-z-1/6 -0.4673565023 -0.8523566221 0.2346616471 -5.4447434635 -0.8523566221 0.3639738667 -0.3755145978 -9.4979156540 0.2346616471 -0.3755145978 -0.8966173644 -22.1404058352 
# 
loop_
_pdbx_struct_special_symmetry.id 
_pdbx_struct_special_symmetry.PDB_model_num 
_pdbx_struct_special_symmetry.auth_asym_id 
_pdbx_struct_special_symmetry.auth_comp_id 
_pdbx_struct_special_symmetry.auth_seq_id 
_pdbx_struct_special_symmetry.PDB_ins_code 
_pdbx_struct_special_symmetry.label_asym_id 
_pdbx_struct_special_symmetry.label_comp_id 
_pdbx_struct_special_symmetry.label_seq_id 
1 1 A HOH 353 ? B HOH . 
2 1 A HOH 379 ? B HOH . 
3 1 A HOH 397 ? B HOH . 
# 
loop_
_pdbx_audit_revision_history.ordinal 
_pdbx_audit_revision_history.data_content_type 
_pdbx_audit_revision_history.major_revision 
_pdbx_audit_revision_history.minor_revision 
_pdbx_audit_revision_history.revision_date 
1 'Structure model' 1 0 2018-02-21 
2 'Structure model' 1 1 2020-01-08 
3 'Structure model' 1 2 2023-10-04 
# 
_pdbx_audit_revision_details.ordinal             1 
_pdbx_audit_revision_details.revision_ordinal    1 
_pdbx_audit_revision_details.data_content_type   'Structure model' 
_pdbx_audit_revision_details.provider            repository 
_pdbx_audit_revision_details.type                'Initial release' 
_pdbx_audit_revision_details.description         ? 
_pdbx_audit_revision_details.details             ? 
# 
loop_
_pdbx_audit_revision_group.ordinal 
_pdbx_audit_revision_group.revision_ordinal 
_pdbx_audit_revision_group.data_content_type 
_pdbx_audit_revision_group.group 
1 2 'Structure model' 'Author supporting evidence' 
2 3 'Structure model' 'Data collection'            
3 3 'Structure model' 'Database references'        
4 3 'Structure model' 'Refinement description'     
# 
loop_
_pdbx_audit_revision_category.ordinal 
_pdbx_audit_revision_category.revision_ordinal 
_pdbx_audit_revision_category.data_content_type 
_pdbx_audit_revision_category.category 
1 2 'Structure model' pdbx_audit_support            
2 3 'Structure model' chem_comp_atom                
3 3 'Structure model' chem_comp_bond                
4 3 'Structure model' database_2                    
5 3 'Structure model' pdbx_initial_refinement_model 
# 
loop_
_pdbx_audit_revision_item.ordinal 
_pdbx_audit_revision_item.revision_ordinal 
_pdbx_audit_revision_item.data_content_type 
_pdbx_audit_revision_item.item 
1 2 'Structure model' '_pdbx_audit_support.funding_organization' 
2 3 'Structure model' '_database_2.pdbx_DOI'                     
3 3 'Structure model' '_database_2.pdbx_database_accession'      
# 
loop_
_software.citation_id 
_software.classification 
_software.compiler_name 
_software.compiler_version 
_software.contact_author 
_software.contact_author_email 
_software.date 
_software.description 
_software.dependencies 
_software.hardware 
_software.language 
_software.location 
_software.mods 
_software.name 
_software.os 
_software.os_version 
_software.type 
_software.version 
_software.pdbx_ordinal 
? refinement        ? ? ? ? ? ? ? ? ? ? ? PHENIX   ? ? ? '(1.10.1_2155: ???)' 1 
? 'data processing' ? ? ? ? ? ? ? ? ? ? ? iMOSFLM  ? ? ? .                    2 
? phasing           ? ? ? ? ? ? ? ? ? ? ? PHENIX   ? ? ? .                    3 
? 'model building'  ? ? ? ? ? ? ? ? ? ? ? PHENIX   ? ? ? .                    4 
? 'data scaling'    ? ? ? ? ? ? ? ? ? ? ? HKL-2000 ? ? ? .                    5 
# 
loop_
_pdbx_validate_close_contact.id 
_pdbx_validate_close_contact.PDB_model_num 
_pdbx_validate_close_contact.auth_atom_id_1 
_pdbx_validate_close_contact.auth_asym_id_1 
_pdbx_validate_close_contact.auth_comp_id_1 
_pdbx_validate_close_contact.auth_seq_id_1 
_pdbx_validate_close_contact.PDB_ins_code_1 
_pdbx_validate_close_contact.label_alt_id_1 
_pdbx_validate_close_contact.auth_atom_id_2 
_pdbx_validate_close_contact.auth_asym_id_2 
_pdbx_validate_close_contact.auth_comp_id_2 
_pdbx_validate_close_contact.auth_seq_id_2 
_pdbx_validate_close_contact.PDB_ins_code_2 
_pdbx_validate_close_contact.label_alt_id_2 
_pdbx_validate_close_contact.dist 
1 1 O  A HOH 382 ? ? O A HOH 387 ? ? 2.14 
2 1 OH A TYR 154 ? ? O A HOH 301 ? ? 2.14 
3 1 O  A SER 185 ? ? O A HOH 302 ? ? 2.19 
# 
_pdbx_validate_symm_contact.id                1 
_pdbx_validate_symm_contact.PDB_model_num     1 
_pdbx_validate_symm_contact.auth_atom_id_1    O 
_pdbx_validate_symm_contact.auth_asym_id_1    A 
_pdbx_validate_symm_contact.auth_comp_id_1    HOH 
_pdbx_validate_symm_contact.auth_seq_id_1     382 
_pdbx_validate_symm_contact.PDB_ins_code_1    ? 
_pdbx_validate_symm_contact.label_alt_id_1    ? 
_pdbx_validate_symm_contact.site_symmetry_1   1_555 
_pdbx_validate_symm_contact.auth_atom_id_2    O 
_pdbx_validate_symm_contact.auth_asym_id_2    A 
_pdbx_validate_symm_contact.auth_comp_id_2    HOH 
_pdbx_validate_symm_contact.auth_seq_id_2     382 
_pdbx_validate_symm_contact.PDB_ins_code_2    ? 
_pdbx_validate_symm_contact.label_alt_id_2    ? 
_pdbx_validate_symm_contact.site_symmetry_2   10_554 
_pdbx_validate_symm_contact.dist              2.18 
# 
_pdbx_distant_solvent_atoms.id                                1 
_pdbx_distant_solvent_atoms.PDB_model_num                     1 
_pdbx_distant_solvent_atoms.auth_atom_id                      O 
_pdbx_distant_solvent_atoms.label_alt_id                      ? 
_pdbx_distant_solvent_atoms.auth_asym_id                      A 
_pdbx_distant_solvent_atoms.auth_comp_id                      HOH 
_pdbx_distant_solvent_atoms.auth_seq_id                       397 
_pdbx_distant_solvent_atoms.PDB_ins_code                      ? 
_pdbx_distant_solvent_atoms.neighbor_macromolecule_distance   6.03 
_pdbx_distant_solvent_atoms.neighbor_ligand_distance          . 
# 
loop_
_pdbx_unobs_or_zero_occ_atoms.id 
_pdbx_unobs_or_zero_occ_atoms.PDB_model_num 
_pdbx_unobs_or_zero_occ_atoms.polymer_flag 
_pdbx_unobs_or_zero_occ_atoms.occupancy_flag 
_pdbx_unobs_or_zero_occ_atoms.auth_asym_id 
_pdbx_unobs_or_zero_occ_atoms.auth_comp_id 
_pdbx_unobs_or_zero_occ_atoms.auth_seq_id 
_pdbx_unobs_or_zero_occ_atoms.PDB_ins_code 
_pdbx_unobs_or_zero_occ_atoms.auth_atom_id 
_pdbx_unobs_or_zero_occ_atoms.label_alt_id 
_pdbx_unobs_or_zero_occ_atoms.label_asym_id 
_pdbx_unobs_or_zero_occ_atoms.label_comp_id 
_pdbx_unobs_or_zero_occ_atoms.label_seq_id 
_pdbx_unobs_or_zero_occ_atoms.label_atom_id 
1  1 Y 1 A VAL 109 ? CG1 ? A VAL 1  CG1 
2  1 Y 1 A VAL 109 ? CG2 ? A VAL 1  CG2 
3  1 Y 1 A LYS 179 ? CG  ? A LYS 71 CG  
4  1 Y 1 A LYS 179 ? CD  ? A LYS 71 CD  
5  1 Y 1 A LYS 179 ? CE  ? A LYS 71 CE  
6  1 Y 1 A LYS 179 ? NZ  ? A LYS 71 NZ  
7  1 Y 1 A LYS 206 ? CG  ? A LYS 98 CG  
8  1 Y 1 A LYS 206 ? CD  ? A LYS 98 CD  
9  1 Y 1 A LYS 206 ? CE  ? A LYS 98 CE  
10 1 Y 1 A LYS 206 ? NZ  ? A LYS 98 NZ  
# 
loop_
_chem_comp_atom.comp_id 
_chem_comp_atom.atom_id 
_chem_comp_atom.type_symbol 
_chem_comp_atom.pdbx_aromatic_flag 
_chem_comp_atom.pdbx_stereo_config 
_chem_comp_atom.pdbx_ordinal 
ALA N    N N N 1   
ALA CA   C N S 2   
ALA C    C N N 3   
ALA O    O N N 4   
ALA CB   C N N 5   
ALA OXT  O N N 6   
ALA H    H N N 7   
ALA H2   H N N 8   
ALA HA   H N N 9   
ALA HB1  H N N 10  
ALA HB2  H N N 11  
ALA HB3  H N N 12  
ALA HXT  H N N 13  
ARG N    N N N 14  
ARG CA   C N S 15  
ARG C    C N N 16  
ARG O    O N N 17  
ARG CB   C N N 18  
ARG CG   C N N 19  
ARG CD   C N N 20  
ARG NE   N N N 21  
ARG CZ   C N N 22  
ARG NH1  N N N 23  
ARG NH2  N N N 24  
ARG OXT  O N N 25  
ARG H    H N N 26  
ARG H2   H N N 27  
ARG HA   H N N 28  
ARG HB2  H N N 29  
ARG HB3  H N N 30  
ARG HG2  H N N 31  
ARG HG3  H N N 32  
ARG HD2  H N N 33  
ARG HD3  H N N 34  
ARG HE   H N N 35  
ARG HH11 H N N 36  
ARG HH12 H N N 37  
ARG HH21 H N N 38  
ARG HH22 H N N 39  
ARG HXT  H N N 40  
ASN N    N N N 41  
ASN CA   C N S 42  
ASN C    C N N 43  
ASN O    O N N 44  
ASN CB   C N N 45  
ASN CG   C N N 46  
ASN OD1  O N N 47  
ASN ND2  N N N 48  
ASN OXT  O N N 49  
ASN H    H N N 50  
ASN H2   H N N 51  
ASN HA   H N N 52  
ASN HB2  H N N 53  
ASN HB3  H N N 54  
ASN HD21 H N N 55  
ASN HD22 H N N 56  
ASN HXT  H N N 57  
ASP N    N N N 58  
ASP CA   C N S 59  
ASP C    C N N 60  
ASP O    O N N 61  
ASP CB   C N N 62  
ASP CG   C N N 63  
ASP OD1  O N N 64  
ASP OD2  O N N 65  
ASP OXT  O N N 66  
ASP H    H N N 67  
ASP H2   H N N 68  
ASP HA   H N N 69  
ASP HB2  H N N 70  
ASP HB3  H N N 71  
ASP HD2  H N N 72  
ASP HXT  H N N 73  
GLN N    N N N 74  
GLN CA   C N S 75  
GLN C    C N N 76  
GLN O    O N N 77  
GLN CB   C N N 78  
GLN CG   C N N 79  
GLN CD   C N N 80  
GLN OE1  O N N 81  
GLN NE2  N N N 82  
GLN OXT  O N N 83  
GLN H    H N N 84  
GLN H2   H N N 85  
GLN HA   H N N 86  
GLN HB2  H N N 87  
GLN HB3  H N N 88  
GLN HG2  H N N 89  
GLN HG3  H N N 90  
GLN HE21 H N N 91  
GLN HE22 H N N 92  
GLN HXT  H N N 93  
GLU N    N N N 94  
GLU CA   C N S 95  
GLU C    C N N 96  
GLU O    O N N 97  
GLU CB   C N N 98  
GLU CG   C N N 99  
GLU CD   C N N 100 
GLU OE1  O N N 101 
GLU OE2  O N N 102 
GLU OXT  O N N 103 
GLU H    H N N 104 
GLU H2   H N N 105 
GLU HA   H N N 106 
GLU HB2  H N N 107 
GLU HB3  H N N 108 
GLU HG2  H N N 109 
GLU HG3  H N N 110 
GLU HE2  H N N 111 
GLU HXT  H N N 112 
GLY N    N N N 113 
GLY CA   C N N 114 
GLY C    C N N 115 
GLY O    O N N 116 
GLY OXT  O N N 117 
GLY H    H N N 118 
GLY H2   H N N 119 
GLY HA2  H N N 120 
GLY HA3  H N N 121 
GLY HXT  H N N 122 
HIS N    N N N 123 
HIS CA   C N S 124 
HIS C    C N N 125 
HIS O    O N N 126 
HIS CB   C N N 127 
HIS CG   C Y N 128 
HIS ND1  N Y N 129 
HIS CD2  C Y N 130 
HIS CE1  C Y N 131 
HIS NE2  N Y N 132 
HIS OXT  O N N 133 
HIS H    H N N 134 
HIS H2   H N N 135 
HIS HA   H N N 136 
HIS HB2  H N N 137 
HIS HB3  H N N 138 
HIS HD1  H N N 139 
HIS HD2  H N N 140 
HIS HE1  H N N 141 
HIS HE2  H N N 142 
HIS HXT  H N N 143 
HOH O    O N N 144 
HOH H1   H N N 145 
HOH H2   H N N 146 
ILE N    N N N 147 
ILE CA   C N S 148 
ILE C    C N N 149 
ILE O    O N N 150 
ILE CB   C N S 151 
ILE CG1  C N N 152 
ILE CG2  C N N 153 
ILE CD1  C N N 154 
ILE OXT  O N N 155 
ILE H    H N N 156 
ILE H2   H N N 157 
ILE HA   H N N 158 
ILE HB   H N N 159 
ILE HG12 H N N 160 
ILE HG13 H N N 161 
ILE HG21 H N N 162 
ILE HG22 H N N 163 
ILE HG23 H N N 164 
ILE HD11 H N N 165 
ILE HD12 H N N 166 
ILE HD13 H N N 167 
ILE HXT  H N N 168 
LEU N    N N N 169 
LEU CA   C N S 170 
LEU C    C N N 171 
LEU O    O N N 172 
LEU CB   C N N 173 
LEU CG   C N N 174 
LEU CD1  C N N 175 
LEU CD2  C N N 176 
LEU OXT  O N N 177 
LEU H    H N N 178 
LEU H2   H N N 179 
LEU HA   H N N 180 
LEU HB2  H N N 181 
LEU HB3  H N N 182 
LEU HG   H N N 183 
LEU HD11 H N N 184 
LEU HD12 H N N 185 
LEU HD13 H N N 186 
LEU HD21 H N N 187 
LEU HD22 H N N 188 
LEU HD23 H N N 189 
LEU HXT  H N N 190 
LYS N    N N N 191 
LYS CA   C N S 192 
LYS C    C N N 193 
LYS O    O N N 194 
LYS CB   C N N 195 
LYS CG   C N N 196 
LYS CD   C N N 197 
LYS CE   C N N 198 
LYS NZ   N N N 199 
LYS OXT  O N N 200 
LYS H    H N N 201 
LYS H2   H N N 202 
LYS HA   H N N 203 
LYS HB2  H N N 204 
LYS HB3  H N N 205 
LYS HG2  H N N 206 
LYS HG3  H N N 207 
LYS HD2  H N N 208 
LYS HD3  H N N 209 
LYS HE2  H N N 210 
LYS HE3  H N N 211 
LYS HZ1  H N N 212 
LYS HZ2  H N N 213 
LYS HZ3  H N N 214 
LYS HXT  H N N 215 
MET N    N N N 216 
MET CA   C N S 217 
MET C    C N N 218 
MET O    O N N 219 
MET CB   C N N 220 
MET CG   C N N 221 
MET SD   S N N 222 
MET CE   C N N 223 
MET OXT  O N N 224 
MET H    H N N 225 
MET H2   H N N 226 
MET HA   H N N 227 
MET HB2  H N N 228 
MET HB3  H N N 229 
MET HG2  H N N 230 
MET HG3  H N N 231 
MET HE1  H N N 232 
MET HE2  H N N 233 
MET HE3  H N N 234 
MET HXT  H N N 235 
MLY N    N N N 236 
MLY CA   C N S 237 
MLY CB   C N N 238 
MLY CG   C N N 239 
MLY CD   C N N 240 
MLY CE   C N N 241 
MLY NZ   N N N 242 
MLY CH1  C N N 243 
MLY CH2  C N N 244 
MLY C    C N N 245 
MLY O    O N N 246 
MLY OXT  O N N 247 
MLY H    H N N 248 
MLY H2   H N N 249 
MLY HA   H N N 250 
MLY HB2  H N N 251 
MLY HB3  H N N 252 
MLY HG2  H N N 253 
MLY HG3  H N N 254 
MLY HD2  H N N 255 
MLY HD3  H N N 256 
MLY HE2  H N N 257 
MLY HE3  H N N 258 
MLY HH11 H N N 259 
MLY HH12 H N N 260 
MLY HH13 H N N 261 
MLY HH21 H N N 262 
MLY HH22 H N N 263 
MLY HH23 H N N 264 
MLY HXT  H N N 265 
PHE N    N N N 266 
PHE CA   C N S 267 
PHE C    C N N 268 
PHE O    O N N 269 
PHE CB   C N N 270 
PHE CG   C Y N 271 
PHE CD1  C Y N 272 
PHE CD2  C Y N 273 
PHE CE1  C Y N 274 
PHE CE2  C Y N 275 
PHE CZ   C Y N 276 
PHE OXT  O N N 277 
PHE H    H N N 278 
PHE H2   H N N 279 
PHE HA   H N N 280 
PHE HB2  H N N 281 
PHE HB3  H N N 282 
PHE HD1  H N N 283 
PHE HD2  H N N 284 
PHE HE1  H N N 285 
PHE HE2  H N N 286 
PHE HZ   H N N 287 
PHE HXT  H N N 288 
PRO N    N N N 289 
PRO CA   C N S 290 
PRO C    C N N 291 
PRO O    O N N 292 
PRO CB   C N N 293 
PRO CG   C N N 294 
PRO CD   C N N 295 
PRO OXT  O N N 296 
PRO H    H N N 297 
PRO HA   H N N 298 
PRO HB2  H N N 299 
PRO HB3  H N N 300 
PRO HG2  H N N 301 
PRO HG3  H N N 302 
PRO HD2  H N N 303 
PRO HD3  H N N 304 
PRO HXT  H N N 305 
SER N    N N N 306 
SER CA   C N S 307 
SER C    C N N 308 
SER O    O N N 309 
SER CB   C N N 310 
SER OG   O N N 311 
SER OXT  O N N 312 
SER H    H N N 313 
SER H2   H N N 314 
SER HA   H N N 315 
SER HB2  H N N 316 
SER HB3  H N N 317 
SER HG   H N N 318 
SER HXT  H N N 319 
THR N    N N N 320 
THR CA   C N S 321 
THR C    C N N 322 
THR O    O N N 323 
THR CB   C N R 324 
THR OG1  O N N 325 
THR CG2  C N N 326 
THR OXT  O N N 327 
THR H    H N N 328 
THR H2   H N N 329 
THR HA   H N N 330 
THR HB   H N N 331 
THR HG1  H N N 332 
THR HG21 H N N 333 
THR HG22 H N N 334 
THR HG23 H N N 335 
THR HXT  H N N 336 
TYR N    N N N 337 
TYR CA   C N S 338 
TYR C    C N N 339 
TYR O    O N N 340 
TYR CB   C N N 341 
TYR CG   C Y N 342 
TYR CD1  C Y N 343 
TYR CD2  C Y N 344 
TYR CE1  C Y N 345 
TYR CE2  C Y N 346 
TYR CZ   C Y N 347 
TYR OH   O N N 348 
TYR OXT  O N N 349 
TYR H    H N N 350 
TYR H2   H N N 351 
TYR HA   H N N 352 
TYR HB2  H N N 353 
TYR HB3  H N N 354 
TYR HD1  H N N 355 
TYR HD2  H N N 356 
TYR HE1  H N N 357 
TYR HE2  H N N 358 
TYR HH   H N N 359 
TYR HXT  H N N 360 
VAL N    N N N 361 
VAL CA   C N S 362 
VAL C    C N N 363 
VAL O    O N N 364 
VAL CB   C N N 365 
VAL CG1  C N N 366 
VAL CG2  C N N 367 
VAL OXT  O N N 368 
VAL H    H N N 369 
VAL H2   H N N 370 
VAL HA   H N N 371 
VAL HB   H N N 372 
VAL HG11 H N N 373 
VAL HG12 H N N 374 
VAL HG13 H N N 375 
VAL HG21 H N N 376 
VAL HG22 H N N 377 
VAL HG23 H N N 378 
VAL HXT  H N N 379 
# 
loop_
_chem_comp_bond.comp_id 
_chem_comp_bond.atom_id_1 
_chem_comp_bond.atom_id_2 
_chem_comp_bond.value_order 
_chem_comp_bond.pdbx_aromatic_flag 
_chem_comp_bond.pdbx_stereo_config 
_chem_comp_bond.pdbx_ordinal 
ALA N   CA   sing N N 1   
ALA N   H    sing N N 2   
ALA N   H2   sing N N 3   
ALA CA  C    sing N N 4   
ALA CA  CB   sing N N 5   
ALA CA  HA   sing N N 6   
ALA C   O    doub N N 7   
ALA C   OXT  sing N N 8   
ALA CB  HB1  sing N N 9   
ALA CB  HB2  sing N N 10  
ALA CB  HB3  sing N N 11  
ALA OXT HXT  sing N N 12  
ARG N   CA   sing N N 13  
ARG N   H    sing N N 14  
ARG N   H2   sing N N 15  
ARG CA  C    sing N N 16  
ARG CA  CB   sing N N 17  
ARG CA  HA   sing N N 18  
ARG C   O    doub N N 19  
ARG C   OXT  sing N N 20  
ARG CB  CG   sing N N 21  
ARG CB  HB2  sing N N 22  
ARG CB  HB3  sing N N 23  
ARG CG  CD   sing N N 24  
ARG CG  HG2  sing N N 25  
ARG CG  HG3  sing N N 26  
ARG CD  NE   sing N N 27  
ARG CD  HD2  sing N N 28  
ARG CD  HD3  sing N N 29  
ARG NE  CZ   sing N N 30  
ARG NE  HE   sing N N 31  
ARG CZ  NH1  sing N N 32  
ARG CZ  NH2  doub N N 33  
ARG NH1 HH11 sing N N 34  
ARG NH1 HH12 sing N N 35  
ARG NH2 HH21 sing N N 36  
ARG NH2 HH22 sing N N 37  
ARG OXT HXT  sing N N 38  
ASN N   CA   sing N N 39  
ASN N   H    sing N N 40  
ASN N   H2   sing N N 41  
ASN CA  C    sing N N 42  
ASN CA  CB   sing N N 43  
ASN CA  HA   sing N N 44  
ASN C   O    doub N N 45  
ASN C   OXT  sing N N 46  
ASN CB  CG   sing N N 47  
ASN CB  HB2  sing N N 48  
ASN CB  HB3  sing N N 49  
ASN CG  OD1  doub N N 50  
ASN CG  ND2  sing N N 51  
ASN ND2 HD21 sing N N 52  
ASN ND2 HD22 sing N N 53  
ASN OXT HXT  sing N N 54  
ASP N   CA   sing N N 55  
ASP N   H    sing N N 56  
ASP N   H2   sing N N 57  
ASP CA  C    sing N N 58  
ASP CA  CB   sing N N 59  
ASP CA  HA   sing N N 60  
ASP C   O    doub N N 61  
ASP C   OXT  sing N N 62  
ASP CB  CG   sing N N 63  
ASP CB  HB2  sing N N 64  
ASP CB  HB3  sing N N 65  
ASP CG  OD1  doub N N 66  
ASP CG  OD2  sing N N 67  
ASP OD2 HD2  sing N N 68  
ASP OXT HXT  sing N N 69  
GLN N   CA   sing N N 70  
GLN N   H    sing N N 71  
GLN N   H2   sing N N 72  
GLN CA  C    sing N N 73  
GLN CA  CB   sing N N 74  
GLN CA  HA   sing N N 75  
GLN C   O    doub N N 76  
GLN C   OXT  sing N N 77  
GLN CB  CG   sing N N 78  
GLN CB  HB2  sing N N 79  
GLN CB  HB3  sing N N 80  
GLN CG  CD   sing N N 81  
GLN CG  HG2  sing N N 82  
GLN CG  HG3  sing N N 83  
GLN CD  OE1  doub N N 84  
GLN CD  NE2  sing N N 85  
GLN NE2 HE21 sing N N 86  
GLN NE2 HE22 sing N N 87  
GLN OXT HXT  sing N N 88  
GLU N   CA   sing N N 89  
GLU N   H    sing N N 90  
GLU N   H2   sing N N 91  
GLU CA  C    sing N N 92  
GLU CA  CB   sing N N 93  
GLU CA  HA   sing N N 94  
GLU C   O    doub N N 95  
GLU C   OXT  sing N N 96  
GLU CB  CG   sing N N 97  
GLU CB  HB2  sing N N 98  
GLU CB  HB3  sing N N 99  
GLU CG  CD   sing N N 100 
GLU CG  HG2  sing N N 101 
GLU CG  HG3  sing N N 102 
GLU CD  OE1  doub N N 103 
GLU CD  OE2  sing N N 104 
GLU OE2 HE2  sing N N 105 
GLU OXT HXT  sing N N 106 
GLY N   CA   sing N N 107 
GLY N   H    sing N N 108 
GLY N   H2   sing N N 109 
GLY CA  C    sing N N 110 
GLY CA  HA2  sing N N 111 
GLY CA  HA3  sing N N 112 
GLY C   O    doub N N 113 
GLY C   OXT  sing N N 114 
GLY OXT HXT  sing N N 115 
HIS N   CA   sing N N 116 
HIS N   H    sing N N 117 
HIS N   H2   sing N N 118 
HIS CA  C    sing N N 119 
HIS CA  CB   sing N N 120 
HIS CA  HA   sing N N 121 
HIS C   O    doub N N 122 
HIS C   OXT  sing N N 123 
HIS CB  CG   sing N N 124 
HIS CB  HB2  sing N N 125 
HIS CB  HB3  sing N N 126 
HIS CG  ND1  sing Y N 127 
HIS CG  CD2  doub Y N 128 
HIS ND1 CE1  doub Y N 129 
HIS ND1 HD1  sing N N 130 
HIS CD2 NE2  sing Y N 131 
HIS CD2 HD2  sing N N 132 
HIS CE1 NE2  sing Y N 133 
HIS CE1 HE1  sing N N 134 
HIS NE2 HE2  sing N N 135 
HIS OXT HXT  sing N N 136 
HOH O   H1   sing N N 137 
HOH O   H2   sing N N 138 
ILE N   CA   sing N N 139 
ILE N   H    sing N N 140 
ILE N   H2   sing N N 141 
ILE CA  C    sing N N 142 
ILE CA  CB   sing N N 143 
ILE CA  HA   sing N N 144 
ILE C   O    doub N N 145 
ILE C   OXT  sing N N 146 
ILE CB  CG1  sing N N 147 
ILE CB  CG2  sing N N 148 
ILE CB  HB   sing N N 149 
ILE CG1 CD1  sing N N 150 
ILE CG1 HG12 sing N N 151 
ILE CG1 HG13 sing N N 152 
ILE CG2 HG21 sing N N 153 
ILE CG2 HG22 sing N N 154 
ILE CG2 HG23 sing N N 155 
ILE CD1 HD11 sing N N 156 
ILE CD1 HD12 sing N N 157 
ILE CD1 HD13 sing N N 158 
ILE OXT HXT  sing N N 159 
LEU N   CA   sing N N 160 
LEU N   H    sing N N 161 
LEU N   H2   sing N N 162 
LEU CA  C    sing N N 163 
LEU CA  CB   sing N N 164 
LEU CA  HA   sing N N 165 
LEU C   O    doub N N 166 
LEU C   OXT  sing N N 167 
LEU CB  CG   sing N N 168 
LEU CB  HB2  sing N N 169 
LEU CB  HB3  sing N N 170 
LEU CG  CD1  sing N N 171 
LEU CG  CD2  sing N N 172 
LEU CG  HG   sing N N 173 
LEU CD1 HD11 sing N N 174 
LEU CD1 HD12 sing N N 175 
LEU CD1 HD13 sing N N 176 
LEU CD2 HD21 sing N N 177 
LEU CD2 HD22 sing N N 178 
LEU CD2 HD23 sing N N 179 
LEU OXT HXT  sing N N 180 
LYS N   CA   sing N N 181 
LYS N   H    sing N N 182 
LYS N   H2   sing N N 183 
LYS CA  C    sing N N 184 
LYS CA  CB   sing N N 185 
LYS CA  HA   sing N N 186 
LYS C   O    doub N N 187 
LYS C   OXT  sing N N 188 
LYS CB  CG   sing N N 189 
LYS CB  HB2  sing N N 190 
LYS CB  HB3  sing N N 191 
LYS CG  CD   sing N N 192 
LYS CG  HG2  sing N N 193 
LYS CG  HG3  sing N N 194 
LYS CD  CE   sing N N 195 
LYS CD  HD2  sing N N 196 
LYS CD  HD3  sing N N 197 
LYS CE  NZ   sing N N 198 
LYS CE  HE2  sing N N 199 
LYS CE  HE3  sing N N 200 
LYS NZ  HZ1  sing N N 201 
LYS NZ  HZ2  sing N N 202 
LYS NZ  HZ3  sing N N 203 
LYS OXT HXT  sing N N 204 
MET N   CA   sing N N 205 
MET N   H    sing N N 206 
MET N   H2   sing N N 207 
MET CA  C    sing N N 208 
MET CA  CB   sing N N 209 
MET CA  HA   sing N N 210 
MET C   O    doub N N 211 
MET C   OXT  sing N N 212 
MET CB  CG   sing N N 213 
MET CB  HB2  sing N N 214 
MET CB  HB3  sing N N 215 
MET CG  SD   sing N N 216 
MET CG  HG2  sing N N 217 
MET CG  HG3  sing N N 218 
MET SD  CE   sing N N 219 
MET CE  HE1  sing N N 220 
MET CE  HE2  sing N N 221 
MET CE  HE3  sing N N 222 
MET OXT HXT  sing N N 223 
MLY N   CA   sing N N 224 
MLY N   H    sing N N 225 
MLY N   H2   sing N N 226 
MLY CA  CB   sing N N 227 
MLY CA  C    sing N N 228 
MLY CA  HA   sing N N 229 
MLY CB  CG   sing N N 230 
MLY CB  HB2  sing N N 231 
MLY CB  HB3  sing N N 232 
MLY CG  CD   sing N N 233 
MLY CG  HG2  sing N N 234 
MLY CG  HG3  sing N N 235 
MLY CD  CE   sing N N 236 
MLY CD  HD2  sing N N 237 
MLY CD  HD3  sing N N 238 
MLY CE  NZ   sing N N 239 
MLY CE  HE2  sing N N 240 
MLY CE  HE3  sing N N 241 
MLY NZ  CH1  sing N N 242 
MLY NZ  CH2  sing N N 243 
MLY CH1 HH11 sing N N 244 
MLY CH1 HH12 sing N N 245 
MLY CH1 HH13 sing N N 246 
MLY CH2 HH21 sing N N 247 
MLY CH2 HH22 sing N N 248 
MLY CH2 HH23 sing N N 249 
MLY C   O    doub N N 250 
MLY C   OXT  sing N N 251 
MLY OXT HXT  sing N N 252 
PHE N   CA   sing N N 253 
PHE N   H    sing N N 254 
PHE N   H2   sing N N 255 
PHE CA  C    sing N N 256 
PHE CA  CB   sing N N 257 
PHE CA  HA   sing N N 258 
PHE C   O    doub N N 259 
PHE C   OXT  sing N N 260 
PHE CB  CG   sing N N 261 
PHE CB  HB2  sing N N 262 
PHE CB  HB3  sing N N 263 
PHE CG  CD1  doub Y N 264 
PHE CG  CD2  sing Y N 265 
PHE CD1 CE1  sing Y N 266 
PHE CD1 HD1  sing N N 267 
PHE CD2 CE2  doub Y N 268 
PHE CD2 HD2  sing N N 269 
PHE CE1 CZ   doub Y N 270 
PHE CE1 HE1  sing N N 271 
PHE CE2 CZ   sing Y N 272 
PHE CE2 HE2  sing N N 273 
PHE CZ  HZ   sing N N 274 
PHE OXT HXT  sing N N 275 
PRO N   CA   sing N N 276 
PRO N   CD   sing N N 277 
PRO N   H    sing N N 278 
PRO CA  C    sing N N 279 
PRO CA  CB   sing N N 280 
PRO CA  HA   sing N N 281 
PRO C   O    doub N N 282 
PRO C   OXT  sing N N 283 
PRO CB  CG   sing N N 284 
PRO CB  HB2  sing N N 285 
PRO CB  HB3  sing N N 286 
PRO CG  CD   sing N N 287 
PRO CG  HG2  sing N N 288 
PRO CG  HG3  sing N N 289 
PRO CD  HD2  sing N N 290 
PRO CD  HD3  sing N N 291 
PRO OXT HXT  sing N N 292 
SER N   CA   sing N N 293 
SER N   H    sing N N 294 
SER N   H2   sing N N 295 
SER CA  C    sing N N 296 
SER CA  CB   sing N N 297 
SER CA  HA   sing N N 298 
SER C   O    doub N N 299 
SER C   OXT  sing N N 300 
SER CB  OG   sing N N 301 
SER CB  HB2  sing N N 302 
SER CB  HB3  sing N N 303 
SER OG  HG   sing N N 304 
SER OXT HXT  sing N N 305 
THR N   CA   sing N N 306 
THR N   H    sing N N 307 
THR N   H2   sing N N 308 
THR CA  C    sing N N 309 
THR CA  CB   sing N N 310 
THR CA  HA   sing N N 311 
THR C   O    doub N N 312 
THR C   OXT  sing N N 313 
THR CB  OG1  sing N N 314 
THR CB  CG2  sing N N 315 
THR CB  HB   sing N N 316 
THR OG1 HG1  sing N N 317 
THR CG2 HG21 sing N N 318 
THR CG2 HG22 sing N N 319 
THR CG2 HG23 sing N N 320 
THR OXT HXT  sing N N 321 
TYR N   CA   sing N N 322 
TYR N   H    sing N N 323 
TYR N   H2   sing N N 324 
TYR CA  C    sing N N 325 
TYR CA  CB   sing N N 326 
TYR CA  HA   sing N N 327 
TYR C   O    doub N N 328 
TYR C   OXT  sing N N 329 
TYR CB  CG   sing N N 330 
TYR CB  HB2  sing N N 331 
TYR CB  HB3  sing N N 332 
TYR CG  CD1  doub Y N 333 
TYR CG  CD2  sing Y N 334 
TYR CD1 CE1  sing Y N 335 
TYR CD1 HD1  sing N N 336 
TYR CD2 CE2  doub Y N 337 
TYR CD2 HD2  sing N N 338 
TYR CE1 CZ   doub Y N 339 
TYR CE1 HE1  sing N N 340 
TYR CE2 CZ   sing Y N 341 
TYR CE2 HE2  sing N N 342 
TYR CZ  OH   sing N N 343 
TYR OH  HH   sing N N 344 
TYR OXT HXT  sing N N 345 
VAL N   CA   sing N N 346 
VAL N   H    sing N N 347 
VAL N   H2   sing N N 348 
VAL CA  C    sing N N 349 
VAL CA  CB   sing N N 350 
VAL CA  HA   sing N N 351 
VAL C   O    doub N N 352 
VAL C   OXT  sing N N 353 
VAL CB  CG1  sing N N 354 
VAL CB  CG2  sing N N 355 
VAL CB  HB   sing N N 356 
VAL CG1 HG11 sing N N 357 
VAL CG1 HG12 sing N N 358 
VAL CG1 HG13 sing N N 359 
VAL CG2 HG21 sing N N 360 
VAL CG2 HG22 sing N N 361 
VAL CG2 HG23 sing N N 362 
VAL OXT HXT  sing N N 363 
# 
_pdbx_audit_support.funding_organization   'Canadian Institutes of Health Research (CIHR)' 
_pdbx_audit_support.country                Canada 
_pdbx_audit_support.grant_number           MOP-93585 
_pdbx_audit_support.ordinal                1 
# 
_pdbx_entity_nonpoly.entity_id   2 
_pdbx_entity_nonpoly.name        water 
_pdbx_entity_nonpoly.comp_id     HOH 
# 
_pdbx_initial_refinement_model.id               1 
_pdbx_initial_refinement_model.entity_id_list   ? 
_pdbx_initial_refinement_model.type             'experimental model' 
_pdbx_initial_refinement_model.source_name      PDB 
_pdbx_initial_refinement_model.accession_code   2RJZ 
_pdbx_initial_refinement_model.details          ? 
# 
